data_8U15
#
_entry.id   8U15
#
_cell.length_a   110.729
_cell.length_b   95.727
_cell.length_c   150.947
_cell.angle_alpha   90.00
_cell.angle_beta   91.72
_cell.angle_gamma   90.00
#
_symmetry.space_group_name_H-M   'P 1 21 1'
#
loop_
_entity.id
_entity.type
_entity.pdbx_description
1 polymer 'Protein cereblon'
2 polymer DDB1
3 polymer 'Sal-like protein 4'
4 non-polymer 'ZINC ION'
5 non-polymer (3S)-3-[4-({4-[(morpholin-4-yl)methyl]phenyl}methoxy)-1-oxo-1,3-dihydro-2H-isoindol-2-yl]piperidine-2,6-dione
6 non-polymer 'SULFATE ION'
7 water water
#
loop_
_entity_poly.entity_id
_entity_poly.type
_entity_poly.pdbx_seq_one_letter_code
_entity_poly.pdbx_strand_id
1 'polypeptide(L)'
;RTLHDDDSCQVIPVLPQVMMILIPGQTLPLQLFHPQEVSMVRNLIQKDRTFAVLAYSNVQEREAQFGTTAEIYAYREEQD
FGIEIVKVKAIGRQRFKVLELRTQSDGIQQAKVQILPECVLPSTMSAVQLESLNKCQIFPSKPVSREDQCSYKWWQKYQK
RKFHCANLTSWPRWLYSLYDAETLMDRIKKQLREWDENLKDDSLPSNPIDFSYRVAACLPIDDVLRIQLLKIGSAIQRLR
CELDIMNKCTSLCCKQCQETEITTKNEIFSLSLCGPMAAYVNPHGYVHETLTVYKACNLNLIGRPSTEHSWFPGYAWTVA
QCKICASHIGWKFTATKKDMSPQKFWGLTRSALLPTIPDTEDEISPDKVILCL
;
A,D
2 'polypeptide(L)'
;MSYNYVVTAQKPTAVNGCVTGHFTSAEDLNLLIAKNTRLEIYVVTAEGLRPVKEVGMYGKIAVMELFRPKGESKDLLFIL
TAKYNACILEYKQSGESIDIITRAHGNVQDRIGRPSETGIIGIIDPECRMIGLRLYDGLFKVIPLDRDNKELKAFNIRLE
ELHVIDVKFLYGCQAPTICFVYQDPQGRHVKTYEVSLREKEFNKGPWKQENVEAEASMVIAVPEPFGGAIIIGQESITYH
NGDKYLAIAPPIIKQSTIVCHNRVDPNGSRYLLGDMEGRLFMLLLEKEEQMDGTVTLKDLRVELLGETSIAECLTYLDNG
VVFVGSRLGDSQLVKLNVDSNEQGSYVVAMETFTNLGPIVDMCVVDLERQGQGQLVTCSGAFKEGSLRIIRNGIGGNGNS
GEIQKLHIRTVPLYESPRKICYQEVSQCFGVLSSRIEVQDTSGGTTALRPSASTQALSSSVSSSKLFSSSTAPHETSFGE
EVEVHNLLIIDQHTFEVLHAHQFLQNEYALSLVSCKLGKDPNTYFIVGTAMVYPEEAEPKQGRIVVFQYSDGKLQTVAEK
EVKGAVYSMVEFNGKLLASINSTVRLYEWTTEKELRTECNHYNNIMALYLKTKGDFILVGDLMRSVLLLAYKPMEGNFEE
IARDFNPNWMSAVEILDDDNFLGAENAFNLFVCQKDSAATTDEERQHLQEVGLFHLGEFVNVFCHGSLVMQNLGETSTPT
QGSVLFGTVNGMIGLVTSLSESWYNLLLDMQNRLNKVIKSVGKIEHSFWRSFHTERKTEPATGFIDGDLIESFLDISRPK
MQEVVANLQYDDGSGMKREATADDLIKVVEELTRIH
;
B,E
3 'polypeptide(L)' SLYKHKCKYCSKVFGTDSSLQIHLRSHTGERPFVCSVCGHRFTTKGNLKVHFHRH C,F
#
loop_
_chem_comp.id
_chem_comp.type
_chem_comp.name
_chem_comp.formula
8W7 non-polymer (3S)-3-[4-({4-[(morpholin-4-yl)methyl]phenyl}methoxy)-1-oxo-1,3-dihydro-2H-isoindol-2-yl]piperidine-2,6-dione 'C25 H27 N3 O5'
SO4 non-polymer 'SULFATE ION' 'O4 S -2'
ZN non-polymer 'ZINC ION' 'Zn 2'
#
# COMPACT_ATOMS: atom_id res chain seq x y z
N LEU A 3 20.70 -36.28 14.76
CA LEU A 3 19.56 -35.74 15.50
C LEU A 3 20.02 -34.88 16.66
N HIS A 4 19.76 -33.58 16.56
CA HIS A 4 20.20 -32.64 17.59
C HIS A 4 19.22 -32.65 18.76
N ASP A 5 19.69 -32.12 19.89
CA ASP A 5 18.87 -32.03 21.09
C ASP A 5 17.88 -30.86 20.97
N ASP A 6 16.81 -30.95 21.76
CA ASP A 6 15.80 -29.90 21.75
C ASP A 6 16.34 -28.63 22.39
N ASP A 7 16.06 -27.49 21.75
CA ASP A 7 16.45 -26.17 22.24
C ASP A 7 17.97 -26.00 22.31
N SER A 8 18.71 -26.99 21.83
CA SER A 8 20.16 -26.90 21.80
C SER A 8 20.62 -26.03 20.63
N CYS A 9 21.92 -25.77 20.58
CA CYS A 9 22.51 -24.89 19.59
C CYS A 9 23.50 -25.66 18.72
N GLN A 10 23.48 -25.36 17.42
CA GLN A 10 24.40 -25.97 16.47
C GLN A 10 24.81 -24.94 15.43
N VAL A 11 26.04 -25.08 14.95
CA VAL A 11 26.55 -24.26 13.85
C VAL A 11 26.51 -25.12 12.60
N ILE A 12 25.58 -24.82 11.70
CA ILE A 12 25.26 -25.68 10.57
C ILE A 12 25.51 -24.91 9.28
N PRO A 13 26.18 -25.50 8.30
CA PRO A 13 26.44 -24.77 7.04
C PRO A 13 25.16 -24.59 6.23
N VAL A 14 25.20 -23.61 5.32
CA VAL A 14 24.07 -23.24 4.49
C VAL A 14 24.52 -23.20 3.03
N LEU A 15 23.68 -23.74 2.15
CA LEU A 15 23.90 -23.58 0.71
C LEU A 15 23.40 -22.22 0.26
N PRO A 16 24.25 -21.37 -0.32
CA PRO A 16 23.80 -20.01 -0.66
C PRO A 16 22.87 -19.93 -1.86
N GLN A 17 22.65 -21.03 -2.57
CA GLN A 17 21.76 -21.05 -3.72
C GLN A 17 20.56 -21.96 -3.50
N VAL A 18 20.10 -22.08 -2.26
CA VAL A 18 18.93 -22.87 -1.93
C VAL A 18 17.83 -21.95 -1.40
N MET A 19 17.04 -21.39 -2.32
CA MET A 19 15.94 -20.50 -1.97
C MET A 19 14.65 -21.33 -1.98
N MET A 20 14.23 -21.75 -0.80
CA MET A 20 13.12 -22.70 -0.68
C MET A 20 12.71 -22.81 0.78
N ILE A 21 11.41 -22.99 1.01
CA ILE A 21 10.88 -23.36 2.31
C ILE A 21 10.81 -24.88 2.38
N LEU A 22 11.61 -25.47 3.27
CA LEU A 22 11.71 -26.92 3.39
C LEU A 22 10.87 -27.39 4.57
N ILE A 23 9.95 -28.32 4.31
CA ILE A 23 9.16 -28.94 5.35
C ILE A 23 9.97 -30.10 5.91
N PRO A 24 9.90 -30.38 7.22
CA PRO A 24 10.48 -31.63 7.73
C PRO A 24 9.86 -32.84 7.03
N GLY A 25 10.72 -33.75 6.58
CA GLY A 25 10.30 -34.91 5.82
C GLY A 25 10.21 -34.67 4.33
N GLN A 26 10.11 -33.42 3.89
CA GLN A 26 10.02 -33.12 2.47
C GLN A 26 11.38 -33.29 1.80
N THR A 27 11.36 -33.78 0.56
CA THR A 27 12.57 -34.05 -0.20
C THR A 27 13.07 -32.78 -0.89
N LEU A 28 14.36 -32.52 -0.78
CA LEU A 28 14.99 -31.37 -1.45
C LEU A 28 15.98 -31.86 -2.49
N PRO A 29 15.72 -31.65 -3.78
CA PRO A 29 16.67 -32.08 -4.82
C PRO A 29 17.65 -30.97 -5.19
N LEU A 30 18.94 -31.31 -5.24
CA LEU A 30 19.98 -30.33 -5.51
C LEU A 30 20.85 -30.81 -6.67
N GLN A 31 21.50 -29.83 -7.33
CA GLN A 31 22.39 -30.12 -8.45
C GLN A 31 23.45 -29.02 -8.46
N LEU A 32 24.65 -29.35 -7.99
CA LEU A 32 25.70 -28.37 -7.75
C LEU A 32 26.79 -28.47 -8.80
N PHE A 33 27.22 -27.30 -9.30
CA PHE A 33 28.31 -27.19 -10.27
C PHE A 33 29.59 -26.69 -9.63
N HIS A 34 29.48 -25.75 -8.69
CA HIS A 34 30.64 -25.03 -8.20
C HIS A 34 31.48 -25.91 -7.29
N PRO A 35 32.81 -25.75 -7.32
CA PRO A 35 33.67 -26.62 -6.48
C PRO A 35 33.44 -26.46 -4.99
N GLN A 36 33.24 -25.22 -4.52
CA GLN A 36 33.01 -25.01 -3.09
C GLN A 36 31.71 -25.67 -2.64
N GLU A 37 30.69 -25.66 -3.51
CA GLU A 37 29.44 -26.33 -3.17
C GLU A 37 29.62 -27.85 -3.23
N VAL A 38 30.38 -28.35 -4.20
CA VAL A 38 30.55 -29.79 -4.36
C VAL A 38 31.34 -30.37 -3.21
N SER A 39 32.51 -29.80 -2.92
CA SER A 39 33.35 -30.32 -1.85
C SER A 39 32.66 -30.23 -0.50
N MET A 40 31.76 -29.26 -0.33
CA MET A 40 31.03 -29.14 0.93
C MET A 40 30.03 -30.28 1.09
N VAL A 41 29.39 -30.70 -0.01
CA VAL A 41 28.49 -31.86 0.02
C VAL A 41 29.25 -33.11 0.43
N ARG A 42 30.44 -33.32 -0.15
CA ARG A 42 31.19 -34.53 0.13
C ARG A 42 31.62 -34.59 1.60
N ASN A 43 32.00 -33.45 2.17
CA ASN A 43 32.44 -33.46 3.57
C ASN A 43 31.28 -33.65 4.52
N LEU A 44 30.08 -33.23 4.14
CA LEU A 44 28.93 -33.54 4.99
C LEU A 44 28.64 -35.04 4.98
N ILE A 45 28.82 -35.69 3.84
CA ILE A 45 28.57 -37.13 3.76
C ILE A 45 29.43 -37.87 4.77
N GLN A 46 30.71 -37.50 4.87
CA GLN A 46 31.61 -38.08 5.88
C GLN A 46 31.52 -37.32 7.20
N LYS A 47 30.30 -37.08 7.67
CA LYS A 47 30.07 -36.37 8.93
C LYS A 47 28.64 -36.56 9.40
N ASP A 48 27.81 -35.53 9.22
CA ASP A 48 26.41 -35.57 9.63
C ASP A 48 25.44 -35.49 8.48
N ARG A 49 25.88 -35.16 7.27
CA ARG A 49 25.04 -34.96 6.09
C ARG A 49 23.98 -33.88 6.32
N THR A 50 24.16 -33.05 7.34
CA THR A 50 23.15 -32.08 7.77
C THR A 50 23.62 -30.68 7.42
N PHE A 51 22.88 -30.02 6.53
CA PHE A 51 23.06 -28.60 6.26
C PHE A 51 21.74 -27.88 6.53
N ALA A 52 21.78 -26.56 6.44
CA ALA A 52 20.64 -25.71 6.79
C ALA A 52 20.01 -25.14 5.53
N VAL A 53 18.68 -25.24 5.44
CA VAL A 53 17.89 -24.58 4.41
C VAL A 53 17.13 -23.46 5.09
N LEU A 54 17.46 -22.22 4.76
CA LEU A 54 16.90 -21.08 5.47
C LEU A 54 15.54 -20.70 4.90
N ALA A 55 14.74 -20.04 5.73
CA ALA A 55 13.36 -19.72 5.42
C ALA A 55 13.23 -18.22 5.18
N TYR A 56 13.07 -17.83 3.92
CA TYR A 56 12.86 -16.42 3.57
C TYR A 56 11.38 -16.13 3.36
N ARG A 62 16.94 -10.43 1.56
CA ARG A 62 17.07 -11.86 1.85
C ARG A 62 17.31 -12.11 3.33
N GLU A 63 16.29 -11.83 4.15
CA GLU A 63 16.37 -11.98 5.60
C GLU A 63 15.56 -13.20 6.01
N ALA A 64 16.24 -14.19 6.59
CA ALA A 64 15.61 -15.41 7.07
C ALA A 64 15.48 -15.37 8.59
N GLN A 65 14.35 -15.87 9.09
CA GLN A 65 14.09 -15.91 10.52
C GLN A 65 14.01 -17.32 11.08
N PHE A 66 13.51 -18.28 10.32
CA PHE A 66 13.42 -19.67 10.76
C PHE A 66 14.09 -20.53 9.68
N GLY A 67 13.80 -21.82 9.72
CA GLY A 67 14.36 -22.73 8.73
C GLY A 67 14.32 -24.16 9.22
N THR A 68 14.84 -25.05 8.37
CA THR A 68 14.84 -26.48 8.65
C THR A 68 16.16 -27.09 8.21
N THR A 69 16.67 -28.02 9.01
CA THR A 69 17.86 -28.76 8.64
C THR A 69 17.52 -29.83 7.61
N ALA A 70 18.47 -30.09 6.71
CA ALA A 70 18.30 -31.06 5.64
C ALA A 70 19.38 -32.13 5.75
N GLU A 71 18.98 -33.39 5.62
CA GLU A 71 19.91 -34.51 5.69
C GLU A 71 20.04 -35.13 4.30
N ILE A 72 21.28 -35.31 3.85
CA ILE A 72 21.56 -35.86 2.54
C ILE A 72 21.37 -37.37 2.58
N TYR A 73 20.47 -37.87 1.73
CA TYR A 73 20.22 -39.31 1.65
C TYR A 73 20.58 -39.91 0.29
N ALA A 74 21.02 -39.10 -0.67
CA ALA A 74 21.39 -39.60 -1.98
C ALA A 74 22.49 -38.72 -2.57
N TYR A 75 23.33 -39.33 -3.40
CA TYR A 75 24.46 -38.63 -3.99
C TYR A 75 24.85 -39.32 -5.29
N ARG A 76 24.99 -38.53 -6.35
CA ARG A 76 25.42 -39.06 -7.65
C ARG A 76 26.44 -38.11 -8.26
N GLU A 77 27.28 -38.66 -9.13
CA GLU A 77 28.37 -37.92 -9.74
C GLU A 77 28.36 -38.14 -11.25
N GLU A 78 28.40 -37.03 -11.99
CA GLU A 78 28.48 -37.07 -13.45
C GLU A 78 29.62 -36.16 -13.89
N GLN A 79 30.50 -36.69 -14.74
CA GLN A 79 31.66 -35.93 -15.20
C GLN A 79 31.52 -35.56 -16.67
N ASP A 80 30.37 -35.02 -17.05
CA ASP A 80 30.06 -34.76 -18.45
C ASP A 80 30.55 -33.38 -18.88
N PHE A 81 31.08 -33.32 -20.10
CA PHE A 81 31.48 -32.06 -20.74
C PHE A 81 32.54 -31.32 -19.92
N GLY A 82 33.44 -32.08 -19.32
CA GLY A 82 34.51 -31.49 -18.53
C GLY A 82 34.10 -30.81 -17.26
N ILE A 83 32.80 -30.80 -16.93
CA ILE A 83 32.29 -30.20 -15.71
C ILE A 83 31.74 -31.31 -14.84
N GLU A 84 32.19 -31.36 -13.58
CA GLU A 84 31.77 -32.39 -12.64
C GLU A 84 30.40 -32.02 -12.09
N ILE A 85 29.38 -32.79 -12.46
CA ILE A 85 28.01 -32.56 -12.00
C ILE A 85 27.76 -33.43 -10.77
N VAL A 86 27.26 -32.80 -9.71
CA VAL A 86 26.93 -33.49 -8.46
C VAL A 86 25.46 -33.23 -8.18
N LYS A 87 24.65 -34.29 -8.25
CA LYS A 87 23.24 -34.23 -7.92
C LYS A 87 23.02 -34.89 -6.57
N VAL A 88 22.25 -34.24 -5.70
CA VAL A 88 22.08 -34.67 -4.32
C VAL A 88 20.64 -34.46 -3.90
N LYS A 89 20.04 -35.50 -3.32
CA LYS A 89 18.71 -35.41 -2.72
C LYS A 89 18.83 -35.34 -1.21
N ALA A 90 18.04 -34.46 -0.59
CA ALA A 90 18.03 -34.28 0.85
C ALA A 90 16.60 -34.40 1.35
N ILE A 91 16.45 -34.46 2.67
CA ILE A 91 15.15 -34.55 3.31
C ILE A 91 15.17 -33.65 4.56
N GLY A 92 14.14 -32.82 4.70
CA GLY A 92 14.06 -31.95 5.86
C GLY A 92 13.93 -32.74 7.14
N ARG A 93 14.50 -32.20 8.21
CA ARG A 93 14.53 -32.92 9.48
C ARG A 93 13.97 -32.07 10.62
N GLN A 94 14.78 -31.17 11.18
CA GLN A 94 14.43 -30.44 12.38
C GLN A 94 14.27 -28.95 12.08
N ARG A 95 13.17 -28.37 12.55
CA ARG A 95 12.95 -26.93 12.44
C ARG A 95 13.87 -26.19 13.40
N PHE A 96 14.01 -24.88 13.17
CA PHE A 96 14.88 -24.08 14.02
C PHE A 96 14.57 -22.60 13.86
N LYS A 97 15.20 -21.81 14.72
CA LYS A 97 15.20 -20.35 14.65
C LYS A 97 16.64 -19.88 14.54
N VAL A 98 16.90 -18.97 13.61
CA VAL A 98 18.26 -18.52 13.35
C VAL A 98 18.70 -17.57 14.45
N LEU A 99 19.94 -17.73 14.91
CA LEU A 99 20.54 -16.84 15.90
C LEU A 99 21.56 -15.90 15.30
N GLU A 100 22.38 -16.38 14.37
CA GLU A 100 23.38 -15.54 13.72
C GLU A 100 23.78 -16.18 12.39
N LEU A 101 23.90 -15.34 11.37
CA LEU A 101 24.36 -15.77 10.05
C LEU A 101 25.71 -15.14 9.76
N ARG A 102 26.68 -15.95 9.37
CA ARG A 102 28.06 -15.50 9.21
C ARG A 102 28.61 -16.11 7.93
N THR A 103 28.91 -15.25 6.95
CA THR A 103 29.48 -15.69 5.68
C THR A 103 30.98 -15.90 5.83
N GLN A 104 31.47 -17.06 5.40
CA GLN A 104 32.88 -17.41 5.58
C GLN A 104 33.69 -17.12 4.32
N SER A 105 34.79 -17.86 4.15
CA SER A 105 35.74 -17.56 3.08
C SER A 105 35.09 -17.66 1.70
N ASP A 106 34.61 -18.85 1.35
CA ASP A 106 33.99 -19.05 0.04
C ASP A 106 32.54 -18.60 0.04
N GLY A 107 31.77 -19.01 -0.97
CA GLY A 107 30.40 -18.58 -1.09
C GLY A 107 29.47 -19.13 -0.03
N ILE A 108 29.86 -20.20 0.65
CA ILE A 108 29.04 -20.83 1.67
C ILE A 108 29.06 -19.98 2.93
N GLN A 109 28.13 -20.25 3.86
CA GLN A 109 28.02 -19.49 5.10
C GLN A 109 27.63 -20.43 6.23
N GLN A 110 28.02 -20.03 7.45
CA GLN A 110 27.68 -20.77 8.66
C GLN A 110 26.55 -20.07 9.40
N ALA A 111 25.74 -20.86 10.09
CA ALA A 111 24.56 -20.35 10.80
C ALA A 111 24.53 -20.91 12.20
N LYS A 112 24.67 -20.05 13.20
CA LYS A 112 24.42 -20.43 14.58
C LYS A 112 22.91 -20.51 14.79
N VAL A 113 22.45 -21.65 15.28
CA VAL A 113 21.06 -22.07 15.13
C VAL A 113 20.58 -22.74 16.40
N GLN A 114 19.33 -22.45 16.78
CA GLN A 114 18.68 -23.07 17.94
C GLN A 114 17.56 -23.99 17.45
N ILE A 115 17.63 -25.26 17.84
CA ILE A 115 16.68 -26.25 17.36
C ILE A 115 15.34 -26.08 18.08
N LEU A 116 14.25 -26.01 17.29
CA LEU A 116 12.93 -25.94 17.93
C LEU A 116 12.42 -27.35 18.23
N PRO A 117 11.67 -27.51 19.31
CA PRO A 117 11.09 -28.81 19.63
C PRO A 117 9.71 -29.00 19.02
N GLU A 118 9.44 -30.25 18.62
CA GLU A 118 8.13 -30.62 18.10
C GLU A 118 7.18 -30.76 19.29
N CYS A 119 6.26 -29.81 19.45
CA CYS A 119 5.36 -29.78 20.59
C CYS A 119 4.44 -31.00 20.60
N VAL A 120 4.66 -31.90 21.55
CA VAL A 120 3.86 -33.11 21.71
C VAL A 120 2.86 -32.85 22.83
N LEU A 121 1.58 -32.72 22.47
CA LEU A 121 0.52 -32.47 23.44
C LEU A 121 -0.30 -33.72 23.67
N PRO A 122 -0.76 -33.96 24.89
CA PRO A 122 -1.64 -35.10 25.14
C PRO A 122 -3.03 -34.86 24.62
N SER A 123 -3.93 -35.83 24.79
CA SER A 123 -5.32 -35.62 24.42
C SER A 123 -5.95 -34.57 25.33
N THR A 124 -7.05 -33.99 24.86
CA THR A 124 -7.74 -32.99 25.66
C THR A 124 -8.35 -33.61 26.92
N MET A 125 -8.80 -34.87 26.83
CA MET A 125 -9.39 -35.57 27.96
C MET A 125 -8.35 -36.34 28.78
N SER A 126 -7.06 -36.11 28.53
CA SER A 126 -6.03 -36.75 29.34
C SER A 126 -6.07 -36.26 30.79
N ALA A 127 -6.69 -35.10 31.05
CA ALA A 127 -6.76 -34.55 32.40
C ALA A 127 -8.12 -34.74 33.05
N VAL A 128 -9.18 -34.93 32.27
CA VAL A 128 -10.54 -34.99 32.80
C VAL A 128 -11.10 -36.41 32.85
N GLN A 129 -10.47 -37.37 32.19
CA GLN A 129 -11.00 -38.73 32.14
C GLN A 129 -11.04 -39.34 33.54
N LEU A 130 -12.16 -39.97 33.88
CA LEU A 130 -12.29 -40.66 35.15
C LEU A 130 -11.70 -42.06 35.04
N GLU A 131 -11.04 -42.49 36.13
CA GLU A 131 -10.27 -43.72 36.07
C GLU A 131 -11.16 -44.95 35.89
N SER A 132 -12.42 -44.88 36.32
CA SER A 132 -13.32 -46.02 36.13
C SER A 132 -13.60 -46.25 34.65
N LEU A 133 -13.49 -45.22 33.82
CA LEU A 133 -13.67 -45.34 32.38
C LEU A 133 -12.35 -45.35 31.63
N ASN A 134 -11.21 -45.38 32.34
CA ASN A 134 -9.92 -45.49 31.67
C ASN A 134 -9.81 -46.80 30.90
N LYS A 135 -10.41 -47.88 31.42
CA LYS A 135 -10.31 -49.18 30.78
C LYS A 135 -11.03 -49.23 29.44
N CYS A 136 -11.98 -48.31 29.19
CA CYS A 136 -12.72 -48.27 27.94
C CYS A 136 -12.16 -47.24 26.97
N GLN A 137 -10.97 -46.71 27.22
CA GLN A 137 -10.39 -45.72 26.32
C GLN A 137 -9.84 -46.35 25.05
N ILE A 138 -9.43 -47.61 25.11
CA ILE A 138 -8.98 -48.31 23.91
C ILE A 138 -10.22 -48.86 23.19
N PHE A 139 -10.39 -48.45 21.95
CA PHE A 139 -11.52 -48.91 21.16
C PHE A 139 -11.08 -49.92 20.10
N PRO A 140 -11.96 -50.83 19.69
CA PRO A 140 -11.64 -51.68 18.54
C PRO A 140 -11.40 -50.84 17.29
N SER A 141 -10.39 -51.23 16.52
CA SER A 141 -9.95 -50.41 15.40
C SER A 141 -11.04 -50.28 14.34
N LYS A 142 -10.84 -49.30 13.45
CA LYS A 142 -11.81 -49.01 12.40
C LYS A 142 -11.80 -50.11 11.34
N PRO A 143 -12.93 -50.77 11.07
CA PRO A 143 -13.02 -51.79 10.02
C PRO A 143 -12.87 -51.20 8.63
N SER A 151 -16.70 -46.48 8.17
CA SER A 151 -18.08 -46.00 8.23
C SER A 151 -18.15 -44.63 8.89
N TYR A 152 -19.30 -43.98 8.75
CA TYR A 152 -19.54 -42.69 9.38
C TYR A 152 -20.32 -42.83 10.68
N LYS A 153 -20.76 -44.04 11.02
CA LYS A 153 -21.30 -44.31 12.35
C LYS A 153 -20.21 -44.74 13.33
N TRP A 154 -19.13 -45.33 12.82
CA TRP A 154 -17.97 -45.61 13.67
C TRP A 154 -17.37 -44.33 14.23
N TRP A 155 -17.39 -43.25 13.45
CA TRP A 155 -16.91 -41.97 13.94
C TRP A 155 -17.89 -41.32 14.91
N GLN A 156 -19.19 -41.55 14.72
CA GLN A 156 -20.16 -41.07 15.70
C GLN A 156 -20.07 -41.82 17.02
N LYS A 157 -19.46 -43.01 17.02
CA LYS A 157 -19.18 -43.73 18.25
C LYS A 157 -17.82 -43.38 18.82
N TYR A 158 -16.82 -43.16 17.95
CA TYR A 158 -15.52 -42.70 18.40
C TYR A 158 -15.63 -41.37 19.15
N GLN A 159 -16.44 -40.45 18.61
CA GLN A 159 -16.61 -39.16 19.27
C GLN A 159 -17.34 -39.30 20.60
N LYS A 160 -18.39 -40.14 20.63
CA LYS A 160 -19.13 -40.33 21.87
C LYS A 160 -18.25 -41.00 22.93
N ARG A 161 -17.54 -42.05 22.54
CA ARG A 161 -16.79 -42.84 23.52
C ARG A 161 -15.54 -42.11 24.00
N LYS A 162 -14.75 -41.60 23.06
CA LYS A 162 -13.50 -40.92 23.43
C LYS A 162 -13.77 -39.65 24.22
N PHE A 163 -14.87 -38.96 23.94
CA PHE A 163 -15.14 -37.66 24.54
C PHE A 163 -16.35 -37.69 25.47
N HIS A 164 -16.58 -38.81 26.15
CA HIS A 164 -17.73 -38.90 27.05
C HIS A 164 -17.56 -37.96 28.25
N CYS A 165 -16.35 -37.83 28.76
CA CYS A 165 -16.10 -36.99 29.94
C CYS A 165 -16.21 -35.50 29.65
N ALA A 166 -16.71 -35.10 28.48
CA ALA A 166 -16.94 -33.68 28.22
C ALA A 166 -18.08 -33.13 29.06
N ASN A 167 -18.96 -34.01 29.56
CA ASN A 167 -20.02 -33.59 30.48
C ASN A 167 -19.46 -33.12 31.82
N LEU A 168 -18.16 -33.31 32.04
CA LEU A 168 -17.49 -32.80 33.23
C LEU A 168 -16.86 -31.43 33.02
N THR A 169 -16.81 -30.95 31.79
CA THR A 169 -16.24 -29.65 31.46
C THR A 169 -17.36 -28.72 30.97
N SER A 170 -16.95 -27.59 30.38
CA SER A 170 -17.88 -26.59 29.89
C SER A 170 -18.10 -26.65 28.39
N TRP A 171 -17.59 -27.69 27.72
CA TRP A 171 -17.67 -27.79 26.27
C TRP A 171 -18.20 -29.15 25.86
N PRO A 172 -18.98 -29.21 24.79
CA PRO A 172 -19.55 -30.48 24.32
C PRO A 172 -18.50 -31.33 23.62
N ARG A 173 -18.95 -32.51 23.17
CA ARG A 173 -18.05 -33.42 22.47
C ARG A 173 -17.69 -32.92 21.09
N TRP A 174 -18.65 -32.35 20.37
CA TRP A 174 -18.40 -31.93 19.00
C TRP A 174 -17.37 -30.80 18.90
N LEU A 175 -17.09 -30.11 20.02
CA LEU A 175 -16.02 -29.12 20.03
C LEU A 175 -14.67 -29.78 20.15
N TYR A 176 -14.53 -30.74 21.10
CA TYR A 176 -13.26 -31.42 21.29
C TYR A 176 -12.84 -32.20 20.05
N SER A 177 -13.79 -32.59 19.19
CA SER A 177 -13.43 -33.23 17.94
C SER A 177 -12.68 -32.27 17.03
N LEU A 178 -13.07 -31.00 17.02
CA LEU A 178 -12.38 -29.99 16.21
C LEU A 178 -10.94 -29.77 16.66
N TYR A 179 -10.61 -30.20 17.88
CA TYR A 179 -9.23 -30.19 18.35
C TYR A 179 -8.68 -31.60 18.52
N ASP A 180 -9.43 -32.62 18.14
CA ASP A 180 -8.95 -34.00 18.20
C ASP A 180 -8.05 -34.27 17.02
N ALA A 181 -6.80 -34.65 17.30
CA ALA A 181 -5.84 -34.90 16.22
C ALA A 181 -6.34 -35.99 15.28
N GLU A 182 -6.76 -37.13 15.84
CA GLU A 182 -7.11 -38.28 15.02
C GLU A 182 -8.31 -37.99 14.11
N THR A 183 -9.25 -37.17 14.57
CA THR A 183 -10.41 -36.84 13.74
C THR A 183 -10.05 -35.86 12.63
N LEU A 184 -9.13 -34.93 12.90
CA LEU A 184 -8.76 -33.95 11.89
C LEU A 184 -7.97 -34.57 10.75
N MET A 185 -7.15 -35.58 11.03
CA MET A 185 -6.43 -36.26 9.97
C MET A 185 -7.39 -36.98 9.02
N ASP A 186 -8.45 -37.57 9.56
CA ASP A 186 -9.43 -38.26 8.71
C ASP A 186 -10.18 -37.27 7.83
N ARG A 187 -10.52 -36.09 8.37
CA ARG A 187 -11.19 -35.09 7.57
C ARG A 187 -10.29 -34.56 6.46
N ILE A 188 -8.99 -34.46 6.74
CA ILE A 188 -8.04 -34.06 5.70
C ILE A 188 -7.83 -35.18 4.70
N LYS A 189 -7.84 -36.44 5.18
CA LYS A 189 -7.70 -37.58 4.28
C LYS A 189 -8.82 -37.63 3.25
N LYS A 190 -10.03 -37.24 3.65
CA LYS A 190 -11.17 -37.28 2.74
C LYS A 190 -10.94 -36.44 1.50
N GLN A 191 -10.64 -35.15 1.71
CA GLN A 191 -10.44 -34.25 0.57
C GLN A 191 -9.16 -34.57 -0.19
N LEU A 192 -8.14 -35.07 0.50
CA LEU A 192 -6.90 -35.45 -0.18
C LEU A 192 -7.13 -36.58 -1.16
N ARG A 193 -8.04 -37.50 -0.85
CA ARG A 193 -8.36 -38.59 -1.76
C ARG A 193 -9.16 -38.12 -2.96
N GLU A 194 -9.82 -36.97 -2.87
CA GLU A 194 -10.51 -36.41 -4.02
C GLU A 194 -9.53 -35.86 -5.06
N TRP A 195 -8.27 -35.64 -4.66
CA TRP A 195 -7.23 -35.18 -5.56
C TRP A 195 -6.38 -36.32 -6.09
N ASP A 196 -6.63 -37.56 -5.66
CA ASP A 196 -5.79 -38.69 -6.05
C ASP A 196 -6.58 -39.97 -5.88
N GLU A 197 -6.75 -40.73 -6.95
CA GLU A 197 -7.48 -41.99 -6.91
C GLU A 197 -6.62 -43.17 -6.45
N ASN A 198 -5.54 -42.92 -5.70
CA ASN A 198 -4.66 -44.00 -5.26
C ASN A 198 -4.44 -43.95 -3.76
N LEU A 199 -3.21 -43.63 -3.35
CA LEU A 199 -2.77 -43.44 -1.96
C LEU A 199 -3.37 -44.42 -0.94
N LYS A 200 -4.70 -44.51 -0.89
CA LYS A 200 -5.42 -45.36 0.06
C LYS A 200 -5.22 -44.90 1.50
N ASP A 201 -5.82 -45.62 2.44
CA ASP A 201 -5.78 -45.18 3.84
C ASP A 201 -4.36 -45.15 4.38
N ASP A 202 -3.47 -45.98 3.83
CA ASP A 202 -2.07 -45.96 4.24
C ASP A 202 -1.35 -44.78 3.60
N SER A 203 -0.16 -45.03 3.03
CA SER A 203 0.64 -44.01 2.36
C SER A 203 0.96 -42.83 3.26
N LEU A 204 -0.07 -42.13 3.74
CA LEU A 204 0.13 -41.02 4.66
C LEU A 204 0.40 -41.54 6.06
N PRO A 205 1.32 -40.93 6.79
CA PRO A 205 1.70 -41.44 8.11
C PRO A 205 0.57 -41.27 9.12
N SER A 206 0.63 -42.12 10.16
CA SER A 206 -0.36 -42.08 11.23
C SER A 206 0.01 -41.12 12.35
N ASN A 207 1.29 -40.83 12.53
CA ASN A 207 1.72 -39.85 13.51
C ASN A 207 1.19 -38.47 13.12
N PRO A 208 0.47 -37.77 14.01
CA PRO A 208 -0.05 -36.44 13.64
C PRO A 208 1.05 -35.44 13.32
N ILE A 209 2.20 -35.53 13.99
CA ILE A 209 3.31 -34.63 13.66
C ILE A 209 3.85 -34.94 12.27
N ASP A 210 4.06 -36.22 11.98
CA ASP A 210 4.51 -36.61 10.64
C ASP A 210 3.42 -36.38 9.60
N PHE A 211 2.15 -36.54 9.98
CA PHE A 211 1.06 -36.33 9.04
C PHE A 211 0.92 -34.85 8.68
N SER A 212 1.05 -33.97 9.68
CA SER A 212 0.91 -32.54 9.42
C SER A 212 1.99 -32.03 8.49
N TYR A 213 3.22 -32.53 8.66
CA TYR A 213 4.32 -32.08 7.81
C TYR A 213 4.22 -32.62 6.40
N ARG A 214 3.51 -33.74 6.19
CA ARG A 214 3.32 -34.22 4.83
C ARG A 214 2.27 -33.39 4.09
N VAL A 215 1.16 -33.07 4.75
CA VAL A 215 0.14 -32.23 4.12
C VAL A 215 0.66 -30.81 3.91
N ALA A 216 1.57 -30.35 4.79
CA ALA A 216 2.17 -29.03 4.60
C ALA A 216 2.95 -28.96 3.29
N ALA A 217 3.66 -30.03 2.96
CA ALA A 217 4.41 -30.11 1.72
C ALA A 217 3.57 -30.58 0.54
N CYS A 218 2.35 -31.04 0.78
CA CYS A 218 1.50 -31.55 -0.29
C CYS A 218 0.55 -30.50 -0.84
N LEU A 219 0.11 -29.56 -0.01
CA LEU A 219 -0.87 -28.56 -0.47
C LEU A 219 -0.22 -27.59 -1.44
N PRO A 220 -0.93 -27.18 -2.49
CA PRO A 220 -0.43 -26.12 -3.40
C PRO A 220 -0.60 -24.72 -2.78
N ILE A 221 0.32 -24.37 -1.89
CA ILE A 221 0.26 -23.11 -1.16
C ILE A 221 1.52 -22.32 -1.45
N ASP A 222 1.41 -20.99 -1.30
CA ASP A 222 2.54 -20.11 -1.58
C ASP A 222 3.57 -20.21 -0.46
N ASP A 223 4.62 -19.39 -0.58
CA ASP A 223 5.74 -19.48 0.35
C ASP A 223 5.39 -18.90 1.72
N VAL A 224 4.72 -17.75 1.75
CA VAL A 224 4.38 -17.15 3.04
C VAL A 224 3.37 -18.00 3.81
N LEU A 225 2.61 -18.84 3.12
CA LEU A 225 1.74 -19.79 3.80
C LEU A 225 2.52 -21.00 4.31
N ARG A 226 3.61 -21.36 3.63
CA ARG A 226 4.44 -22.46 4.11
C ARG A 226 5.20 -22.08 5.38
N ILE A 227 5.60 -20.80 5.51
CA ILE A 227 6.29 -20.37 6.72
C ILE A 227 5.35 -20.42 7.91
N GLN A 228 4.09 -20.01 7.73
CA GLN A 228 3.14 -20.02 8.84
C GLN A 228 2.95 -21.44 9.38
N LEU A 229 2.93 -22.43 8.50
CA LEU A 229 2.79 -23.81 8.95
C LEU A 229 4.02 -24.28 9.70
N LEU A 230 5.20 -23.76 9.35
CA LEU A 230 6.41 -24.08 10.11
C LEU A 230 6.35 -23.49 11.50
N LYS A 231 5.97 -22.22 11.61
CA LYS A 231 5.97 -21.52 12.90
C LYS A 231 4.80 -21.90 13.78
N ILE A 232 3.82 -22.64 13.26
CA ILE A 232 2.74 -23.14 14.10
C ILE A 232 3.31 -24.18 15.07
N GLY A 233 3.12 -23.95 16.37
CA GLY A 233 3.72 -24.78 17.39
C GLY A 233 3.22 -26.21 17.41
N SER A 234 2.03 -26.43 17.93
CA SER A 234 1.51 -27.78 18.07
C SER A 234 1.11 -28.36 16.72
N ALA A 235 1.15 -29.69 16.63
CA ALA A 235 0.71 -30.37 15.43
C ALA A 235 -0.80 -30.31 15.27
N ILE A 236 -1.53 -30.24 16.38
CA ILE A 236 -2.98 -30.13 16.30
C ILE A 236 -3.38 -28.80 15.67
N GLN A 237 -2.67 -27.73 15.99
CA GLN A 237 -2.92 -26.45 15.35
C GLN A 237 -2.50 -26.48 13.88
N ARG A 238 -1.41 -27.19 13.56
CA ARG A 238 -0.99 -27.31 12.17
C ARG A 238 -2.00 -28.09 11.35
N LEU A 239 -2.74 -29.00 11.97
CA LEU A 239 -3.77 -29.75 11.25
C LEU A 239 -4.98 -28.87 10.98
N ARG A 240 -5.44 -28.12 11.99
CA ARG A 240 -6.61 -27.27 11.82
C ARG A 240 -6.37 -26.19 10.78
N CYS A 241 -5.18 -25.59 10.79
CA CYS A 241 -4.87 -24.56 9.80
C CYS A 241 -4.78 -25.15 8.40
N GLU A 242 -4.21 -26.34 8.27
CA GLU A 242 -4.14 -27.00 6.97
C GLU A 242 -5.54 -27.30 6.44
N LEU A 243 -6.39 -27.91 7.26
CA LEU A 243 -7.76 -28.18 6.86
C LEU A 243 -8.52 -26.89 6.57
N ASP A 244 -8.14 -25.80 7.21
CA ASP A 244 -8.79 -24.52 6.94
C ASP A 244 -8.42 -24.00 5.56
N ILE A 245 -7.18 -24.22 5.12
CA ILE A 245 -6.75 -23.78 3.80
C ILE A 245 -7.51 -24.54 2.72
N MET A 246 -7.69 -25.85 2.90
CA MET A 246 -8.37 -26.64 1.87
C MET A 246 -9.84 -26.31 1.77
N ASN A 247 -10.47 -25.90 2.87
CA ASN A 247 -11.90 -25.60 2.84
C ASN A 247 -12.21 -24.20 2.36
N LYS A 248 -11.32 -23.24 2.64
CA LYS A 248 -11.57 -21.83 2.32
C LYS A 248 -10.86 -21.39 1.04
N CYS A 249 -9.56 -21.64 0.93
CA CYS A 249 -8.79 -21.23 -0.26
C CYS A 249 -9.08 -22.22 -1.39
N THR A 250 -10.21 -22.00 -2.06
CA THR A 250 -10.65 -22.89 -3.12
C THR A 250 -10.23 -22.43 -4.50
N SER A 251 -9.79 -21.18 -4.66
CA SER A 251 -9.37 -20.65 -5.95
C SER A 251 -7.90 -20.30 -5.90
N LEU A 252 -7.16 -20.71 -6.94
CA LEU A 252 -5.74 -20.42 -7.05
C LEU A 252 -5.54 -19.32 -8.08
N CYS A 253 -5.00 -18.19 -7.64
CA CYS A 253 -4.78 -17.04 -8.50
C CYS A 253 -3.29 -16.85 -8.75
N CYS A 254 -2.98 -16.05 -9.76
CA CYS A 254 -1.59 -15.74 -10.09
C CYS A 254 -0.96 -14.92 -8.98
N LYS A 255 0.20 -15.38 -8.48
CA LYS A 255 0.84 -14.72 -7.35
C LYS A 255 1.23 -13.28 -7.68
N GLN A 256 1.60 -13.02 -8.94
CA GLN A 256 2.07 -11.69 -9.33
C GLN A 256 0.96 -10.66 -9.25
N CYS A 257 -0.05 -10.78 -10.13
CA CYS A 257 -1.14 -9.81 -10.17
C CYS A 257 -2.23 -10.08 -9.12
N GLN A 258 -2.08 -11.14 -8.33
CA GLN A 258 -2.88 -11.39 -7.13
C GLN A 258 -4.34 -11.74 -7.42
N GLU A 259 -4.95 -11.14 -8.44
CA GLU A 259 -6.38 -11.25 -8.64
C GLU A 259 -6.79 -12.04 -9.88
N THR A 260 -5.86 -12.49 -10.70
CA THR A 260 -6.17 -13.26 -11.89
C THR A 260 -6.30 -14.74 -11.50
N GLU A 261 -7.53 -15.25 -11.52
CA GLU A 261 -7.79 -16.62 -11.13
C GLU A 261 -7.37 -17.58 -12.24
N ILE A 262 -6.40 -18.44 -11.95
CA ILE A 262 -5.93 -19.41 -12.92
C ILE A 262 -6.80 -20.66 -12.92
N THR A 263 -7.00 -21.27 -11.74
CA THR A 263 -7.80 -22.48 -11.63
C THR A 263 -8.37 -22.55 -10.22
N THR A 264 -9.26 -23.51 -10.00
CA THR A 264 -9.95 -23.68 -8.73
C THR A 264 -9.58 -25.03 -8.11
N LYS A 265 -10.18 -25.30 -6.95
CA LYS A 265 -9.83 -26.50 -6.19
C LYS A 265 -10.37 -27.76 -6.85
N ASN A 266 -11.55 -27.70 -7.48
CA ASN A 266 -12.18 -28.89 -8.04
C ASN A 266 -11.50 -29.41 -9.29
N GLU A 267 -10.47 -28.73 -9.79
CA GLU A 267 -9.79 -29.15 -11.02
C GLU A 267 -8.57 -30.01 -10.74
N ILE A 268 -8.14 -30.14 -9.49
CA ILE A 268 -6.92 -30.86 -9.18
C ILE A 268 -7.13 -32.36 -9.34
N PHE A 269 -6.14 -33.02 -9.95
CA PHE A 269 -6.13 -34.47 -10.10
C PHE A 269 -4.68 -34.92 -10.14
N SER A 270 -4.49 -36.24 -10.15
CA SER A 270 -3.16 -36.86 -10.07
C SER A 270 -2.92 -37.70 -11.30
N LEU A 271 -2.08 -37.20 -12.21
CA LEU A 271 -1.63 -38.03 -13.32
C LEU A 271 -0.51 -38.97 -12.86
N SER A 272 0.47 -38.43 -12.15
CA SER A 272 1.50 -39.26 -11.54
C SER A 272 0.97 -39.85 -10.24
N LEU A 273 1.31 -41.12 -9.97
CA LEU A 273 0.82 -41.79 -8.78
C LEU A 273 1.28 -41.11 -7.49
N CYS A 274 2.37 -40.34 -7.56
CA CYS A 274 2.90 -39.68 -6.37
C CYS A 274 2.14 -38.41 -6.06
N GLY A 275 0.81 -38.49 -5.99
CA GLY A 275 -0.02 -37.37 -5.63
C GLY A 275 -0.24 -36.40 -6.77
N PRO A 276 -1.08 -35.39 -6.54
CA PRO A 276 -1.32 -34.37 -7.55
C PRO A 276 -0.26 -33.28 -7.63
N MET A 277 0.87 -33.45 -6.93
CA MET A 277 1.89 -32.42 -6.91
C MET A 277 3.26 -33.00 -6.55
N ALA A 278 3.96 -33.52 -7.54
CA ALA A 278 5.30 -34.05 -7.34
C ALA A 278 6.34 -33.06 -7.82
N ALA A 279 7.53 -33.15 -7.24
CA ALA A 279 8.64 -32.27 -7.59
C ALA A 279 9.38 -32.86 -8.79
N TYR A 280 9.41 -32.12 -9.89
CA TYR A 280 10.13 -32.50 -11.10
C TYR A 280 11.29 -31.57 -11.34
N VAL A 281 12.29 -32.07 -12.06
CA VAL A 281 13.50 -31.30 -12.38
C VAL A 281 13.53 -31.04 -13.88
N ASN A 282 13.90 -29.82 -14.24
CA ASN A 282 14.00 -29.40 -15.62
C ASN A 282 15.41 -29.62 -16.14
N PRO A 283 15.64 -29.51 -17.46
CA PRO A 283 16.97 -29.86 -18.01
C PRO A 283 18.14 -29.08 -17.43
N HIS A 284 17.90 -28.08 -16.58
CA HIS A 284 18.98 -27.27 -16.04
C HIS A 284 18.99 -27.23 -14.51
N GLY A 285 18.39 -28.24 -13.88
CA GLY A 285 18.47 -28.39 -12.44
C GLY A 285 17.37 -27.73 -11.65
N TYR A 286 16.58 -26.86 -12.27
CA TYR A 286 15.51 -26.18 -11.54
C TYR A 286 14.39 -27.16 -11.22
N VAL A 287 13.97 -27.18 -9.96
CA VAL A 287 12.88 -28.04 -9.52
C VAL A 287 11.57 -27.27 -9.66
N HIS A 288 10.50 -28.00 -9.96
CA HIS A 288 9.19 -27.40 -10.21
C HIS A 288 8.14 -28.29 -9.54
N GLU A 289 7.65 -27.84 -8.38
CA GLU A 289 6.51 -28.50 -7.76
C GLU A 289 5.27 -28.27 -8.60
N THR A 290 4.98 -29.20 -9.51
CA THR A 290 3.98 -29.00 -10.55
C THR A 290 2.66 -29.60 -10.13
N LEU A 291 1.62 -28.77 -10.09
CA LEU A 291 0.26 -29.22 -9.77
C LEU A 291 -0.51 -29.44 -11.07
N THR A 292 -1.07 -30.65 -11.21
CA THR A 292 -1.77 -31.03 -12.43
C THR A 292 -3.27 -30.80 -12.23
N VAL A 293 -3.85 -29.96 -13.09
CA VAL A 293 -5.28 -29.68 -13.06
C VAL A 293 -5.85 -29.94 -14.45
N TYR A 294 -7.17 -30.11 -14.50
CA TYR A 294 -7.84 -30.41 -15.76
C TYR A 294 -8.04 -29.14 -16.58
N LYS A 295 -8.76 -28.16 -16.03
CA LYS A 295 -9.05 -26.92 -16.71
C LYS A 295 -8.26 -25.78 -16.10
N ALA A 296 -7.95 -24.78 -16.93
CA ALA A 296 -7.24 -23.59 -16.49
C ALA A 296 -7.81 -22.38 -17.21
N CYS A 297 -7.60 -21.21 -16.63
CA CYS A 297 -8.15 -19.97 -17.16
C CYS A 297 -7.07 -18.90 -17.20
N ASN A 298 -7.27 -17.92 -18.08
CA ASN A 298 -6.42 -16.73 -18.19
C ASN A 298 -4.95 -17.10 -18.42
N LEU A 299 -4.73 -18.02 -19.36
CA LEU A 299 -3.40 -18.49 -19.70
C LEU A 299 -3.15 -18.31 -21.19
N ASN A 300 -1.98 -17.79 -21.53
CA ASN A 300 -1.54 -17.65 -22.91
C ASN A 300 -0.49 -18.71 -23.22
N LEU A 301 -0.68 -19.42 -24.32
CA LEU A 301 0.28 -20.45 -24.72
C LEU A 301 1.41 -19.81 -25.52
N ILE A 302 2.64 -20.14 -25.15
CA ILE A 302 3.83 -19.60 -25.79
C ILE A 302 4.46 -20.71 -26.62
N GLY A 303 4.46 -20.53 -27.94
CA GLY A 303 5.07 -21.50 -28.83
C GLY A 303 4.17 -22.69 -29.13
N ARG A 304 4.80 -23.71 -29.70
CA ARG A 304 4.15 -24.95 -30.07
C ARG A 304 4.53 -26.07 -29.10
N PRO A 305 3.71 -27.13 -29.01
CA PRO A 305 4.04 -28.23 -28.10
C PRO A 305 5.40 -28.84 -28.40
N SER A 306 6.00 -29.43 -27.37
CA SER A 306 7.30 -30.07 -27.48
C SER A 306 7.35 -31.25 -26.52
N THR A 307 7.96 -32.34 -26.97
CA THR A 307 8.10 -33.54 -26.17
C THR A 307 9.47 -33.64 -25.48
N GLU A 308 10.36 -32.69 -25.72
CA GLU A 308 11.71 -32.75 -25.17
C GLU A 308 11.66 -32.60 -23.66
N HIS A 309 12.22 -33.60 -22.95
CA HIS A 309 12.36 -33.56 -21.50
C HIS A 309 11.00 -33.40 -20.81
N SER A 310 9.99 -34.08 -21.34
CA SER A 310 8.66 -34.00 -20.76
C SER A 310 8.58 -34.84 -19.50
N TRP A 311 8.03 -34.26 -18.43
CA TRP A 311 7.90 -34.97 -17.16
C TRP A 311 6.82 -36.04 -17.18
N PHE A 312 6.00 -36.08 -18.22
CA PHE A 312 4.95 -37.08 -18.37
C PHE A 312 5.09 -37.73 -19.73
N PRO A 313 5.62 -38.95 -19.80
CA PRO A 313 5.82 -39.60 -21.10
C PRO A 313 4.49 -39.77 -21.85
N GLY A 314 4.52 -39.44 -23.14
CA GLY A 314 3.34 -39.43 -23.96
C GLY A 314 2.69 -38.06 -24.10
N TYR A 315 3.14 -37.07 -23.32
CA TYR A 315 2.58 -35.74 -23.34
C TYR A 315 3.62 -34.74 -23.82
N ALA A 316 3.14 -33.68 -24.48
CA ALA A 316 3.99 -32.60 -24.95
C ALA A 316 3.67 -31.33 -24.17
N TRP A 317 4.70 -30.62 -23.75
CA TRP A 317 4.55 -29.43 -22.93
C TRP A 317 4.61 -28.17 -23.79
N THR A 318 3.87 -27.15 -23.35
CA THR A 318 3.84 -25.85 -24.00
C THR A 318 3.82 -24.77 -22.93
N VAL A 319 4.72 -23.80 -23.04
CA VAL A 319 4.84 -22.78 -22.00
C VAL A 319 3.55 -21.99 -21.90
N ALA A 320 3.03 -21.90 -20.67
CA ALA A 320 1.80 -21.16 -20.39
C ALA A 320 2.12 -19.98 -19.50
N GLN A 321 1.63 -18.79 -19.89
CA GLN A 321 1.86 -17.56 -19.15
C GLN A 321 0.54 -16.91 -18.79
N CYS A 322 0.56 -16.09 -17.75
CA CYS A 322 -0.65 -15.40 -17.31
C CYS A 322 -1.09 -14.38 -18.36
N LYS A 323 -2.40 -14.30 -18.56
CA LYS A 323 -2.93 -13.42 -19.60
C LYS A 323 -2.77 -11.95 -19.25
N ILE A 324 -2.71 -11.63 -17.96
CA ILE A 324 -2.75 -10.24 -17.50
C ILE A 324 -1.34 -9.71 -17.21
N CYS A 325 -0.59 -10.40 -16.35
CA CYS A 325 0.71 -9.93 -15.92
C CYS A 325 1.87 -10.51 -16.73
N ALA A 326 1.60 -11.49 -17.60
CA ALA A 326 2.61 -12.08 -18.48
C ALA A 326 3.75 -12.73 -17.71
N SER A 327 3.45 -13.26 -16.53
CA SER A 327 4.41 -14.07 -15.78
C SER A 327 4.18 -15.54 -16.06
N HIS A 328 5.20 -16.35 -15.80
CA HIS A 328 5.11 -17.78 -16.06
C HIS A 328 4.29 -18.47 -14.98
N ILE A 329 3.29 -19.24 -15.41
CA ILE A 329 2.44 -19.97 -14.48
C ILE A 329 2.66 -21.48 -14.57
N GLY A 330 2.98 -22.02 -15.74
CA GLY A 330 3.22 -23.45 -15.88
C GLY A 330 3.35 -23.85 -17.32
N TRP A 331 2.87 -25.06 -17.61
CA TRP A 331 2.87 -25.58 -18.97
C TRP A 331 1.58 -26.36 -19.22
N LYS A 332 1.07 -26.27 -20.44
CA LYS A 332 -0.04 -27.09 -20.88
C LYS A 332 0.52 -28.37 -21.50
N PHE A 333 -0.06 -29.51 -21.13
CA PHE A 333 0.40 -30.81 -21.59
C PHE A 333 -0.67 -31.42 -22.48
N THR A 334 -0.35 -31.59 -23.76
CA THR A 334 -1.25 -32.21 -24.72
C THR A 334 -0.75 -33.61 -25.07
N ALA A 335 -1.68 -34.45 -25.50
CA ALA A 335 -1.37 -35.85 -25.75
C ALA A 335 -0.78 -36.05 -27.14
N THR A 336 0.27 -36.86 -27.21
CA THR A 336 0.84 -37.29 -28.48
C THR A 336 0.28 -38.64 -28.93
N LYS A 337 -0.67 -39.21 -28.18
CA LYS A 337 -1.29 -40.48 -28.51
C LYS A 337 -2.79 -40.36 -28.27
N LYS A 338 -3.56 -41.13 -29.04
CA LYS A 338 -5.02 -41.08 -28.91
C LYS A 338 -5.51 -41.95 -27.77
N ASP A 339 -4.87 -43.07 -27.51
CA ASP A 339 -5.28 -43.99 -26.45
C ASP A 339 -4.82 -43.54 -25.06
N MET A 340 -4.83 -42.24 -24.79
CA MET A 340 -4.40 -41.70 -23.51
C MET A 340 -5.45 -40.73 -23.00
N SER A 341 -5.85 -40.90 -21.74
CA SER A 341 -6.77 -40.00 -21.07
C SER A 341 -6.14 -39.55 -19.76
N PRO A 342 -6.10 -38.25 -19.48
CA PRO A 342 -6.67 -37.14 -20.26
C PRO A 342 -5.85 -36.77 -21.49
N GLN A 343 -6.49 -36.40 -22.59
CA GLN A 343 -5.77 -35.94 -23.77
C GLN A 343 -5.18 -34.55 -23.58
N LYS A 344 -5.50 -33.87 -22.48
CA LYS A 344 -4.97 -32.53 -22.21
C LYS A 344 -5.10 -32.26 -20.71
N PHE A 345 -4.07 -31.62 -20.16
CA PHE A 345 -4.09 -31.18 -18.77
C PHE A 345 -3.04 -30.09 -18.61
N TRP A 346 -3.14 -29.36 -17.49
CA TRP A 346 -2.25 -28.25 -17.21
C TRP A 346 -1.34 -28.59 -16.04
N GLY A 347 -0.07 -28.21 -16.17
CA GLY A 347 0.88 -28.39 -15.10
C GLY A 347 1.36 -27.06 -14.55
N LEU A 348 0.80 -26.64 -13.43
CA LEU A 348 1.06 -25.32 -12.86
C LEU A 348 2.09 -25.42 -11.74
N THR A 349 3.18 -24.68 -11.88
CA THR A 349 4.22 -24.68 -10.87
C THR A 349 3.76 -23.90 -9.64
N ARG A 350 4.27 -24.31 -8.47
CA ARG A 350 3.79 -23.74 -7.21
C ARG A 350 4.20 -22.29 -7.05
N SER A 351 5.47 -21.96 -7.32
CA SER A 351 5.98 -20.61 -7.13
C SER A 351 5.27 -19.57 -7.98
N ALA A 352 4.23 -19.94 -8.74
CA ALA A 352 3.48 -19.00 -9.57
C ALA A 352 2.05 -18.80 -9.10
N LEU A 353 1.57 -19.61 -8.17
CA LEU A 353 0.19 -19.58 -7.74
C LEU A 353 0.06 -18.92 -6.36
N LEU A 354 -1.17 -18.54 -6.02
CA LEU A 354 -1.50 -17.90 -4.76
C LEU A 354 -2.87 -18.35 -4.31
N PRO A 355 -2.96 -19.15 -3.25
CA PRO A 355 -4.28 -19.59 -2.77
C PRO A 355 -5.12 -18.40 -2.33
N THR A 356 -6.33 -18.33 -2.85
CA THR A 356 -7.22 -17.20 -2.62
C THR A 356 -8.56 -17.70 -2.09
N ILE A 357 -9.08 -17.02 -1.08
CA ILE A 357 -10.43 -17.25 -0.60
C ILE A 357 -11.38 -16.45 -1.48
N PRO A 358 -12.25 -17.10 -2.25
CA PRO A 358 -13.22 -16.35 -3.06
C PRO A 358 -14.17 -15.55 -2.18
N ASP A 359 -14.48 -14.34 -2.62
CA ASP A 359 -15.33 -13.45 -1.84
C ASP A 359 -16.76 -13.99 -1.76
N THR A 360 -17.55 -13.36 -0.91
CA THR A 360 -18.94 -13.77 -0.68
C THR A 360 -19.77 -13.66 -1.97
N LYS A 368 -15.36 -11.08 6.07
CA LYS A 368 -13.95 -11.30 5.74
C LYS A 368 -13.46 -12.63 6.32
N VAL A 369 -13.27 -13.61 5.44
CA VAL A 369 -12.82 -14.93 5.86
C VAL A 369 -11.33 -14.87 6.17
N ILE A 370 -10.94 -15.47 7.29
CA ILE A 370 -9.55 -15.48 7.75
C ILE A 370 -9.19 -16.90 8.15
N LEU A 371 -8.01 -17.36 7.75
CA LEU A 371 -7.52 -18.66 8.15
C LEU A 371 -7.47 -18.78 9.67
N CYS A 372 -7.93 -19.91 10.19
CA CYS A 372 -8.06 -20.12 11.62
C CYS A 372 -7.13 -21.23 12.08
N LEU A 373 -6.57 -21.05 13.29
CA LEU A 373 -5.70 -22.06 13.89
C LEU A 373 -6.52 -23.04 14.72
N SER B 2 2.07 -10.00 37.98
CA SER B 2 1.14 -9.99 39.11
C SER B 2 1.59 -10.94 40.20
N TYR B 3 1.28 -10.57 41.44
CA TYR B 3 1.55 -11.40 42.62
C TYR B 3 0.21 -11.88 43.16
N ASN B 4 -0.02 -13.19 43.11
CA ASN B 4 -1.33 -13.75 43.39
C ASN B 4 -1.28 -14.71 44.56
N TYR B 5 -2.46 -14.95 45.13
CA TYR B 5 -2.62 -15.74 46.35
C TYR B 5 -3.82 -16.65 46.17
N VAL B 6 -3.59 -17.96 46.25
CA VAL B 6 -4.64 -18.96 46.04
C VAL B 6 -4.82 -19.76 47.31
N VAL B 7 -6.06 -19.80 47.80
CA VAL B 7 -6.42 -20.53 49.01
C VAL B 7 -7.65 -21.36 48.71
N THR B 8 -7.73 -22.55 49.29
CA THR B 8 -8.88 -23.43 49.10
C THR B 8 -10.03 -22.97 49.98
N ALA B 9 -11.17 -22.65 49.36
CA ALA B 9 -12.38 -22.31 50.11
C ALA B 9 -13.22 -23.52 50.43
N GLN B 10 -13.12 -24.58 49.62
CA GLN B 10 -13.82 -25.84 49.89
C GLN B 10 -12.98 -26.97 49.32
N LYS B 11 -12.64 -27.94 50.16
CA LYS B 11 -11.80 -29.04 49.75
C LYS B 11 -12.55 -29.92 48.73
N PRO B 12 -11.81 -30.67 47.90
CA PRO B 12 -12.46 -31.50 46.88
C PRO B 12 -13.43 -32.49 47.53
N THR B 13 -14.60 -32.63 46.89
CA THR B 13 -15.67 -33.47 47.43
C THR B 13 -15.87 -34.76 46.67
N ALA B 14 -15.40 -34.86 45.42
CA ALA B 14 -15.60 -36.07 44.64
C ALA B 14 -14.74 -37.21 45.19
N VAL B 15 -15.22 -38.43 45.00
CA VAL B 15 -14.55 -39.63 45.48
C VAL B 15 -13.99 -40.38 44.28
N ASN B 16 -12.67 -40.56 44.26
CA ASN B 16 -12.00 -41.29 43.20
C ASN B 16 -11.38 -42.60 43.66
N GLY B 17 -11.58 -42.98 44.93
CA GLY B 17 -11.03 -44.22 45.44
C GLY B 17 -11.60 -44.60 46.79
N CYS B 18 -11.79 -45.90 47.00
CA CYS B 18 -12.32 -46.40 48.28
C CYS B 18 -11.82 -47.81 48.50
N VAL B 19 -11.04 -48.00 49.56
CA VAL B 19 -10.55 -49.31 49.95
C VAL B 19 -10.84 -49.53 51.42
N THR B 20 -11.01 -50.79 51.80
CA THR B 20 -11.21 -51.18 53.19
C THR B 20 -10.07 -52.06 53.65
N GLY B 21 -9.96 -52.22 54.97
CA GLY B 21 -8.89 -53.01 55.54
C GLY B 21 -8.72 -52.69 57.02
N HIS B 22 -7.56 -53.05 57.54
CA HIS B 22 -7.23 -52.91 58.95
C HIS B 22 -6.01 -52.02 59.06
N PHE B 23 -6.20 -50.73 58.80
CA PHE B 23 -5.10 -49.78 58.77
C PHE B 23 -4.74 -49.26 60.15
N THR B 24 -5.75 -48.94 60.96
CA THR B 24 -5.49 -48.36 62.28
C THR B 24 -5.05 -49.42 63.27
N SER B 25 -5.81 -50.50 63.39
CA SER B 25 -5.44 -51.63 64.22
C SER B 25 -5.89 -52.91 63.53
N ALA B 26 -5.27 -54.03 63.92
CA ALA B 26 -5.62 -55.31 63.30
C ALA B 26 -7.08 -55.66 63.53
N GLU B 27 -7.63 -55.28 64.69
CA GLU B 27 -9.02 -55.56 65.01
C GLU B 27 -9.97 -54.62 64.26
N ASP B 28 -9.58 -53.36 64.11
CA ASP B 28 -10.46 -52.36 63.50
C ASP B 28 -10.63 -52.61 62.01
N LEU B 29 -11.86 -52.39 61.53
CA LEU B 29 -12.16 -52.40 60.09
C LEU B 29 -12.25 -50.96 59.61
N ASN B 30 -11.34 -50.55 58.75
CA ASN B 30 -11.24 -49.18 58.28
C ASN B 30 -11.83 -49.01 56.89
N LEU B 31 -12.27 -47.79 56.60
CA LEU B 31 -12.67 -47.39 55.25
C LEU B 31 -11.87 -46.15 54.88
N LEU B 32 -10.99 -46.29 53.88
CA LEU B 32 -10.13 -45.22 53.43
C LEU B 32 -10.68 -44.67 52.11
N ILE B 33 -10.94 -43.36 52.08
CA ILE B 33 -11.57 -42.70 50.94
C ILE B 33 -10.60 -41.67 50.38
N ALA B 34 -10.40 -41.70 49.06
CA ALA B 34 -9.52 -40.75 48.39
C ALA B 34 -10.37 -39.68 47.71
N LYS B 35 -10.12 -38.43 48.07
CA LYS B 35 -10.79 -37.27 47.47
C LYS B 35 -9.73 -36.40 46.82
N ASN B 36 -9.28 -36.83 45.64
CA ASN B 36 -8.26 -36.13 44.86
C ASN B 36 -6.96 -35.96 45.65
N THR B 37 -6.85 -34.87 46.40
CA THR B 37 -5.64 -34.56 47.16
C THR B 37 -5.80 -34.84 48.64
N ARG B 38 -6.90 -35.45 49.05
CA ARG B 38 -7.17 -35.73 50.45
C ARG B 38 -7.42 -37.21 50.66
N LEU B 39 -7.26 -37.65 51.91
CA LEU B 39 -7.44 -39.04 52.29
C LEU B 39 -8.18 -39.09 53.62
N GLU B 40 -9.38 -39.66 53.61
CA GLU B 40 -10.19 -39.80 54.81
C GLU B 40 -10.12 -41.23 55.33
N ILE B 41 -9.98 -41.37 56.64
CA ILE B 41 -9.93 -42.67 57.31
C ILE B 41 -11.06 -42.72 58.32
N TYR B 42 -11.97 -43.67 58.14
CA TYR B 42 -13.05 -43.93 59.08
C TYR B 42 -12.92 -45.34 59.63
N VAL B 43 -13.41 -45.55 60.85
CA VAL B 43 -13.60 -46.88 61.39
C VAL B 43 -15.06 -47.26 61.19
N VAL B 44 -15.29 -48.40 60.55
CA VAL B 44 -16.66 -48.83 60.25
C VAL B 44 -17.26 -49.42 61.52
N THR B 45 -18.27 -48.75 62.06
CA THR B 45 -18.97 -49.21 63.24
C THR B 45 -20.27 -49.91 62.84
N ALA B 46 -20.89 -50.58 63.81
CA ALA B 46 -22.18 -51.20 63.58
C ALA B 46 -23.24 -50.15 63.28
N GLU B 47 -23.14 -48.99 63.95
CA GLU B 47 -24.07 -47.90 63.68
C GLU B 47 -23.85 -47.32 62.28
N GLY B 48 -22.63 -46.87 61.99
CA GLY B 48 -22.33 -46.33 60.69
C GLY B 48 -20.84 -46.16 60.43
N LEU B 49 -20.39 -44.91 60.29
CA LEU B 49 -18.99 -44.61 60.06
C LEU B 49 -18.56 -43.52 61.04
N ARG B 50 -17.38 -43.70 61.63
CA ARG B 50 -16.82 -42.73 62.56
C ARG B 50 -15.51 -42.17 62.02
N PRO B 51 -15.38 -40.87 61.85
CA PRO B 51 -14.12 -40.32 61.33
C PRO B 51 -13.01 -40.46 62.36
N VAL B 52 -11.81 -40.77 61.87
CA VAL B 52 -10.63 -40.94 62.72
C VAL B 52 -9.56 -39.91 62.40
N LYS B 53 -9.18 -39.79 61.13
CA LYS B 53 -8.14 -38.85 60.75
C LYS B 53 -8.28 -38.54 59.26
N GLU B 54 -8.17 -37.26 58.91
CA GLU B 54 -8.15 -36.81 57.52
C GLU B 54 -6.85 -36.08 57.28
N VAL B 55 -6.09 -36.53 56.28
CA VAL B 55 -4.81 -35.92 55.94
C VAL B 55 -4.86 -35.49 54.48
N GLY B 56 -4.02 -34.51 54.16
CA GLY B 56 -3.86 -34.08 52.79
C GLY B 56 -2.50 -34.44 52.24
N MET B 57 -2.38 -34.49 50.92
CA MET B 57 -1.12 -34.86 50.29
C MET B 57 -0.73 -33.81 49.26
N TYR B 58 0.55 -33.82 48.91
CA TYR B 58 1.09 -32.94 47.88
C TYR B 58 1.09 -33.63 46.52
N GLY B 59 -0.06 -34.19 46.16
CA GLY B 59 -0.19 -34.90 44.90
C GLY B 59 -1.61 -35.40 44.72
N LYS B 60 -1.93 -35.73 43.48
CA LYS B 60 -3.22 -36.31 43.13
C LYS B 60 -3.11 -37.81 43.27
N ILE B 61 -3.80 -38.38 44.27
CA ILE B 61 -3.71 -39.81 44.55
C ILE B 61 -4.23 -40.57 43.34
N ALA B 62 -3.36 -41.34 42.70
CA ALA B 62 -3.71 -42.12 41.52
C ALA B 62 -4.02 -43.57 41.84
N VAL B 63 -3.26 -44.20 42.73
CA VAL B 63 -3.52 -45.56 43.19
C VAL B 63 -3.44 -45.56 44.72
N MET B 64 -4.43 -46.18 45.35
CA MET B 64 -4.51 -46.23 46.81
C MET B 64 -4.95 -47.64 47.20
N GLU B 65 -4.01 -48.42 47.75
CA GLU B 65 -4.27 -49.81 48.08
C GLU B 65 -3.60 -50.18 49.39
N LEU B 66 -4.28 -51.03 50.17
CA LEU B 66 -3.75 -51.53 51.43
C LEU B 66 -3.14 -52.91 51.24
N PHE B 67 -2.19 -53.24 52.11
CA PHE B 67 -1.49 -54.52 52.03
C PHE B 67 -0.79 -54.76 53.36
N ARG B 68 -0.48 -56.03 53.63
CA ARG B 68 0.21 -56.43 54.85
C ARG B 68 1.27 -57.45 54.48
N PRO B 69 2.54 -57.04 54.43
CA PRO B 69 3.62 -58.03 54.21
C PRO B 69 3.78 -58.93 55.41
N LYS B 70 4.48 -60.05 55.18
CA LYS B 70 4.67 -61.03 56.23
C LYS B 70 5.56 -60.46 57.33
N GLY B 71 5.10 -60.57 58.57
CA GLY B 71 5.82 -60.04 59.71
C GLY B 71 5.46 -58.63 60.10
N GLU B 72 4.30 -58.13 59.66
CA GLU B 72 3.86 -56.78 59.97
C GLU B 72 2.64 -56.83 60.88
N SER B 73 2.56 -55.89 61.81
CA SER B 73 1.47 -55.85 62.77
C SER B 73 0.13 -55.63 62.09
N LYS B 74 -0.08 -54.45 61.52
CA LYS B 74 -1.33 -54.09 60.86
C LYS B 74 -1.08 -53.89 59.36
N ASP B 75 -2.11 -53.43 58.66
CA ASP B 75 -2.00 -53.19 57.23
C ASP B 75 -1.21 -51.92 56.95
N LEU B 76 -0.51 -51.92 55.82
CA LEU B 76 0.23 -50.76 55.35
C LEU B 76 -0.49 -50.18 54.13
N LEU B 77 -0.23 -48.89 53.88
CA LEU B 77 -0.91 -48.15 52.84
C LEU B 77 0.09 -47.70 51.78
N PHE B 78 -0.10 -48.16 50.55
CA PHE B 78 0.67 -47.68 49.41
C PHE B 78 -0.15 -46.68 48.61
N ILE B 79 0.43 -45.52 48.35
CA ILE B 79 -0.23 -44.45 47.61
C ILE B 79 0.73 -43.92 46.56
N LEU B 80 0.25 -43.80 45.33
CA LEU B 80 1.02 -43.24 44.23
C LEU B 80 0.28 -42.04 43.66
N THR B 81 0.99 -40.92 43.50
CA THR B 81 0.41 -39.72 42.96
C THR B 81 0.51 -39.69 41.44
N ALA B 82 -0.26 -38.79 40.82
CA ALA B 82 -0.21 -38.65 39.37
C ALA B 82 1.15 -38.17 38.90
N LYS B 83 1.87 -37.45 39.76
CA LYS B 83 3.25 -37.04 39.47
C LYS B 83 4.26 -38.14 39.81
N TYR B 84 3.80 -39.36 40.06
CA TYR B 84 4.65 -40.54 40.25
C TYR B 84 5.41 -40.52 41.57
N ASN B 85 4.85 -39.89 42.60
CA ASN B 85 5.42 -39.99 43.95
C ASN B 85 4.90 -41.25 44.60
N ALA B 86 5.76 -42.23 44.81
CA ALA B 86 5.40 -43.46 45.49
C ALA B 86 5.68 -43.34 46.98
N CYS B 87 4.85 -44.01 47.78
CA CYS B 87 5.01 -43.94 49.23
C CYS B 87 4.27 -45.11 49.86
N ILE B 88 4.88 -45.68 50.91
CA ILE B 88 4.24 -46.66 51.77
C ILE B 88 4.00 -46.00 53.12
N LEU B 89 2.76 -46.06 53.60
CA LEU B 89 2.35 -45.32 54.78
C LEU B 89 1.85 -46.28 55.85
N GLU B 90 2.12 -45.92 57.11
CA GLU B 90 1.66 -46.67 58.27
C GLU B 90 0.88 -45.76 59.19
N TYR B 91 -0.19 -46.28 59.77
CA TYR B 91 -0.96 -45.54 60.76
C TYR B 91 -0.30 -45.67 62.13
N LYS B 92 -0.33 -44.60 62.90
CA LYS B 92 0.29 -44.58 64.22
C LYS B 92 -0.43 -43.57 65.10
N GLN B 93 -0.97 -44.04 66.22
CA GLN B 93 -1.67 -43.20 67.17
C GLN B 93 -1.06 -43.42 68.55
N SER B 94 -0.72 -42.32 69.23
CA SER B 94 -0.15 -42.35 70.57
C SER B 94 -1.09 -41.56 71.48
N GLY B 95 -2.21 -42.19 71.83
CA GLY B 95 -3.23 -41.52 72.62
C GLY B 95 -4.15 -40.68 71.77
N GLU B 96 -3.78 -39.41 71.58
CA GLU B 96 -4.53 -38.52 70.71
C GLU B 96 -3.71 -37.94 69.57
N SER B 97 -2.39 -37.98 69.64
CA SER B 97 -1.56 -37.55 68.52
C SER B 97 -1.62 -38.61 67.42
N ILE B 98 -2.35 -38.31 66.36
CA ILE B 98 -2.49 -39.22 65.22
C ILE B 98 -1.61 -38.69 64.09
N ASP B 99 -0.71 -39.53 63.60
CA ASP B 99 0.20 -39.15 62.54
C ASP B 99 0.39 -40.30 61.56
N ILE B 100 0.39 -39.98 60.27
CA ILE B 100 0.59 -40.96 59.22
C ILE B 100 2.07 -40.94 58.86
N ILE B 101 2.81 -41.93 59.36
CA ILE B 101 4.24 -42.00 59.13
C ILE B 101 4.51 -42.60 57.75
N THR B 102 5.64 -42.22 57.16
CA THR B 102 6.06 -42.71 55.86
C THR B 102 7.15 -43.76 56.06
N ARG B 103 6.83 -45.01 55.72
CA ARG B 103 7.79 -46.09 55.87
C ARG B 103 8.75 -46.20 54.69
N ALA B 104 8.37 -45.67 53.53
CA ALA B 104 9.20 -45.70 52.34
C ALA B 104 8.58 -44.75 51.31
N HIS B 105 9.43 -44.18 50.46
CA HIS B 105 8.94 -43.24 49.47
C HIS B 105 9.99 -43.07 48.37
N GLY B 106 9.50 -42.78 47.16
CA GLY B 106 10.35 -42.52 46.02
C GLY B 106 9.54 -42.01 44.86
N ASN B 107 10.25 -41.67 43.79
CA ASN B 107 9.62 -41.16 42.56
C ASN B 107 9.89 -42.16 41.45
N VAL B 108 8.83 -42.85 41.00
CA VAL B 108 8.95 -43.96 40.06
C VAL B 108 8.91 -43.47 38.62
N GLN B 109 8.94 -42.16 38.42
CA GLN B 109 8.85 -41.62 37.07
C GLN B 109 10.07 -41.98 36.23
N ASP B 110 9.83 -42.59 35.08
CA ASP B 110 10.87 -42.84 34.10
C ASP B 110 10.90 -41.71 33.07
N ARG B 111 12.10 -41.28 32.70
CA ARG B 111 12.22 -40.17 31.75
C ARG B 111 11.62 -40.51 30.41
N ILE B 112 11.67 -41.77 29.99
CA ILE B 112 11.09 -42.19 28.73
C ILE B 112 9.75 -42.87 28.99
N GLY B 113 9.15 -43.43 27.95
CA GLY B 113 7.90 -44.15 28.11
C GLY B 113 6.69 -43.31 27.77
N ARG B 114 5.74 -43.89 27.04
CA ARG B 114 4.52 -43.15 26.71
C ARG B 114 3.43 -43.45 27.74
N PRO B 115 2.84 -42.43 28.35
CA PRO B 115 1.74 -42.68 29.30
C PRO B 115 0.61 -43.47 28.66
N SER B 116 0.25 -44.56 29.31
CA SER B 116 -0.67 -45.53 28.72
C SER B 116 -2.07 -44.98 28.56
N GLU B 117 -2.77 -45.51 27.55
CA GLU B 117 -4.12 -45.10 27.22
C GLU B 117 -5.14 -45.47 28.29
N THR B 118 -4.96 -46.62 28.94
CA THR B 118 -5.89 -47.11 29.94
C THR B 118 -5.52 -46.66 31.34
N GLY B 119 -4.64 -45.66 31.46
CA GLY B 119 -4.37 -45.03 32.73
C GLY B 119 -3.29 -45.72 33.56
N ILE B 120 -2.99 -45.07 34.69
CA ILE B 120 -2.03 -45.63 35.63
C ILE B 120 -2.67 -46.79 36.37
N ILE B 121 -2.02 -47.94 36.34
CA ILE B 121 -2.48 -49.13 37.05
C ILE B 121 -1.46 -49.46 38.12
N GLY B 122 -1.94 -49.70 39.34
CA GLY B 122 -1.08 -50.10 40.43
C GLY B 122 -1.60 -51.34 41.14
N ILE B 123 -0.85 -52.44 41.05
CA ILE B 123 -1.26 -53.70 41.64
C ILE B 123 -0.17 -54.20 42.58
N ILE B 124 -0.57 -55.07 43.51
CA ILE B 124 0.32 -55.64 44.51
C ILE B 124 0.13 -57.14 44.55
N ASP B 125 1.23 -57.87 44.73
CA ASP B 125 1.16 -59.32 44.81
C ASP B 125 0.35 -59.73 46.03
N PRO B 126 -0.45 -60.80 45.95
CA PRO B 126 -1.25 -61.22 47.10
C PRO B 126 -0.44 -61.49 48.36
N GLU B 127 0.75 -62.08 48.22
CA GLU B 127 1.60 -62.37 49.36
C GLU B 127 2.53 -61.21 49.71
N CYS B 128 2.38 -60.07 49.03
CA CYS B 128 3.14 -58.85 49.30
C CYS B 128 4.65 -59.10 49.24
N ARG B 129 5.12 -59.35 48.01
CA ARG B 129 6.53 -59.47 47.72
C ARG B 129 6.99 -58.48 46.65
N MET B 130 6.08 -57.67 46.11
CA MET B 130 6.38 -56.77 45.01
C MET B 130 5.21 -55.81 44.83
N ILE B 131 5.47 -54.73 44.10
CA ILE B 131 4.45 -53.77 43.72
C ILE B 131 4.55 -53.57 42.21
N GLY B 132 3.52 -53.98 41.48
CA GLY B 132 3.52 -53.86 40.03
C GLY B 132 2.83 -52.58 39.59
N LEU B 133 3.51 -51.82 38.73
CA LEU B 133 2.99 -50.56 38.22
C LEU B 133 3.02 -50.58 36.70
N ARG B 134 1.92 -50.12 36.10
CA ARG B 134 1.79 -50.00 34.66
C ARG B 134 1.56 -48.51 34.38
N LEU B 135 2.66 -47.78 34.17
CA LEU B 135 2.61 -46.35 33.87
C LEU B 135 2.85 -46.06 32.39
N TYR B 136 3.76 -46.78 31.75
CA TYR B 136 4.14 -46.51 30.37
C TYR B 136 3.90 -47.75 29.52
N ASP B 137 3.65 -47.51 28.23
CA ASP B 137 3.38 -48.59 27.30
C ASP B 137 4.63 -49.44 27.09
N GLY B 138 4.44 -50.76 27.12
CA GLY B 138 5.54 -51.69 26.91
C GLY B 138 6.48 -51.87 28.07
N LEU B 139 6.17 -51.32 29.24
CA LEU B 139 7.00 -51.44 30.43
C LEU B 139 6.15 -51.91 31.60
N PHE B 140 6.83 -52.49 32.59
CA PHE B 140 6.18 -52.94 33.82
C PHE B 140 7.15 -52.75 34.97
N LYS B 141 6.91 -51.73 35.79
CA LYS B 141 7.81 -51.41 36.89
C LYS B 141 7.52 -52.30 38.09
N VAL B 142 8.55 -52.90 38.65
CA VAL B 142 8.44 -53.83 39.77
C VAL B 142 9.16 -53.22 40.97
N ILE B 143 8.44 -53.06 42.07
CA ILE B 143 9.04 -52.57 43.32
C ILE B 143 9.12 -53.72 44.32
N PRO B 144 10.29 -54.32 44.53
CA PRO B 144 10.40 -55.39 45.53
C PRO B 144 10.00 -54.90 46.91
N LEU B 145 9.16 -55.68 47.58
CA LEU B 145 8.61 -55.29 48.88
C LEU B 145 9.42 -55.90 50.02
N ASP B 146 10.72 -55.62 50.01
CA ASP B 146 11.63 -56.03 51.06
C ASP B 146 12.02 -54.81 51.90
N ARG B 147 12.07 -54.99 53.21
CA ARG B 147 12.23 -53.85 54.11
C ARG B 147 13.64 -53.26 54.10
N ASP B 148 14.36 -53.43 53.00
CA ASP B 148 15.58 -52.69 52.73
C ASP B 148 15.40 -51.73 51.57
N ASN B 149 14.19 -51.66 51.00
CA ASN B 149 13.86 -50.74 49.92
C ASN B 149 13.05 -49.59 50.50
N LYS B 150 13.75 -48.68 51.19
CA LYS B 150 13.11 -47.51 51.77
C LYS B 150 13.02 -46.34 50.80
N GLU B 151 13.91 -46.28 49.81
CA GLU B 151 13.80 -45.32 48.73
C GLU B 151 12.96 -45.82 47.57
N LEU B 152 12.39 -47.03 47.71
CA LEU B 152 11.54 -47.64 46.69
C LEU B 152 12.25 -47.71 45.34
N LYS B 153 13.38 -48.41 45.34
CA LYS B 153 14.09 -48.69 44.10
C LYS B 153 13.34 -49.77 43.32
N ALA B 154 13.38 -49.65 41.99
CA ALA B 154 12.56 -50.51 41.14
C ALA B 154 13.31 -50.79 39.85
N PHE B 155 12.81 -51.78 39.11
CA PHE B 155 13.32 -52.11 37.79
C PHE B 155 12.16 -52.31 36.83
N ASN B 156 12.46 -52.22 35.54
CA ASN B 156 11.46 -52.31 34.49
C ASN B 156 11.65 -53.60 33.69
N ILE B 157 10.55 -54.10 33.12
CA ILE B 157 10.57 -55.27 32.26
C ILE B 157 9.83 -54.92 30.97
N ARG B 158 10.48 -55.16 29.84
CA ARG B 158 9.87 -54.83 28.55
C ARG B 158 8.63 -55.70 28.34
N LEU B 159 7.60 -55.08 27.79
CA LEU B 159 6.33 -55.75 27.51
C LEU B 159 6.08 -55.76 26.02
N GLU B 160 6.13 -56.94 25.40
CA GLU B 160 5.86 -57.05 23.98
C GLU B 160 4.40 -56.72 23.65
N GLU B 161 3.53 -56.66 24.64
CA GLU B 161 2.16 -56.20 24.49
C GLU B 161 2.10 -54.74 24.94
N LEU B 162 1.93 -53.83 23.98
CA LEU B 162 2.03 -52.40 24.25
C LEU B 162 0.71 -51.72 24.52
N HIS B 163 -0.41 -52.41 24.35
CA HIS B 163 -1.75 -51.86 24.59
C HIS B 163 -2.45 -52.74 25.62
N VAL B 164 -2.08 -52.56 26.89
CA VAL B 164 -2.68 -53.33 27.97
C VAL B 164 -3.94 -52.62 28.44
N ILE B 165 -5.02 -53.38 28.63
CA ILE B 165 -6.29 -52.83 29.07
C ILE B 165 -6.32 -52.77 30.58
N ASP B 166 -6.30 -53.95 31.22
CA ASP B 166 -6.32 -54.06 32.67
C ASP B 166 -5.42 -55.21 33.08
N VAL B 167 -4.78 -55.08 34.25
CA VAL B 167 -3.86 -56.08 34.76
C VAL B 167 -4.10 -56.27 36.25
N LYS B 168 -3.95 -57.51 36.72
CA LYS B 168 -4.12 -57.85 38.12
C LYS B 168 -3.18 -58.98 38.47
N PHE B 169 -2.87 -59.10 39.77
CA PHE B 169 -2.10 -60.22 40.28
C PHE B 169 -3.03 -61.37 40.61
N LEU B 170 -2.62 -62.58 40.24
CA LEU B 170 -3.46 -63.75 40.41
C LEU B 170 -3.24 -64.38 41.78
N TYR B 171 -4.30 -65.00 42.31
CA TYR B 171 -4.27 -65.64 43.61
C TYR B 171 -3.89 -67.10 43.48
N GLY B 172 -3.33 -67.64 44.55
CA GLY B 172 -3.04 -69.07 44.63
C GLY B 172 -2.12 -69.59 43.54
N CYS B 173 -1.11 -68.79 43.17
CA CYS B 173 -0.14 -69.19 42.16
C CYS B 173 1.20 -69.49 42.84
N GLN B 174 1.97 -70.40 42.23
CA GLN B 174 3.27 -70.77 42.79
C GLN B 174 4.21 -69.57 42.81
N ALA B 175 4.34 -68.88 41.68
CA ALA B 175 5.14 -67.68 41.56
C ALA B 175 4.25 -66.46 41.35
N PRO B 176 4.76 -65.25 41.65
CA PRO B 176 3.96 -64.04 41.39
C PRO B 176 3.56 -63.92 39.92
N THR B 177 2.26 -64.03 39.65
CA THR B 177 1.73 -64.06 38.29
C THR B 177 0.81 -62.86 38.09
N ILE B 178 1.01 -62.14 37.00
CA ILE B 178 0.11 -61.08 36.57
C ILE B 178 -0.73 -61.58 35.41
N CYS B 179 -1.98 -61.15 35.35
CA CYS B 179 -2.91 -61.55 34.30
C CYS B 179 -3.56 -60.29 33.73
N PHE B 180 -3.44 -60.10 32.42
CA PHE B 180 -3.88 -58.87 31.79
C PHE B 180 -4.58 -59.15 30.47
N VAL B 181 -5.37 -58.16 30.03
CA VAL B 181 -6.05 -58.19 28.75
C VAL B 181 -5.42 -57.12 27.87
N TYR B 182 -5.13 -57.46 26.62
CA TYR B 182 -4.50 -56.52 25.71
C TYR B 182 -5.18 -56.60 24.35
N GLN B 183 -4.94 -55.59 23.52
CA GLN B 183 -5.46 -55.51 22.18
C GLN B 183 -4.33 -55.34 21.17
N ASP B 184 -4.45 -56.05 20.05
CA ASP B 184 -3.54 -55.95 18.92
C ASP B 184 -4.36 -56.10 17.65
N PRO B 185 -3.78 -55.90 16.43
CA PRO B 185 -4.57 -56.02 15.20
C PRO B 185 -5.44 -57.27 15.08
N GLN B 186 -5.09 -58.35 15.80
CA GLN B 186 -5.88 -59.57 15.70
C GLN B 186 -7.15 -59.52 16.55
N GLY B 187 -7.13 -58.78 17.63
CA GLY B 187 -8.29 -58.65 18.50
C GLY B 187 -7.86 -58.40 19.94
N ARG B 188 -8.72 -58.79 20.87
CA ARG B 188 -8.46 -58.64 22.30
C ARG B 188 -8.21 -60.01 22.91
N HIS B 189 -7.13 -60.13 23.68
CA HIS B 189 -6.71 -61.41 24.24
C HIS B 189 -6.34 -61.24 25.70
N VAL B 190 -6.29 -62.36 26.42
CA VAL B 190 -5.85 -62.42 27.81
C VAL B 190 -4.58 -63.26 27.89
N LYS B 191 -3.60 -62.78 28.65
CA LYS B 191 -2.31 -63.45 28.74
C LYS B 191 -1.74 -63.23 30.14
N THR B 192 -1.00 -64.23 30.62
CA THR B 192 -0.43 -64.22 31.97
C THR B 192 1.09 -64.33 31.91
N TYR B 193 1.76 -63.59 32.80
CA TYR B 193 3.21 -63.64 32.94
C TYR B 193 3.58 -63.94 34.39
N GLU B 194 4.67 -64.69 34.58
CA GLU B 194 5.27 -64.91 35.88
C GLU B 194 6.46 -63.96 36.07
N VAL B 195 6.55 -63.37 37.26
CA VAL B 195 7.60 -62.40 37.57
C VAL B 195 8.65 -63.08 38.42
N SER B 196 9.92 -62.86 38.09
CA SER B 196 11.05 -63.36 38.87
C SER B 196 11.79 -62.15 39.42
N LEU B 197 11.66 -61.92 40.73
CA LEU B 197 12.35 -60.80 41.37
C LEU B 197 13.86 -61.02 41.47
N ARG B 198 14.38 -62.12 40.93
CA ARG B 198 15.80 -62.38 40.88
C ARG B 198 16.38 -62.35 39.47
N GLU B 199 15.65 -62.89 38.49
CA GLU B 199 16.05 -62.77 37.10
C GLU B 199 15.69 -61.42 36.50
N LYS B 200 14.78 -60.67 37.13
CA LYS B 200 14.36 -59.35 36.68
C LYS B 200 13.86 -59.39 35.23
N GLU B 201 12.99 -60.37 34.95
CA GLU B 201 12.45 -60.56 33.61
C GLU B 201 11.13 -61.31 33.75
N PHE B 202 10.54 -61.67 32.62
CA PHE B 202 9.24 -62.32 32.56
C PHE B 202 9.41 -63.77 32.12
N ASN B 203 8.70 -64.67 32.80
CA ASN B 203 8.67 -66.08 32.47
C ASN B 203 7.29 -66.47 31.96
N LYS B 204 7.22 -67.62 31.29
CA LYS B 204 5.97 -68.07 30.69
C LYS B 204 4.90 -68.26 31.76
N GLY B 205 3.71 -67.74 31.48
CA GLY B 205 2.60 -67.82 32.40
C GLY B 205 1.86 -69.14 32.27
N PRO B 206 1.04 -69.47 33.28
CA PRO B 206 0.37 -70.78 33.27
C PRO B 206 -0.54 -71.00 32.07
N TRP B 207 -1.30 -69.98 31.65
CA TRP B 207 -2.30 -70.18 30.61
C TRP B 207 -2.50 -68.87 29.84
N LYS B 208 -3.26 -68.98 28.76
CA LYS B 208 -3.63 -67.84 27.95
C LYS B 208 -4.85 -68.21 27.10
N GLN B 209 -5.74 -67.24 26.90
CA GLN B 209 -6.93 -67.44 26.06
C GLN B 209 -6.98 -66.30 25.04
N GLU B 210 -6.87 -66.66 23.77
CA GLU B 210 -6.96 -65.68 22.69
C GLU B 210 -8.42 -65.48 22.28
N ASN B 211 -8.66 -64.35 21.59
CA ASN B 211 -9.98 -63.98 21.10
C ASN B 211 -11.01 -63.94 22.23
N VAL B 212 -10.72 -63.10 23.22
CA VAL B 212 -11.69 -62.77 24.26
C VAL B 212 -12.62 -61.72 23.70
N GLU B 213 -13.60 -61.27 24.50
CA GLU B 213 -14.59 -60.30 24.03
C GLU B 213 -13.92 -59.10 23.37
N ALA B 214 -14.55 -58.60 22.30
CA ALA B 214 -14.03 -57.44 21.58
C ALA B 214 -13.77 -56.27 22.50
N GLU B 215 -14.69 -55.99 23.43
CA GLU B 215 -14.58 -54.88 24.36
C GLU B 215 -14.41 -55.36 25.80
N ALA B 216 -13.56 -56.36 26.00
CA ALA B 216 -13.22 -56.79 27.36
C ALA B 216 -12.39 -55.71 28.04
N SER B 217 -12.82 -55.28 29.22
CA SER B 217 -12.26 -54.10 29.86
C SER B 217 -11.78 -54.30 31.29
N MET B 218 -12.19 -55.35 31.99
CA MET B 218 -11.89 -55.50 33.41
C MET B 218 -11.34 -56.89 33.71
N VAL B 219 -10.35 -56.94 34.60
CA VAL B 219 -9.76 -58.19 35.07
C VAL B 219 -10.00 -58.28 36.57
N ILE B 220 -10.75 -59.29 36.99
CA ILE B 220 -11.05 -59.53 38.41
C ILE B 220 -10.34 -60.81 38.82
N ALA B 221 -9.41 -60.70 39.77
CA ALA B 221 -8.69 -61.86 40.25
C ALA B 221 -9.50 -62.60 41.32
N VAL B 222 -9.67 -63.90 41.15
CA VAL B 222 -10.46 -64.73 42.05
C VAL B 222 -9.54 -65.28 43.15
N PRO B 223 -9.94 -65.21 44.42
CA PRO B 223 -9.10 -65.68 45.52
C PRO B 223 -8.78 -67.17 45.44
N GLU B 224 -7.92 -67.61 46.35
CA GLU B 224 -7.35 -68.95 46.28
C GLU B 224 -8.39 -70.08 46.39
N PRO B 225 -9.58 -69.91 47.00
CA PRO B 225 -10.59 -70.98 46.88
C PRO B 225 -10.82 -71.50 45.46
N PHE B 226 -10.66 -70.64 44.45
CA PHE B 226 -10.76 -71.06 43.06
C PHE B 226 -9.56 -70.61 42.24
N GLY B 227 -9.06 -69.40 42.46
CA GLY B 227 -7.99 -68.86 41.66
C GLY B 227 -8.47 -68.41 40.29
N GLY B 228 -7.52 -68.00 39.46
CA GLY B 228 -7.86 -67.56 38.13
C GLY B 228 -8.31 -66.11 38.10
N ALA B 229 -9.02 -65.76 37.03
CA ALA B 229 -9.45 -64.39 36.82
C ALA B 229 -10.81 -64.37 36.13
N ILE B 230 -11.62 -63.38 36.49
CA ILE B 230 -12.88 -63.10 35.82
C ILE B 230 -12.66 -61.92 34.89
N ILE B 231 -13.01 -62.09 33.61
CA ILE B 231 -12.87 -61.04 32.61
C ILE B 231 -14.27 -60.53 32.28
N ILE B 232 -14.49 -59.23 32.48
CA ILE B 232 -15.77 -58.60 32.24
C ILE B 232 -15.62 -57.58 31.12
N GLY B 233 -16.46 -57.70 30.10
CA GLY B 233 -16.49 -56.70 29.06
C GLY B 233 -17.84 -56.02 29.00
N GLN B 234 -18.33 -55.75 27.79
CA GLN B 234 -19.65 -55.18 27.60
C GLN B 234 -20.72 -56.26 27.43
N GLU B 235 -20.39 -57.33 26.70
CA GLU B 235 -21.34 -58.38 26.36
C GLU B 235 -21.20 -59.63 27.22
N SER B 236 -20.04 -59.89 27.80
CA SER B 236 -19.77 -61.17 28.44
C SER B 236 -19.17 -60.99 29.82
N ILE B 237 -19.37 -62.02 30.65
CA ILE B 237 -18.67 -62.19 31.91
C ILE B 237 -18.14 -63.62 31.88
N THR B 238 -16.83 -63.77 31.82
CA THR B 238 -16.20 -65.08 31.68
C THR B 238 -15.23 -65.32 32.81
N TYR B 239 -15.06 -66.59 33.15
CA TYR B 239 -14.11 -67.03 34.17
C TYR B 239 -13.07 -67.93 33.51
N HIS B 240 -11.81 -67.69 33.85
CA HIS B 240 -10.70 -68.44 33.28
C HIS B 240 -9.76 -68.91 34.38
N ASN B 241 -9.21 -70.12 34.19
CA ASN B 241 -8.13 -70.62 35.04
C ASN B 241 -7.52 -71.85 34.39
N GLY B 242 -6.35 -71.68 33.79
CA GLY B 242 -5.71 -72.77 33.08
C GLY B 242 -6.53 -73.19 31.88
N ASP B 243 -7.04 -74.43 31.91
CA ASP B 243 -7.94 -74.94 30.90
C ASP B 243 -9.36 -75.10 31.43
N LYS B 244 -9.77 -74.21 32.33
CA LYS B 244 -11.13 -74.17 32.85
C LYS B 244 -11.79 -72.91 32.34
N TYR B 245 -12.93 -73.06 31.65
CA TYR B 245 -13.59 -71.97 30.98
C TYR B 245 -15.07 -71.95 31.30
N LEU B 246 -15.58 -70.76 31.63
CA LEU B 246 -17.01 -70.52 31.76
C LEU B 246 -17.31 -69.12 31.23
N ALA B 247 -18.54 -68.93 30.78
CA ALA B 247 -18.90 -67.66 30.15
C ALA B 247 -20.42 -67.51 30.14
N ILE B 248 -20.88 -66.29 30.45
CA ILE B 248 -22.29 -65.95 30.38
C ILE B 248 -22.42 -64.63 29.63
N ALA B 249 -23.60 -64.42 29.04
CA ALA B 249 -23.94 -63.19 28.35
C ALA B 249 -25.32 -62.74 28.80
N PRO B 250 -25.44 -62.24 30.04
CA PRO B 250 -26.75 -61.87 30.57
C PRO B 250 -27.28 -60.61 29.89
N PRO B 251 -28.53 -60.63 29.44
CA PRO B 251 -29.11 -59.44 28.80
C PRO B 251 -29.32 -58.29 29.76
N ILE B 252 -29.16 -58.51 31.07
CA ILE B 252 -29.43 -57.47 32.06
C ILE B 252 -28.30 -56.47 32.22
N ILE B 253 -27.12 -56.75 31.64
CA ILE B 253 -25.97 -55.87 31.76
C ILE B 253 -25.60 -55.26 30.41
N LYS B 254 -26.55 -55.21 29.46
CA LYS B 254 -26.25 -54.70 28.13
C LYS B 254 -26.58 -53.22 27.96
N GLN B 255 -27.49 -52.67 28.78
CA GLN B 255 -27.86 -51.27 28.66
C GLN B 255 -26.74 -50.33 29.07
N SER B 256 -25.69 -50.83 29.72
CA SER B 256 -24.56 -49.99 30.13
C SER B 256 -23.35 -50.89 30.32
N THR B 257 -22.22 -50.28 30.71
CA THR B 257 -20.95 -50.98 30.84
C THR B 257 -20.54 -51.02 32.29
N ILE B 258 -20.12 -52.20 32.76
CA ILE B 258 -19.60 -52.34 34.12
C ILE B 258 -18.23 -51.69 34.20
N VAL B 259 -18.06 -50.73 35.11
CA VAL B 259 -16.84 -49.95 35.20
C VAL B 259 -16.18 -50.02 36.57
N CYS B 260 -16.73 -50.78 37.50
CA CYS B 260 -16.13 -50.90 38.82
C CYS B 260 -16.62 -52.17 39.49
N HIS B 261 -15.82 -52.69 40.42
CA HIS B 261 -16.11 -53.95 41.07
C HIS B 261 -15.57 -53.92 42.49
N ASN B 262 -16.05 -54.87 43.29
CA ASN B 262 -15.56 -55.06 44.65
C ASN B 262 -15.93 -56.45 45.12
N ARG B 263 -15.01 -57.10 45.83
CA ARG B 263 -15.25 -58.41 46.39
C ARG B 263 -16.03 -58.28 47.70
N VAL B 264 -17.07 -59.10 47.85
CA VAL B 264 -17.92 -59.04 49.04
C VAL B 264 -17.45 -60.03 50.10
N ASP B 265 -17.12 -61.25 49.70
CA ASP B 265 -16.61 -62.27 50.62
C ASP B 265 -15.13 -62.53 50.35
N PRO B 266 -14.33 -62.75 51.39
CA PRO B 266 -12.89 -62.94 51.18
C PRO B 266 -12.55 -64.19 50.38
N ASN B 267 -13.56 -64.96 49.99
CA ASN B 267 -13.38 -66.17 49.19
C ASN B 267 -13.73 -65.98 47.73
N GLY B 268 -14.17 -64.79 47.34
CA GLY B 268 -14.48 -64.53 45.94
C GLY B 268 -15.73 -65.20 45.43
N SER B 269 -16.72 -65.44 46.29
CA SER B 269 -17.97 -66.03 45.86
C SER B 269 -18.99 -64.99 45.43
N ARG B 270 -18.90 -63.78 45.97
CA ARG B 270 -19.81 -62.69 45.64
C ARG B 270 -19.02 -61.48 45.16
N TYR B 271 -19.56 -60.79 44.15
CA TYR B 271 -18.93 -59.61 43.60
C TYR B 271 -20.00 -58.55 43.32
N LEU B 272 -19.66 -57.29 43.55
CA LEU B 272 -20.53 -56.17 43.27
C LEU B 272 -20.05 -55.47 42.00
N LEU B 273 -21.01 -55.13 41.12
CA LEU B 273 -20.69 -54.51 39.85
C LEU B 273 -21.54 -53.25 39.68
N GLY B 274 -20.89 -52.14 39.39
CA GLY B 274 -21.57 -50.89 39.10
C GLY B 274 -21.30 -50.46 37.67
N ASP B 275 -22.33 -49.92 37.03
CA ASP B 275 -22.25 -49.53 35.63
C ASP B 275 -22.23 -48.01 35.50
N MET B 276 -22.31 -47.53 34.25
CA MET B 276 -22.18 -46.11 33.94
C MET B 276 -23.43 -45.30 34.26
N GLU B 277 -24.52 -45.93 34.69
CA GLU B 277 -25.78 -45.22 34.88
C GLU B 277 -26.34 -45.35 36.29
N GLY B 278 -25.61 -45.98 37.21
CA GLY B 278 -26.04 -46.09 38.59
C GLY B 278 -26.56 -47.45 38.99
N ARG B 279 -26.72 -48.37 38.05
CA ARG B 279 -27.19 -49.71 38.38
C ARG B 279 -26.15 -50.43 39.24
N LEU B 280 -26.64 -51.32 40.10
CA LEU B 280 -25.80 -52.11 40.98
C LEU B 280 -26.15 -53.57 40.80
N PHE B 281 -25.17 -54.37 40.38
CA PHE B 281 -25.37 -55.79 40.14
C PHE B 281 -24.58 -56.60 41.16
N MET B 282 -25.00 -57.85 41.33
CA MET B 282 -24.30 -58.82 42.17
C MET B 282 -23.86 -59.98 41.30
N LEU B 283 -22.54 -60.20 41.23
CA LEU B 283 -21.97 -61.31 40.49
C LEU B 283 -21.72 -62.44 41.47
N LEU B 284 -22.53 -63.50 41.39
CA LEU B 284 -22.43 -64.64 42.27
C LEU B 284 -21.72 -65.78 41.54
N LEU B 285 -20.73 -66.38 42.19
CA LEU B 285 -20.01 -67.53 41.64
C LEU B 285 -20.60 -68.76 42.28
N GLU B 286 -21.52 -69.41 41.58
CA GLU B 286 -22.20 -70.60 42.10
C GLU B 286 -21.22 -71.76 42.16
N LYS B 287 -20.87 -72.18 43.38
CA LYS B 287 -19.92 -73.25 43.60
C LYS B 287 -20.64 -74.56 43.89
N GLU B 288 -19.98 -75.67 43.54
CA GLU B 288 -20.53 -77.01 43.73
C GLU B 288 -19.55 -77.81 44.58
N GLU B 289 -20.00 -78.25 45.75
CA GLU B 289 -19.15 -78.99 46.67
C GLU B 289 -19.05 -80.45 46.22
N GLN B 290 -17.82 -80.92 46.01
CA GLN B 290 -17.58 -82.29 45.59
C GLN B 290 -17.26 -83.16 46.80
N MET B 291 -17.04 -84.45 46.53
CA MET B 291 -16.92 -85.45 47.57
C MET B 291 -15.49 -85.70 48.02
N ASP B 292 -14.50 -85.25 47.26
CA ASP B 292 -13.10 -85.44 47.62
C ASP B 292 -12.49 -84.18 48.25
N GLY B 293 -13.33 -83.35 48.86
CA GLY B 293 -12.87 -82.14 49.50
C GLY B 293 -12.62 -80.97 48.58
N THR B 294 -12.85 -81.14 47.28
CA THR B 294 -12.67 -80.05 46.32
C THR B 294 -13.98 -79.31 46.08
N VAL B 295 -13.85 -78.05 45.71
CA VAL B 295 -14.99 -77.20 45.36
C VAL B 295 -14.75 -76.69 43.95
N THR B 296 -15.64 -77.05 43.03
CA THR B 296 -15.56 -76.60 41.65
C THR B 296 -16.46 -75.40 41.42
N LEU B 297 -16.23 -74.71 40.31
CA LEU B 297 -17.04 -73.57 39.91
C LEU B 297 -18.01 -74.03 38.83
N LYS B 298 -19.32 -73.92 39.12
CA LYS B 298 -20.33 -74.49 38.25
C LYS B 298 -20.85 -73.49 37.22
N ASP B 299 -21.18 -72.27 37.64
CA ASP B 299 -21.76 -71.29 36.74
C ASP B 299 -21.57 -69.90 37.33
N LEU B 300 -21.81 -68.89 36.49
CA LEU B 300 -21.80 -67.49 36.90
C LEU B 300 -23.20 -66.93 36.80
N ARG B 301 -23.59 -66.14 37.80
CA ARG B 301 -24.95 -65.60 37.89
C ARG B 301 -24.88 -64.12 38.24
N VAL B 302 -25.66 -63.31 37.53
CA VAL B 302 -25.72 -61.87 37.74
C VAL B 302 -27.16 -61.48 38.00
N GLU B 303 -27.40 -60.77 39.09
CA GLU B 303 -28.72 -60.25 39.43
C GLU B 303 -28.63 -58.76 39.68
N LEU B 304 -29.64 -58.02 39.22
CA LEU B 304 -29.69 -56.57 39.43
C LEU B 304 -30.16 -56.30 40.85
N LEU B 305 -29.34 -55.57 41.61
CA LEU B 305 -29.68 -55.25 42.99
C LEU B 305 -30.49 -53.97 43.09
N GLY B 306 -30.12 -52.94 42.33
CA GLY B 306 -30.88 -51.70 42.34
C GLY B 306 -30.05 -50.57 41.75
N GLU B 307 -30.45 -49.36 42.09
CA GLU B 307 -29.84 -48.14 41.57
C GLU B 307 -29.19 -47.35 42.68
N THR B 308 -28.00 -46.81 42.39
CA THR B 308 -27.31 -45.91 43.30
C THR B 308 -26.85 -44.69 42.52
N SER B 309 -26.08 -43.81 43.16
CA SER B 309 -25.42 -42.74 42.41
C SER B 309 -24.40 -43.33 41.47
N ILE B 310 -24.20 -42.67 40.32
CA ILE B 310 -23.28 -43.14 39.30
C ILE B 310 -21.92 -43.39 39.94
N ALA B 311 -21.60 -44.67 40.16
CA ALA B 311 -20.54 -45.08 41.06
C ALA B 311 -19.20 -45.10 40.33
N GLU B 312 -18.23 -44.34 40.84
CA GLU B 312 -16.86 -44.50 40.37
C GLU B 312 -16.16 -45.64 41.09
N CYS B 313 -16.45 -45.82 42.38
CA CYS B 313 -15.80 -46.85 43.19
C CYS B 313 -16.84 -47.46 44.13
N LEU B 314 -16.80 -48.79 44.26
CA LEU B 314 -17.65 -49.52 45.19
C LEU B 314 -16.78 -50.28 46.17
N THR B 315 -17.27 -50.38 47.41
CA THR B 315 -16.61 -51.20 48.41
C THR B 315 -17.64 -51.67 49.43
N TYR B 316 -17.62 -52.96 49.72
CA TYR B 316 -18.51 -53.55 50.72
C TYR B 316 -17.89 -53.40 52.10
N LEU B 317 -18.71 -52.99 53.06
CA LEU B 317 -18.23 -52.80 54.42
C LEU B 317 -18.56 -54.01 55.28
N ASP B 318 -19.75 -54.02 55.87
CA ASP B 318 -20.18 -55.11 56.73
C ASP B 318 -21.66 -54.94 57.02
N ASN B 319 -22.30 -56.05 57.39
CA ASN B 319 -23.73 -56.08 57.66
C ASN B 319 -24.54 -55.50 56.50
N GLY B 320 -24.19 -55.92 55.29
CA GLY B 320 -24.91 -55.50 54.10
C GLY B 320 -24.81 -54.03 53.78
N VAL B 321 -23.82 -53.33 54.31
CA VAL B 321 -23.63 -51.91 54.06
C VAL B 321 -22.51 -51.74 53.05
N VAL B 322 -22.79 -50.97 51.99
CA VAL B 322 -21.84 -50.72 50.92
C VAL B 322 -21.65 -49.22 50.77
N PHE B 323 -20.42 -48.79 50.53
CA PHE B 323 -20.11 -47.39 50.24
C PHE B 323 -20.02 -47.21 48.74
N VAL B 324 -20.88 -46.34 48.20
CA VAL B 324 -20.88 -46.01 46.77
C VAL B 324 -20.12 -44.71 46.60
N GLY B 325 -18.90 -44.80 46.07
CA GLY B 325 -18.11 -43.61 45.80
C GLY B 325 -18.39 -43.03 44.44
N SER B 326 -18.89 -41.80 44.40
CA SER B 326 -19.35 -41.17 43.17
C SER B 326 -18.52 -39.93 42.86
N ARG B 327 -18.17 -39.76 41.57
CA ARG B 327 -17.56 -38.53 41.09
C ARG B 327 -18.59 -37.55 40.57
N LEU B 328 -19.58 -38.05 39.82
CA LEU B 328 -20.58 -37.19 39.22
C LEU B 328 -21.56 -36.65 40.26
N GLY B 329 -22.06 -37.52 41.13
CA GLY B 329 -23.03 -37.11 42.12
C GLY B 329 -22.57 -37.35 43.55
N ASP B 330 -23.53 -37.38 44.47
CA ASP B 330 -23.21 -37.59 45.87
C ASP B 330 -22.82 -39.03 46.15
N SER B 331 -21.75 -39.22 46.92
CA SER B 331 -21.43 -40.53 47.45
C SER B 331 -22.37 -40.88 48.58
N GLN B 332 -22.56 -42.18 48.82
CA GLN B 332 -23.61 -42.61 49.73
C GLN B 332 -23.25 -43.94 50.38
N LEU B 333 -23.80 -44.15 51.57
CA LEU B 333 -23.84 -45.45 52.21
C LEU B 333 -25.19 -46.08 51.90
N VAL B 334 -25.18 -47.28 51.34
CA VAL B 334 -26.42 -47.98 51.00
C VAL B 334 -26.49 -49.29 51.77
N LYS B 335 -27.70 -49.70 52.09
CA LYS B 335 -27.96 -50.96 52.78
C LYS B 335 -28.64 -51.93 51.82
N LEU B 336 -28.16 -53.17 51.82
CA LEU B 336 -28.73 -54.24 51.02
C LEU B 336 -29.61 -55.13 51.87
N ASN B 337 -30.70 -55.63 51.29
CA ASN B 337 -31.65 -56.48 51.99
C ASN B 337 -31.66 -57.88 51.39
N VAL B 338 -32.11 -58.84 52.19
CA VAL B 338 -32.27 -60.21 51.69
C VAL B 338 -33.40 -60.26 50.68
N ASP B 339 -34.46 -59.49 50.90
CA ASP B 339 -35.63 -59.49 50.05
C ASP B 339 -35.78 -58.13 49.39
N SER B 340 -36.30 -58.12 48.17
CA SER B 340 -36.51 -56.87 47.47
C SER B 340 -37.69 -56.12 48.08
N ASN B 341 -37.68 -54.81 47.89
CA ASN B 341 -38.77 -53.94 48.34
C ASN B 341 -39.92 -53.96 47.34
N GLU B 342 -40.84 -53.00 47.45
CA GLU B 342 -42.00 -52.96 46.57
C GLU B 342 -41.65 -52.73 45.10
N GLN B 343 -40.47 -52.17 44.80
CA GLN B 343 -40.08 -51.91 43.42
C GLN B 343 -38.95 -52.81 42.95
N GLY B 344 -38.69 -53.91 43.66
CA GLY B 344 -37.69 -54.87 43.21
C GLY B 344 -36.26 -54.49 43.45
N SER B 345 -36.01 -53.52 44.34
CA SER B 345 -34.67 -53.03 44.62
C SER B 345 -34.23 -53.53 46.00
N TYR B 346 -33.08 -54.20 46.04
CA TYR B 346 -32.55 -54.61 47.34
C TYR B 346 -31.75 -53.50 48.01
N VAL B 347 -31.53 -52.37 47.34
CA VAL B 347 -30.70 -51.29 47.85
C VAL B 347 -31.61 -50.24 48.47
N VAL B 348 -31.25 -49.79 49.67
CA VAL B 348 -31.92 -48.68 50.34
C VAL B 348 -30.83 -47.75 50.87
N ALA B 349 -31.08 -46.45 50.79
CA ALA B 349 -30.09 -45.47 51.17
C ALA B 349 -30.00 -45.37 52.69
N MET B 350 -28.78 -45.12 53.18
CA MET B 350 -28.52 -44.90 54.59
C MET B 350 -28.05 -43.48 54.85
N GLU B 351 -26.94 -43.07 54.26
CA GLU B 351 -26.40 -41.73 54.42
C GLU B 351 -26.00 -41.20 53.05
N THR B 352 -26.06 -39.88 52.90
CA THR B 352 -25.64 -39.21 51.67
C THR B 352 -24.64 -38.11 52.01
N PHE B 353 -23.50 -38.11 51.32
CA PHE B 353 -22.47 -37.10 51.50
C PHE B 353 -22.47 -36.20 50.27
N THR B 354 -22.79 -34.92 50.47
CA THR B 354 -22.91 -33.99 49.35
C THR B 354 -21.59 -33.88 48.60
N ASN B 355 -21.66 -33.98 47.28
CA ASN B 355 -20.50 -33.85 46.40
C ASN B 355 -20.78 -32.72 45.42
N LEU B 356 -20.00 -31.63 45.55
CA LEU B 356 -20.21 -30.45 44.71
C LEU B 356 -19.72 -30.63 43.28
N GLY B 357 -18.94 -31.68 42.99
CA GLY B 357 -18.41 -31.88 41.67
C GLY B 357 -19.32 -32.68 40.78
N PRO B 358 -19.23 -32.47 39.46
CA PRO B 358 -18.38 -31.48 38.77
C PRO B 358 -19.05 -30.12 38.64
N ILE B 359 -18.39 -29.05 39.08
CA ILE B 359 -18.92 -27.70 38.92
C ILE B 359 -18.64 -27.25 37.49
N VAL B 360 -19.68 -27.20 36.65
CA VAL B 360 -19.53 -26.77 35.26
C VAL B 360 -19.89 -25.30 35.06
N ASP B 361 -20.49 -24.65 36.06
CA ASP B 361 -20.80 -23.22 36.01
C ASP B 361 -21.26 -22.79 37.39
N MET B 362 -21.07 -21.50 37.69
CA MET B 362 -21.45 -20.96 38.98
C MET B 362 -21.75 -19.47 38.82
N CYS B 363 -22.20 -18.85 39.91
CA CYS B 363 -22.50 -17.42 39.93
C CYS B 363 -22.65 -16.96 41.37
N VAL B 364 -22.16 -15.77 41.66
CA VAL B 364 -22.28 -15.16 42.98
C VAL B 364 -23.57 -14.35 43.01
N VAL B 365 -24.39 -14.57 44.03
CA VAL B 365 -25.69 -13.93 44.14
C VAL B 365 -25.84 -13.34 45.54
N ASP B 366 -26.44 -12.17 45.62
CA ASP B 366 -26.76 -11.53 46.90
C ASP B 366 -28.25 -11.75 47.18
N LEU B 367 -28.58 -12.99 47.54
CA LEU B 367 -29.97 -13.38 47.75
C LEU B 367 -30.61 -12.57 48.88
N GLU B 368 -30.04 -12.64 50.08
CA GLU B 368 -30.64 -12.01 51.25
C GLU B 368 -30.26 -10.55 51.40
N ARG B 369 -29.70 -9.95 50.34
CA ARG B 369 -29.46 -8.51 50.26
C ARG B 369 -28.50 -8.00 51.34
N GLN B 370 -28.08 -8.88 52.24
CA GLN B 370 -27.21 -8.49 53.33
C GLN B 370 -25.77 -8.25 52.90
N GLY B 371 -25.51 -8.21 51.59
CA GLY B 371 -24.13 -8.11 51.11
C GLY B 371 -23.24 -9.26 51.53
N GLN B 372 -23.80 -10.46 51.74
CA GLN B 372 -22.99 -11.60 52.18
C GLN B 372 -22.30 -12.27 51.00
N GLY B 373 -23.06 -12.62 49.96
CA GLY B 373 -22.50 -13.33 48.82
C GLY B 373 -22.74 -14.82 48.88
N GLN B 374 -23.46 -15.36 47.89
CA GLN B 374 -23.80 -16.77 47.85
C GLN B 374 -23.41 -17.35 46.50
N LEU B 375 -22.78 -18.53 46.52
CA LEU B 375 -22.38 -19.24 45.32
C LEU B 375 -23.44 -20.28 44.96
N VAL B 376 -23.96 -20.19 43.74
CA VAL B 376 -24.94 -21.14 43.23
C VAL B 376 -24.36 -21.77 41.96
N THR B 377 -24.12 -23.07 42.00
CA THR B 377 -23.38 -23.77 40.96
C THR B 377 -24.26 -24.79 40.25
N CYS B 378 -23.93 -25.04 38.98
CA CYS B 378 -24.43 -26.21 38.27
C CYS B 378 -23.46 -27.36 38.51
N SER B 379 -23.95 -28.41 39.16
CA SER B 379 -23.12 -29.54 39.56
C SER B 379 -23.77 -30.83 39.15
N GLY B 380 -22.97 -31.89 39.11
CA GLY B 380 -23.46 -33.20 38.73
C GLY B 380 -23.61 -33.36 37.24
N ALA B 381 -23.82 -34.62 36.84
CA ALA B 381 -24.02 -34.96 35.45
C ALA B 381 -25.11 -36.01 35.34
N PHE B 382 -25.93 -35.91 34.29
CA PHE B 382 -27.01 -36.86 34.01
C PHE B 382 -27.97 -36.84 35.19
N LYS B 383 -28.40 -37.99 35.72
CA LYS B 383 -29.39 -38.01 36.79
C LYS B 383 -28.86 -37.42 38.10
N GLU B 384 -27.56 -37.20 38.22
CA GLU B 384 -26.97 -36.61 39.42
C GLU B 384 -26.90 -35.09 39.36
N GLY B 385 -27.40 -34.48 38.29
CA GLY B 385 -27.31 -33.03 38.17
C GLY B 385 -28.09 -32.33 39.28
N SER B 386 -27.54 -31.22 39.74
CA SER B 386 -28.12 -30.50 40.87
C SER B 386 -27.57 -29.09 40.90
N LEU B 387 -28.33 -28.20 41.54
CA LEU B 387 -27.82 -26.89 41.93
C LEU B 387 -27.41 -26.94 43.40
N ARG B 388 -26.32 -26.25 43.73
CA ARG B 388 -25.80 -26.23 45.09
C ARG B 388 -25.64 -24.79 45.53
N ILE B 389 -26.34 -24.43 46.61
CA ILE B 389 -26.32 -23.07 47.15
C ILE B 389 -25.38 -23.09 48.34
N ILE B 390 -24.20 -22.50 48.17
CA ILE B 390 -23.12 -22.59 49.14
C ILE B 390 -23.04 -21.29 49.93
N ARG B 391 -22.97 -21.39 51.25
CA ARG B 391 -22.98 -20.22 52.12
C ARG B 391 -21.79 -20.20 53.07
N ASN B 392 -21.83 -19.31 54.06
CA ASN B 392 -20.78 -19.24 55.07
C ASN B 392 -21.31 -19.69 56.43
N LEU B 406 -19.18 -24.21 56.02
CA LEU B 406 -19.98 -23.81 54.86
C LEU B 406 -21.31 -24.57 54.85
N HIS B 407 -22.40 -23.84 54.62
CA HIS B 407 -23.74 -24.42 54.55
C HIS B 407 -24.13 -24.60 53.09
N ILE B 408 -24.39 -25.85 52.70
CA ILE B 408 -24.70 -26.20 51.32
C ILE B 408 -26.13 -26.69 51.25
N ARG B 409 -26.92 -26.06 50.38
CA ARG B 409 -28.26 -26.52 50.06
C ARG B 409 -28.24 -27.20 48.70
N THR B 410 -29.02 -28.26 48.56
CA THR B 410 -29.04 -29.08 47.36
C THR B 410 -30.39 -29.02 46.68
N VAL B 411 -30.39 -28.66 45.40
CA VAL B 411 -31.61 -28.67 44.59
C VAL B 411 -31.42 -29.67 43.45
N PRO B 412 -31.84 -30.92 43.62
CA PRO B 412 -31.67 -31.91 42.55
C PRO B 412 -32.51 -31.58 41.33
N LEU B 413 -31.97 -31.91 40.15
CA LEU B 413 -32.65 -31.70 38.89
C LEU B 413 -32.83 -32.96 38.06
N TYR B 414 -32.11 -34.04 38.37
CA TYR B 414 -32.21 -35.31 37.66
C TYR B 414 -31.88 -35.19 36.18
N GLU B 415 -31.22 -34.10 35.80
CA GLU B 415 -30.68 -33.92 34.45
C GLU B 415 -29.45 -33.05 34.57
N SER B 416 -28.72 -32.92 33.46
CA SER B 416 -27.44 -32.22 33.49
C SER B 416 -27.65 -30.72 33.37
N PRO B 417 -27.31 -29.93 34.38
CA PRO B 417 -27.33 -28.47 34.22
C PRO B 417 -26.02 -27.95 33.66
N ARG B 418 -26.09 -27.06 32.68
CA ARG B 418 -24.91 -26.59 31.97
C ARG B 418 -24.51 -25.18 32.38
N LYS B 419 -25.42 -24.20 32.24
CA LYS B 419 -25.10 -22.82 32.53
C LYS B 419 -26.14 -22.23 33.48
N ILE B 420 -25.74 -21.20 34.21
CA ILE B 420 -26.61 -20.53 35.18
C ILE B 420 -26.37 -19.03 35.12
N CYS B 421 -27.44 -18.28 35.37
CA CYS B 421 -27.35 -16.84 35.51
C CYS B 421 -28.53 -16.37 36.36
N TYR B 422 -28.29 -15.34 37.17
CA TYR B 422 -29.30 -14.85 38.09
C TYR B 422 -29.87 -13.53 37.59
N GLN B 423 -31.19 -13.47 37.49
CA GLN B 423 -31.91 -12.27 37.08
C GLN B 423 -32.69 -11.77 38.29
N GLU B 424 -32.19 -10.71 38.92
CA GLU B 424 -32.75 -10.25 40.19
C GLU B 424 -34.16 -9.69 40.01
N VAL B 425 -34.41 -9.00 38.89
CA VAL B 425 -35.70 -8.36 38.69
C VAL B 425 -36.83 -9.38 38.72
N SER B 426 -36.61 -10.54 38.10
CA SER B 426 -37.59 -11.63 38.16
C SER B 426 -37.51 -12.43 39.45
N GLN B 427 -36.56 -12.12 40.33
CA GLN B 427 -36.29 -12.91 41.53
C GLN B 427 -36.16 -14.39 41.17
N CYS B 428 -35.31 -14.66 40.18
CA CYS B 428 -35.30 -15.96 39.55
C CYS B 428 -33.91 -16.28 39.03
N PHE B 429 -33.66 -17.58 38.82
CA PHE B 429 -32.45 -18.09 38.21
C PHE B 429 -32.75 -18.64 36.83
N GLY B 430 -31.89 -18.31 35.86
CA GLY B 430 -31.95 -18.89 34.54
C GLY B 430 -30.87 -19.94 34.40
N VAL B 431 -31.27 -21.15 34.05
CA VAL B 431 -30.36 -22.29 34.01
C VAL B 431 -30.50 -23.00 32.67
N LEU B 432 -29.38 -23.14 31.96
CA LEU B 432 -29.34 -24.00 30.78
C LEU B 432 -29.10 -25.45 31.20
N SER B 433 -29.78 -26.37 30.52
CA SER B 433 -29.69 -27.77 30.88
C SER B 433 -29.90 -28.64 29.65
N SER B 434 -29.49 -29.90 29.77
CA SER B 434 -29.67 -30.89 28.71
C SER B 434 -30.16 -32.19 29.34
N ARG B 435 -31.08 -32.86 28.65
CA ARG B 435 -31.66 -34.11 29.13
C ARG B 435 -31.49 -35.18 28.05
N ILE B 436 -31.09 -36.37 28.47
CA ILE B 436 -30.82 -37.47 27.56
C ILE B 436 -32.11 -38.26 27.32
N GLU B 437 -32.45 -38.45 26.05
CA GLU B 437 -33.62 -39.25 25.68
C GLU B 437 -33.23 -40.35 24.70
N GLY B 444 -39.68 -40.21 17.33
CA GLY B 444 -40.19 -40.23 18.68
C GLY B 444 -39.15 -40.65 19.71
N THR B 445 -38.84 -39.73 20.63
CA THR B 445 -37.86 -39.97 21.69
C THR B 445 -38.52 -39.68 23.02
N THR B 446 -38.38 -40.61 23.97
CA THR B 446 -38.99 -40.50 25.29
C THR B 446 -37.91 -40.34 26.36
N ALA B 447 -38.26 -39.59 27.41
CA ALA B 447 -37.33 -39.37 28.50
C ALA B 447 -37.09 -40.65 29.28
N LEU B 448 -35.86 -40.80 29.80
CA LEU B 448 -35.53 -41.97 30.60
C LEU B 448 -36.03 -41.85 32.03
N ARG B 449 -36.35 -40.66 32.50
CA ARG B 449 -36.80 -40.43 33.86
C ARG B 449 -37.40 -39.02 33.94
N PRO B 450 -38.28 -38.78 34.90
CA PRO B 450 -38.79 -37.41 35.11
C PRO B 450 -37.67 -36.50 35.57
N SER B 451 -37.45 -35.41 34.82
CA SER B 451 -36.37 -34.48 35.07
C SER B 451 -36.94 -33.07 35.25
N ALA B 452 -36.05 -32.12 35.55
CA ALA B 452 -36.48 -30.74 35.80
C ALA B 452 -37.22 -30.16 34.61
N SER B 453 -36.81 -30.53 33.40
CA SER B 453 -37.50 -30.02 32.21
C SER B 453 -38.89 -30.63 32.09
N THR B 454 -39.04 -31.91 32.39
CA THR B 454 -40.33 -32.58 32.27
C THR B 454 -41.30 -32.24 33.40
N GLN B 455 -40.82 -31.63 34.49
CA GLN B 455 -41.66 -31.37 35.65
C GLN B 455 -41.83 -29.87 35.91
N ALA B 456 -41.65 -29.04 34.88
CA ALA B 456 -41.83 -27.61 35.04
C ALA B 456 -43.31 -27.28 35.21
N LEU B 457 -43.57 -26.13 35.85
CA LEU B 457 -44.94 -25.67 36.03
C LEU B 457 -45.56 -25.23 34.70
N SER B 458 -44.77 -24.63 33.82
CA SER B 458 -45.18 -24.32 32.46
C SER B 458 -44.09 -24.79 31.50
N SER B 459 -44.50 -25.15 30.28
CA SER B 459 -43.57 -25.72 29.31
C SER B 459 -43.86 -25.14 27.94
N SER B 460 -42.82 -24.61 27.29
CA SER B 460 -42.92 -24.09 25.94
C SER B 460 -41.88 -24.75 25.05
N VAL B 461 -42.18 -24.75 23.74
CA VAL B 461 -41.26 -25.26 22.72
C VAL B 461 -41.03 -24.14 21.71
N SER B 462 -39.79 -24.03 21.22
CA SER B 462 -39.42 -22.93 20.35
C SER B 462 -39.82 -23.20 18.90
N SER B 463 -40.24 -22.15 18.22
CA SER B 463 -40.53 -22.18 16.80
C SER B 463 -39.69 -21.11 16.12
N SER B 464 -39.11 -21.44 14.97
CA SER B 464 -38.19 -20.51 14.32
C SER B 464 -38.28 -20.57 12.80
N LYS B 465 -38.14 -21.78 12.24
CA LYS B 465 -38.13 -22.01 10.80
C LYS B 465 -36.95 -21.33 10.12
N LEU B 466 -36.15 -20.60 10.90
CA LEU B 466 -34.93 -20.00 10.36
C LEU B 466 -33.93 -21.06 9.91
N PHE B 467 -34.00 -22.25 10.50
CA PHE B 467 -33.14 -23.36 10.11
C PHE B 467 -33.96 -24.56 9.68
N GLU B 480 -30.42 -45.35 19.99
CA GLU B 480 -29.41 -44.31 20.12
C GLU B 480 -29.83 -43.25 21.14
N GLU B 481 -28.90 -42.37 21.48
CA GLU B 481 -29.12 -41.31 22.45
C GLU B 481 -29.15 -39.96 21.76
N VAL B 482 -29.95 -39.04 22.32
CA VAL B 482 -30.06 -37.68 21.80
C VAL B 482 -30.17 -36.72 22.97
N GLU B 483 -29.65 -35.51 22.76
CA GLU B 483 -29.65 -34.47 23.77
C GLU B 483 -30.73 -33.44 23.46
N VAL B 484 -31.53 -33.12 24.48
CA VAL B 484 -32.57 -32.11 24.37
C VAL B 484 -32.22 -30.99 25.35
N HIS B 485 -32.01 -29.79 24.83
CA HIS B 485 -31.58 -28.66 25.64
C HIS B 485 -32.78 -27.81 26.03
N ASN B 486 -32.77 -27.30 27.26
CA ASN B 486 -33.84 -26.48 27.77
C ASN B 486 -33.27 -25.33 28.59
N LEU B 487 -33.99 -24.21 28.58
CA LEU B 487 -33.74 -23.10 29.49
C LEU B 487 -34.74 -23.22 30.63
N LEU B 488 -34.23 -23.47 31.84
CA LEU B 488 -35.07 -23.66 33.01
C LEU B 488 -35.13 -22.38 33.83
N ILE B 489 -36.34 -21.95 34.16
CA ILE B 489 -36.58 -20.76 34.95
C ILE B 489 -36.83 -21.23 36.38
N ILE B 490 -35.85 -21.03 37.26
CA ILE B 490 -35.84 -21.62 38.60
C ILE B 490 -36.00 -20.51 39.64
N ASP B 491 -37.01 -20.64 40.49
CA ASP B 491 -37.31 -19.64 41.51
C ASP B 491 -36.15 -19.48 42.48
N GLN B 492 -35.87 -18.23 42.87
CA GLN B 492 -34.78 -17.94 43.79
C GLN B 492 -35.11 -18.26 45.24
N HIS B 493 -36.37 -18.53 45.56
CA HIS B 493 -36.78 -18.84 46.92
C HIS B 493 -37.13 -20.32 47.10
N THR B 494 -38.07 -20.83 46.31
CA THR B 494 -38.47 -22.22 46.41
C THR B 494 -37.62 -23.15 45.57
N PHE B 495 -36.96 -22.64 44.53
CA PHE B 495 -36.14 -23.43 43.63
C PHE B 495 -36.98 -24.50 42.92
N GLU B 496 -38.14 -24.08 42.44
CA GLU B 496 -39.00 -24.92 41.61
C GLU B 496 -38.98 -24.40 40.18
N VAL B 497 -38.85 -25.32 39.22
CA VAL B 497 -38.76 -24.97 37.81
C VAL B 497 -40.08 -24.39 37.33
N LEU B 498 -40.18 -23.06 37.29
CA LEU B 498 -41.43 -22.43 36.86
C LEU B 498 -41.70 -22.65 35.39
N HIS B 499 -40.65 -22.71 34.56
CA HIS B 499 -40.84 -22.85 33.13
C HIS B 499 -39.67 -23.61 32.53
N ALA B 500 -39.98 -24.40 31.50
CA ALA B 500 -38.98 -25.13 30.74
C ALA B 500 -39.23 -24.85 29.26
N HIS B 501 -38.27 -24.18 28.62
CA HIS B 501 -38.36 -23.85 27.20
C HIS B 501 -37.49 -24.84 26.43
N GLN B 502 -38.12 -25.71 25.64
CA GLN B 502 -37.39 -26.66 24.83
C GLN B 502 -36.90 -26.00 23.55
N PHE B 503 -35.61 -26.12 23.29
CA PHE B 503 -35.00 -25.51 22.12
C PHE B 503 -35.30 -26.35 20.87
N LEU B 504 -34.79 -25.88 19.73
CA LEU B 504 -35.06 -26.53 18.45
C LEU B 504 -34.45 -27.94 18.42
N GLN B 505 -34.99 -28.77 17.54
CA GLN B 505 -34.40 -30.08 17.29
C GLN B 505 -33.04 -29.90 16.64
N ASN B 506 -32.05 -30.65 17.13
CA ASN B 506 -30.65 -30.56 16.73
C ASN B 506 -30.00 -29.25 17.14
N GLU B 507 -30.66 -28.46 17.99
CA GLU B 507 -30.09 -27.22 18.49
C GLU B 507 -29.34 -27.46 19.79
N TYR B 508 -28.12 -26.93 19.89
CA TYR B 508 -27.28 -27.07 21.06
C TYR B 508 -27.13 -25.71 21.71
N ALA B 509 -27.68 -25.55 22.91
CA ALA B 509 -27.56 -24.29 23.63
C ALA B 509 -26.17 -24.18 24.25
N LEU B 510 -25.49 -23.07 23.96
CA LEU B 510 -24.10 -22.87 24.39
C LEU B 510 -23.93 -21.74 25.40
N SER B 511 -24.60 -20.60 25.20
CA SER B 511 -24.41 -19.44 26.05
C SER B 511 -25.73 -19.00 26.66
N LEU B 512 -25.62 -18.25 27.77
CA LEU B 512 -26.77 -17.71 28.47
C LEU B 512 -26.35 -16.44 29.18
N VAL B 513 -27.17 -15.40 29.07
CA VAL B 513 -26.83 -14.08 29.62
C VAL B 513 -28.12 -13.42 30.08
N SER B 514 -28.06 -12.79 31.26
CA SER B 514 -29.14 -11.97 31.77
C SER B 514 -28.65 -10.53 31.87
N CYS B 515 -29.34 -9.62 31.17
CA CYS B 515 -28.86 -8.24 31.10
C CYS B 515 -29.97 -7.35 30.56
N LYS B 516 -29.79 -6.05 30.76
CA LYS B 516 -30.57 -5.03 30.09
C LYS B 516 -29.80 -4.54 28.87
N LEU B 517 -30.51 -4.26 27.79
CA LEU B 517 -29.90 -3.97 26.49
C LEU B 517 -30.34 -2.60 26.00
N GLY B 518 -29.37 -1.70 25.86
CA GLY B 518 -29.64 -0.42 25.22
C GLY B 518 -30.58 0.44 26.03
N LYS B 519 -31.63 0.93 25.38
CA LYS B 519 -32.64 1.77 26.02
C LYS B 519 -33.80 0.97 26.59
N ASP B 520 -33.87 -0.32 26.33
CA ASP B 520 -34.95 -1.14 26.86
C ASP B 520 -34.84 -1.23 28.38
N PRO B 521 -35.90 -0.91 29.12
CA PRO B 521 -35.85 -1.05 30.58
C PRO B 521 -36.14 -2.47 31.07
N ASN B 522 -36.52 -3.38 30.19
CA ASN B 522 -36.75 -4.77 30.57
C ASN B 522 -35.43 -5.54 30.63
N THR B 523 -35.30 -6.39 31.64
CA THR B 523 -34.17 -7.31 31.74
C THR B 523 -34.53 -8.63 31.07
N TYR B 524 -33.64 -9.13 30.22
CA TYR B 524 -33.94 -10.29 29.40
C TYR B 524 -32.99 -11.44 29.70
N PHE B 525 -33.42 -12.64 29.30
CA PHE B 525 -32.55 -13.81 29.23
C PHE B 525 -32.13 -13.99 27.78
N ILE B 526 -30.82 -13.98 27.54
CA ILE B 526 -30.26 -14.13 26.20
C ILE B 526 -29.59 -15.48 26.11
N VAL B 527 -29.84 -16.22 25.04
CA VAL B 527 -29.29 -17.56 24.84
C VAL B 527 -28.64 -17.62 23.47
N GLY B 528 -27.38 -18.03 23.42
CA GLY B 528 -26.67 -18.28 22.18
C GLY B 528 -26.53 -19.79 21.95
N THR B 529 -26.97 -20.23 20.78
CA THR B 529 -27.03 -21.66 20.46
C THR B 529 -26.18 -21.96 19.22
N ALA B 530 -26.16 -23.24 18.86
CA ALA B 530 -25.49 -23.71 17.66
C ALA B 530 -26.30 -24.87 17.07
N MET B 531 -26.27 -24.98 15.75
CA MET B 531 -26.93 -26.06 15.04
C MET B 531 -25.90 -27.16 14.79
N VAL B 532 -25.96 -28.22 15.59
CA VAL B 532 -25.04 -29.34 15.48
C VAL B 532 -25.72 -30.47 14.73
N TYR B 533 -25.07 -30.97 13.69
CA TYR B 533 -25.53 -32.11 12.92
C TYR B 533 -24.38 -33.11 12.81
N PRO B 534 -24.62 -34.38 13.12
CA PRO B 534 -23.51 -35.37 13.11
C PRO B 534 -22.75 -35.44 11.79
N GLU B 535 -23.29 -34.89 10.70
CA GLU B 535 -22.59 -34.92 9.43
C GLU B 535 -21.60 -33.78 9.26
N GLU B 536 -21.93 -32.60 9.79
CA GLU B 536 -21.07 -31.42 9.67
C GLU B 536 -20.19 -31.30 10.90
N ALA B 537 -18.87 -31.22 10.68
CA ALA B 537 -17.93 -31.09 11.79
C ALA B 537 -18.04 -29.73 12.46
N GLU B 538 -17.79 -28.66 11.70
CA GLU B 538 -17.86 -27.32 12.28
C GLU B 538 -19.27 -26.75 12.10
N PRO B 539 -19.78 -26.05 13.12
CA PRO B 539 -21.13 -25.48 13.01
C PRO B 539 -21.13 -24.29 12.05
N LYS B 540 -22.13 -24.27 11.17
CA LYS B 540 -22.27 -23.21 10.17
C LYS B 540 -23.49 -22.34 10.40
N GLN B 541 -24.26 -22.60 11.45
CA GLN B 541 -25.47 -21.84 11.72
C GLN B 541 -25.75 -21.87 13.21
N GLY B 542 -26.28 -20.75 13.73
CA GLY B 542 -26.59 -20.65 15.15
C GLY B 542 -27.62 -19.56 15.37
N ARG B 543 -28.09 -19.49 16.63
CA ARG B 543 -29.14 -18.56 17.00
C ARG B 543 -28.74 -17.77 18.22
N ILE B 544 -29.22 -16.53 18.28
CA ILE B 544 -29.17 -15.69 19.48
C ILE B 544 -30.60 -15.30 19.79
N VAL B 545 -31.17 -15.89 20.84
CA VAL B 545 -32.58 -15.74 21.15
C VAL B 545 -32.72 -14.86 22.40
N VAL B 546 -33.66 -13.93 22.34
CA VAL B 546 -33.94 -13.01 23.44
C VAL B 546 -35.23 -13.44 24.12
N PHE B 547 -35.12 -13.82 25.39
CA PHE B 547 -36.24 -14.31 26.18
C PHE B 547 -36.62 -13.31 27.26
N GLN B 548 -37.86 -13.41 27.72
CA GLN B 548 -38.36 -12.60 28.83
C GLN B 548 -39.31 -13.43 29.67
N TYR B 549 -39.12 -13.41 30.99
CA TYR B 549 -40.02 -14.07 31.93
C TYR B 549 -40.75 -12.98 32.71
N SER B 550 -42.00 -12.72 32.33
CA SER B 550 -42.81 -11.67 32.92
C SER B 550 -43.90 -12.20 33.84
N ASP B 551 -44.75 -13.11 33.33
CA ASP B 551 -45.82 -13.66 34.14
C ASP B 551 -45.46 -15.07 34.61
N GLY B 552 -45.74 -16.08 33.80
CA GLY B 552 -45.38 -17.43 34.15
C GLY B 552 -44.80 -18.23 32.99
N LYS B 553 -44.62 -17.56 31.85
CA LYS B 553 -44.09 -18.17 30.64
C LYS B 553 -42.94 -17.34 30.10
N LEU B 554 -42.28 -17.87 29.08
CA LEU B 554 -41.16 -17.21 28.43
C LEU B 554 -41.61 -16.76 27.04
N GLN B 555 -41.49 -15.45 26.79
CA GLN B 555 -41.80 -14.89 25.48
C GLN B 555 -40.52 -14.65 24.71
N THR B 556 -40.51 -15.07 23.44
CA THR B 556 -39.35 -14.89 22.57
C THR B 556 -39.43 -13.50 21.96
N VAL B 557 -38.64 -12.58 22.50
CA VAL B 557 -38.65 -11.19 22.02
C VAL B 557 -37.59 -11.11 20.91
N ALA B 558 -37.97 -11.59 19.72
CA ALA B 558 -37.15 -11.55 18.52
C ALA B 558 -35.92 -12.45 18.62
N GLU B 559 -35.34 -12.78 17.47
CA GLU B 559 -34.17 -13.64 17.41
C GLU B 559 -33.27 -13.15 16.28
N LYS B 560 -32.05 -13.70 16.22
CA LYS B 560 -31.09 -13.35 15.19
C LYS B 560 -30.33 -14.58 14.76
N GLU B 561 -30.30 -14.82 13.45
CA GLU B 561 -29.57 -15.94 12.88
C GLU B 561 -28.13 -15.54 12.60
N VAL B 562 -27.19 -16.39 13.00
CA VAL B 562 -25.77 -16.19 12.74
C VAL B 562 -25.23 -17.43 12.04
N LYS B 563 -24.15 -17.24 11.28
CA LYS B 563 -23.56 -18.30 10.48
C LYS B 563 -22.51 -19.10 11.24
N GLY B 564 -22.73 -19.36 12.52
CA GLY B 564 -21.77 -20.11 13.29
C GLY B 564 -22.29 -20.41 14.68
N ALA B 565 -21.39 -20.95 15.50
CA ALA B 565 -21.72 -21.33 16.87
C ALA B 565 -21.51 -20.14 17.80
N VAL B 566 -22.54 -19.79 18.57
CA VAL B 566 -22.44 -18.73 19.55
C VAL B 566 -21.82 -19.29 20.82
N TYR B 567 -20.49 -19.24 20.90
CA TYR B 567 -19.79 -19.90 22.00
C TYR B 567 -19.94 -19.13 23.31
N SER B 568 -19.87 -17.81 23.27
CA SER B 568 -19.93 -17.01 24.49
C SER B 568 -20.58 -15.66 24.21
N MET B 569 -21.24 -15.12 25.22
CA MET B 569 -21.84 -13.80 25.18
C MET B 569 -21.60 -13.08 26.49
N VAL B 570 -21.42 -11.76 26.41
CA VAL B 570 -21.22 -10.92 27.57
C VAL B 570 -21.90 -9.57 27.32
N GLU B 571 -22.49 -9.00 28.36
CA GLU B 571 -23.01 -7.64 28.27
C GLU B 571 -21.86 -6.65 28.18
N PHE B 572 -21.95 -5.71 27.23
CA PHE B 572 -20.87 -4.75 26.95
C PHE B 572 -21.45 -3.34 26.92
N ASN B 573 -21.66 -2.77 28.11
CA ASN B 573 -22.14 -1.40 28.27
C ASN B 573 -23.41 -1.16 27.45
N GLY B 574 -24.49 -1.82 27.90
CA GLY B 574 -25.75 -1.75 27.20
C GLY B 574 -25.79 -2.45 25.86
N LYS B 575 -24.69 -3.06 25.43
CA LYS B 575 -24.62 -3.81 24.18
C LYS B 575 -24.25 -5.27 24.47
N LEU B 576 -24.49 -6.13 23.49
CA LEU B 576 -24.26 -7.56 23.63
C LEU B 576 -23.07 -7.99 22.77
N LEU B 577 -21.99 -8.38 23.43
CA LEU B 577 -20.87 -9.00 22.76
C LEU B 577 -21.11 -10.50 22.57
N ALA B 578 -20.60 -11.04 21.48
CA ALA B 578 -20.84 -12.42 21.15
C ALA B 578 -19.66 -12.99 20.37
N SER B 579 -19.54 -14.31 20.44
CA SER B 579 -18.62 -15.10 19.63
C SER B 579 -19.41 -15.90 18.62
N ILE B 580 -18.98 -15.87 17.36
CA ILE B 580 -19.51 -16.70 16.30
C ILE B 580 -18.29 -17.36 15.67
N ASN B 581 -18.02 -18.60 16.07
CA ASN B 581 -16.83 -19.32 15.65
C ASN B 581 -15.56 -18.53 15.96
N SER B 582 -14.98 -17.91 14.93
CA SER B 582 -13.76 -17.12 15.09
C SER B 582 -14.03 -15.62 15.09
N THR B 583 -15.29 -15.20 15.16
CA THR B 583 -15.69 -13.81 15.02
C THR B 583 -16.20 -13.28 16.35
N VAL B 584 -15.62 -12.17 16.80
CA VAL B 584 -16.14 -11.40 17.92
C VAL B 584 -16.96 -10.25 17.36
N ARG B 585 -18.18 -10.09 17.86
CA ARG B 585 -19.13 -9.15 17.27
C ARG B 585 -19.89 -8.42 18.36
N LEU B 586 -20.01 -7.10 18.21
CA LEU B 586 -20.75 -6.27 19.15
C LEU B 586 -22.13 -5.97 18.57
N TYR B 587 -23.17 -6.37 19.30
CA TYR B 587 -24.54 -6.19 18.88
C TYR B 587 -25.18 -5.03 19.64
N GLU B 588 -26.09 -4.32 18.97
CA GLU B 588 -26.80 -3.20 19.56
C GLU B 588 -28.29 -3.51 19.63
N TRP B 589 -28.94 -2.98 20.67
CA TRP B 589 -30.38 -3.16 20.88
C TRP B 589 -31.10 -1.90 20.39
N THR B 590 -31.80 -2.03 19.27
CA THR B 590 -32.51 -0.91 18.67
C THR B 590 -33.81 -0.63 19.44
N THR B 591 -34.57 0.35 18.95
CA THR B 591 -35.88 0.63 19.52
C THR B 591 -36.94 -0.35 19.02
N GLU B 592 -36.68 -1.03 17.91
CA GLU B 592 -37.57 -2.07 17.41
C GLU B 592 -37.42 -3.38 18.16
N LYS B 593 -36.68 -3.39 19.26
CA LYS B 593 -36.41 -4.60 20.04
C LYS B 593 -35.81 -5.69 19.16
N GLU B 594 -34.72 -5.33 18.48
CA GLU B 594 -34.02 -6.24 17.58
C GLU B 594 -32.53 -6.01 17.72
N LEU B 595 -31.75 -6.97 17.22
CA LEU B 595 -30.30 -6.94 17.33
C LEU B 595 -29.71 -6.50 15.99
N ARG B 596 -28.85 -5.49 16.03
CA ARG B 596 -28.21 -4.95 14.83
C ARG B 596 -26.70 -4.98 15.02
N THR B 597 -26.00 -5.57 14.05
CA THR B 597 -24.55 -5.67 14.12
C THR B 597 -23.90 -4.29 14.05
N GLU B 598 -23.02 -3.99 15.00
CA GLU B 598 -22.27 -2.73 15.00
C GLU B 598 -20.92 -2.90 14.32
N CYS B 599 -20.02 -3.65 14.93
CA CYS B 599 -18.68 -3.86 14.39
C CYS B 599 -18.27 -5.31 14.61
N ASN B 600 -17.42 -5.80 13.71
CA ASN B 600 -16.86 -7.15 13.79
C ASN B 600 -15.36 -7.09 14.00
N HIS B 601 -14.80 -8.23 14.40
CA HIS B 601 -13.36 -8.41 14.46
C HIS B 601 -13.08 -9.88 14.20
N TYR B 602 -12.46 -10.18 13.06
CA TYR B 602 -12.21 -11.56 12.65
C TYR B 602 -10.87 -12.02 13.19
N ASN B 603 -10.88 -13.14 13.91
CA ASN B 603 -9.69 -13.69 14.53
C ASN B 603 -9.21 -14.92 13.77
N ASN B 604 -7.92 -15.22 13.90
CA ASN B 604 -7.33 -16.44 13.38
C ASN B 604 -7.36 -17.58 14.39
N ILE B 605 -8.03 -17.37 15.53
CA ILE B 605 -8.27 -18.41 16.52
C ILE B 605 -9.77 -18.47 16.79
N MET B 606 -10.19 -19.62 17.31
CA MET B 606 -11.61 -19.84 17.59
C MET B 606 -12.00 -19.09 18.87
N ALA B 607 -12.83 -18.07 18.73
CA ALA B 607 -13.21 -17.26 19.88
C ALA B 607 -14.09 -18.08 20.81
N LEU B 608 -13.46 -18.83 21.72
CA LEU B 608 -14.18 -19.72 22.61
C LEU B 608 -14.50 -19.06 23.95
N TYR B 609 -13.51 -18.43 24.57
CA TYR B 609 -13.68 -17.74 25.83
C TYR B 609 -13.79 -16.24 25.59
N LEU B 610 -14.71 -15.60 26.29
CA LEU B 610 -14.98 -14.17 26.09
C LEU B 610 -15.20 -13.53 27.45
N LYS B 611 -14.30 -12.64 27.85
CA LYS B 611 -14.41 -11.89 29.09
C LYS B 611 -14.06 -10.44 28.84
N THR B 612 -14.79 -9.52 29.46
CA THR B 612 -14.59 -8.10 29.25
C THR B 612 -14.43 -7.39 30.59
N LYS B 613 -13.74 -6.26 30.55
CA LYS B 613 -13.64 -5.34 31.68
C LYS B 613 -13.53 -3.94 31.11
N GLY B 614 -14.57 -3.13 31.31
CA GLY B 614 -14.62 -1.82 30.69
C GLY B 614 -14.73 -1.95 29.17
N ASP B 615 -13.77 -1.37 28.45
CA ASP B 615 -13.71 -1.50 27.00
C ASP B 615 -12.69 -2.54 26.54
N PHE B 616 -12.05 -3.25 27.48
CA PHE B 616 -11.11 -4.31 27.13
C PHE B 616 -11.85 -5.62 26.96
N ILE B 617 -11.40 -6.43 26.01
CA ILE B 617 -12.07 -7.68 25.66
C ILE B 617 -11.01 -8.77 25.59
N LEU B 618 -11.17 -9.80 26.41
CA LEU B 618 -10.26 -10.94 26.43
C LEU B 618 -10.88 -12.08 25.64
N VAL B 619 -10.11 -12.64 24.71
CA VAL B 619 -10.56 -13.73 23.85
C VAL B 619 -9.56 -14.87 23.99
N GLY B 620 -10.07 -16.10 23.99
CA GLY B 620 -9.21 -17.27 24.09
C GLY B 620 -9.86 -18.48 23.47
N ASP B 621 -9.02 -19.39 22.96
CA ASP B 621 -9.47 -20.64 22.39
C ASP B 621 -9.05 -21.80 23.29
N LEU B 622 -9.39 -23.02 22.87
CA LEU B 622 -9.07 -24.20 23.65
C LEU B 622 -7.57 -24.47 23.75
N MET B 623 -6.76 -23.83 22.92
CA MET B 623 -5.32 -24.11 22.85
C MET B 623 -4.49 -22.95 23.43
N ARG B 624 -5.00 -22.34 24.50
CA ARG B 624 -4.27 -21.35 25.30
C ARG B 624 -3.83 -20.13 24.48
N SER B 625 -4.45 -19.88 23.34
CA SER B 625 -4.18 -18.66 22.59
C SER B 625 -4.96 -17.52 23.22
N VAL B 626 -4.24 -16.52 23.73
CA VAL B 626 -4.83 -15.41 24.47
C VAL B 626 -4.76 -14.17 23.59
N LEU B 627 -5.90 -13.49 23.47
CA LEU B 627 -6.02 -12.30 22.62
C LEU B 627 -6.74 -11.21 23.38
N LEU B 628 -6.13 -10.04 23.45
CA LEU B 628 -6.72 -8.89 24.13
C LEU B 628 -7.20 -7.89 23.08
N LEU B 629 -8.48 -7.58 23.11
CA LEU B 629 -9.09 -6.64 22.18
C LEU B 629 -9.64 -5.45 22.96
N ALA B 630 -9.53 -4.27 22.38
CA ALA B 630 -10.10 -3.06 22.95
C ALA B 630 -11.13 -2.48 22.00
N TYR B 631 -12.33 -2.20 22.50
CA TYR B 631 -13.35 -1.54 21.71
C TYR B 631 -13.10 -0.04 21.75
N LYS B 632 -12.84 0.55 20.58
CA LYS B 632 -12.58 1.99 20.50
C LYS B 632 -13.91 2.73 20.41
N PRO B 633 -14.32 3.42 21.48
CA PRO B 633 -15.66 4.03 21.46
C PRO B 633 -15.79 5.19 20.48
N MET B 634 -14.68 5.85 20.14
CA MET B 634 -14.75 6.97 19.20
C MET B 634 -14.72 6.53 17.75
N GLU B 635 -14.27 5.30 17.47
CA GLU B 635 -14.25 4.78 16.10
C GLU B 635 -15.32 3.73 15.83
N GLY B 636 -15.92 3.16 16.87
CA GLY B 636 -16.94 2.15 16.67
C GLY B 636 -16.41 0.85 16.11
N ASN B 637 -15.20 0.45 16.49
CA ASN B 637 -14.60 -0.79 16.03
C ASN B 637 -13.76 -1.38 17.16
N PHE B 638 -13.08 -2.48 16.87
CA PHE B 638 -12.19 -3.13 17.81
C PHE B 638 -10.74 -2.90 17.42
N GLU B 639 -9.87 -3.00 18.41
CA GLU B 639 -8.43 -2.89 18.21
C GLU B 639 -7.74 -4.02 18.95
N GLU B 640 -6.70 -4.58 18.34
CA GLU B 640 -5.93 -5.67 18.94
C GLU B 640 -4.76 -5.08 19.69
N ILE B 641 -4.76 -5.24 21.01
CA ILE B 641 -3.76 -4.62 21.87
C ILE B 641 -2.56 -5.55 22.08
N ALA B 642 -2.80 -6.81 22.43
CA ALA B 642 -1.72 -7.74 22.73
C ALA B 642 -2.15 -9.16 22.38
N ARG B 643 -1.17 -10.06 22.38
CA ARG B 643 -1.40 -11.43 21.96
C ARG B 643 -0.35 -12.32 22.60
N ASP B 644 -0.69 -13.60 22.75
CA ASP B 644 0.24 -14.60 23.29
C ASP B 644 -0.28 -15.98 22.92
N PHE B 645 0.51 -16.73 22.14
CA PHE B 645 0.14 -18.06 21.68
C PHE B 645 1.11 -19.07 22.27
N ASN B 646 0.65 -19.87 23.22
CA ASN B 646 1.43 -20.96 23.80
C ASN B 646 0.59 -22.23 23.75
N PRO B 647 0.80 -23.10 22.75
CA PRO B 647 -0.11 -24.24 22.54
C PRO B 647 -0.22 -25.17 23.74
N ASN B 648 -1.36 -25.10 24.43
CA ASN B 648 -1.66 -25.98 25.55
C ASN B 648 -3.15 -25.96 25.79
N TRP B 649 -3.67 -27.04 26.36
CA TRP B 649 -5.11 -27.17 26.57
C TRP B 649 -5.55 -26.22 27.68
N MET B 650 -6.25 -25.15 27.32
CA MET B 650 -6.82 -24.23 28.29
C MET B 650 -8.27 -24.60 28.59
N SER B 651 -8.68 -24.42 29.84
CA SER B 651 -10.03 -24.79 30.26
C SER B 651 -10.87 -23.62 30.73
N ALA B 652 -10.26 -22.56 31.25
CA ALA B 652 -11.01 -21.39 31.71
C ALA B 652 -10.06 -20.21 31.76
N VAL B 653 -10.63 -19.01 31.74
CA VAL B 653 -9.86 -17.77 31.73
C VAL B 653 -10.70 -16.67 32.37
N GLU B 654 -10.02 -15.63 32.84
CA GLU B 654 -10.68 -14.54 33.56
C GLU B 654 -9.74 -13.34 33.61
N ILE B 655 -10.33 -12.15 33.62
CA ILE B 655 -9.57 -10.90 33.73
C ILE B 655 -9.39 -10.56 35.20
N LEU B 656 -8.14 -10.42 35.63
CA LEU B 656 -7.87 -9.99 37.00
C LEU B 656 -8.01 -8.48 37.13
N ASP B 657 -7.19 -7.72 36.40
CA ASP B 657 -7.35 -6.28 36.28
C ASP B 657 -7.16 -5.91 34.82
N ASP B 658 -7.04 -4.61 34.55
CA ASP B 658 -6.92 -4.15 33.17
C ASP B 658 -5.64 -4.62 32.49
N ASP B 659 -4.74 -5.29 33.20
CA ASP B 659 -3.45 -5.65 32.63
C ASP B 659 -3.14 -7.13 32.79
N ASN B 660 -3.58 -7.75 33.88
CA ASN B 660 -3.24 -9.13 34.19
C ASN B 660 -4.44 -10.03 33.96
N PHE B 661 -4.17 -11.22 33.40
CA PHE B 661 -5.21 -12.17 33.03
C PHE B 661 -4.85 -13.56 33.52
N LEU B 662 -5.80 -14.22 34.19
CA LEU B 662 -5.59 -15.51 34.81
C LEU B 662 -6.37 -16.59 34.07
N GLY B 663 -5.77 -17.78 33.97
CA GLY B 663 -6.41 -18.88 33.27
C GLY B 663 -5.98 -20.21 33.86
N ALA B 664 -6.54 -21.29 33.31
CA ALA B 664 -6.26 -22.64 33.76
C ALA B 664 -5.91 -23.50 32.55
N GLU B 665 -4.82 -24.25 32.65
CA GLU B 665 -4.32 -25.04 31.53
C GLU B 665 -3.76 -26.37 32.01
N ASN B 666 -3.42 -27.21 31.05
CA ASN B 666 -2.90 -28.55 31.32
C ASN B 666 -1.49 -28.48 31.92
N ALA B 667 -1.26 -29.29 32.95
CA ALA B 667 -2.19 -30.22 33.58
C ALA B 667 -2.55 -29.76 34.99
N PHE B 668 -3.82 -29.40 35.19
CA PHE B 668 -4.30 -28.92 36.50
C PHE B 668 -3.48 -27.74 36.99
N ASN B 669 -3.14 -26.84 36.06
CA ASN B 669 -2.26 -25.71 36.33
C ASN B 669 -3.02 -24.40 36.20
N LEU B 670 -2.46 -23.36 36.81
CA LEU B 670 -2.94 -21.99 36.67
C LEU B 670 -1.82 -21.15 36.07
N PHE B 671 -2.20 -20.03 35.45
CA PHE B 671 -1.23 -19.14 34.85
C PHE B 671 -1.77 -17.72 34.79
N VAL B 672 -0.86 -16.75 34.85
CA VAL B 672 -1.19 -15.34 34.67
C VAL B 672 -0.22 -14.74 33.65
N CYS B 673 -0.76 -13.95 32.73
CA CYS B 673 0.03 -13.18 31.78
C CYS B 673 -0.47 -11.75 31.80
N GLN B 674 0.42 -10.81 31.47
CA GLN B 674 0.13 -9.40 31.62
C GLN B 674 0.63 -8.63 30.41
N LYS B 675 0.01 -7.47 30.19
CA LYS B 675 0.52 -6.52 29.20
C LYS B 675 1.87 -6.02 29.65
N ASP B 676 2.85 -6.06 28.73
CA ASP B 676 4.22 -5.74 29.08
C ASP B 676 4.34 -4.31 29.62
N SER B 677 4.97 -4.18 30.78
CA SER B 677 5.15 -2.86 31.39
C SER B 677 6.19 -2.05 30.62
N ALA B 678 7.15 -2.72 29.98
CA ALA B 678 8.15 -2.03 29.17
C ALA B 678 7.52 -1.52 27.88
N ALA B 679 6.96 -0.31 27.92
CA ALA B 679 6.26 0.25 26.78
C ALA B 679 7.24 1.06 25.93
N THR B 680 8.15 0.33 25.29
CA THR B 680 9.15 0.95 24.43
C THR B 680 8.77 0.82 22.95
N THR B 681 8.73 -0.41 22.45
CA THR B 681 8.37 -0.67 21.06
C THR B 681 6.90 -1.06 20.95
N ASP B 682 6.30 -0.72 19.80
CA ASP B 682 4.95 -1.17 19.50
C ASP B 682 4.89 -2.69 19.44
N GLU B 683 5.98 -3.32 18.99
CA GLU B 683 6.07 -4.78 19.02
C GLU B 683 5.89 -5.32 20.44
N GLU B 684 6.69 -4.80 21.38
CA GLU B 684 6.68 -5.34 22.75
C GLU B 684 5.34 -5.14 23.43
N ARG B 685 4.61 -4.07 23.10
CA ARG B 685 3.30 -3.84 23.71
C ARG B 685 2.28 -4.86 23.25
N GLN B 686 2.51 -5.52 22.12
CA GLN B 686 1.59 -6.52 21.58
C GLN B 686 1.93 -7.94 22.05
N HIS B 687 2.84 -8.08 23.01
CA HIS B 687 3.20 -9.36 23.58
C HIS B 687 2.83 -9.38 25.06
N LEU B 688 2.09 -10.41 25.47
CA LEU B 688 1.75 -10.62 26.86
C LEU B 688 2.82 -11.49 27.51
N GLN B 689 3.43 -10.99 28.58
CA GLN B 689 4.51 -11.69 29.26
C GLN B 689 3.93 -12.56 30.38
N GLU B 690 4.40 -13.81 30.46
CA GLU B 690 3.94 -14.72 31.50
C GLU B 690 4.56 -14.35 32.84
N VAL B 691 3.72 -14.18 33.85
CA VAL B 691 4.18 -13.76 35.17
C VAL B 691 3.78 -14.71 36.29
N GLY B 692 2.84 -15.62 36.06
CA GLY B 692 2.42 -16.55 37.09
C GLY B 692 2.25 -17.95 36.59
N LEU B 693 2.81 -18.92 37.32
CA LEU B 693 2.67 -20.34 37.01
C LEU B 693 2.48 -21.09 38.30
N PHE B 694 1.60 -22.09 38.29
CA PHE B 694 1.19 -22.76 39.52
C PHE B 694 0.45 -24.05 39.26
N HIS B 695 0.85 -25.14 39.92
CA HIS B 695 0.14 -26.42 39.83
C HIS B 695 -0.96 -26.42 40.90
N LEU B 696 -2.16 -26.02 40.49
CA LEU B 696 -3.28 -26.00 41.42
C LEU B 696 -3.68 -27.39 41.88
N GLY B 697 -3.57 -28.38 41.00
CA GLY B 697 -4.00 -29.73 41.31
C GLY B 697 -5.46 -30.00 41.01
N GLU B 698 -6.17 -29.04 40.44
CA GLU B 698 -7.59 -29.19 40.10
C GLU B 698 -7.83 -28.72 38.69
N PHE B 699 -8.95 -29.17 38.12
CA PHE B 699 -9.35 -28.83 36.76
C PHE B 699 -10.43 -27.76 36.85
N VAL B 700 -10.03 -26.51 36.63
CA VAL B 700 -10.95 -25.37 36.78
C VAL B 700 -11.86 -25.31 35.56
N ASN B 701 -13.17 -25.21 35.81
CA ASN B 701 -14.15 -25.12 34.74
C ASN B 701 -14.78 -23.74 34.59
N VAL B 702 -14.73 -22.91 35.64
CA VAL B 702 -15.39 -21.60 35.61
C VAL B 702 -14.70 -20.70 36.61
N PHE B 703 -14.45 -19.45 36.22
CA PHE B 703 -13.99 -18.40 37.11
C PHE B 703 -15.14 -17.43 37.36
N CYS B 704 -15.16 -16.85 38.56
CA CYS B 704 -16.27 -15.99 38.96
C CYS B 704 -15.76 -14.95 39.95
N HIS B 705 -15.89 -13.67 39.60
CA HIS B 705 -15.56 -12.60 40.52
C HIS B 705 -16.61 -12.55 41.64
N GLY B 706 -16.14 -12.64 42.87
CA GLY B 706 -17.04 -12.59 44.01
C GLY B 706 -16.40 -13.18 45.23
N SER B 707 -17.12 -13.06 46.35
CA SER B 707 -16.64 -13.56 47.63
C SER B 707 -17.82 -14.00 48.48
N LEU B 708 -17.53 -14.83 49.47
CA LEU B 708 -18.53 -15.31 50.42
C LEU B 708 -18.47 -14.55 51.74
N VAL B 709 -17.73 -13.44 51.79
CA VAL B 709 -17.57 -12.62 52.98
C VAL B 709 -18.15 -11.23 52.70
N MET B 710 -18.35 -10.47 53.76
CA MET B 710 -18.89 -9.12 53.67
C MET B 710 -17.98 -8.23 52.81
N PRO B 719 -5.34 -4.70 52.49
CA PRO B 719 -4.56 -5.94 52.61
C PRO B 719 -4.36 -6.61 51.26
N THR B 720 -5.45 -7.17 50.71
CA THR B 720 -5.44 -7.79 49.39
C THR B 720 -6.52 -7.16 48.54
N GLN B 721 -6.37 -7.27 47.23
CA GLN B 721 -7.29 -6.68 46.27
C GLN B 721 -7.77 -7.75 45.30
N GLY B 722 -9.06 -7.71 45.00
CA GLY B 722 -9.65 -8.67 44.08
C GLY B 722 -10.12 -9.94 44.77
N SER B 723 -11.11 -10.58 44.17
CA SER B 723 -11.66 -11.82 44.72
C SER B 723 -12.27 -12.61 43.57
N VAL B 724 -11.60 -13.69 43.16
CA VAL B 724 -12.04 -14.52 42.05
C VAL B 724 -12.23 -15.94 42.57
N LEU B 725 -13.48 -16.40 42.58
CA LEU B 725 -13.78 -17.78 42.91
C LEU B 725 -13.71 -18.63 41.64
N PHE B 726 -13.35 -19.91 41.82
CA PHE B 726 -13.34 -20.84 40.71
C PHE B 726 -13.85 -22.19 41.17
N GLY B 727 -14.68 -22.81 40.35
CA GLY B 727 -15.15 -24.17 40.59
C GLY B 727 -14.41 -25.17 39.72
N THR B 728 -14.28 -26.39 40.23
CA THR B 728 -13.44 -27.40 39.60
C THR B 728 -14.26 -28.67 39.38
N VAL B 729 -13.61 -29.66 38.77
CA VAL B 729 -14.28 -30.92 38.46
C VAL B 729 -14.51 -31.74 39.73
N ASN B 730 -13.52 -31.75 40.62
CA ASN B 730 -13.61 -32.54 41.84
C ASN B 730 -14.48 -31.90 42.92
N GLY B 731 -15.14 -30.77 42.61
CA GLY B 731 -15.99 -30.10 43.58
C GLY B 731 -15.28 -29.12 44.48
N MET B 732 -14.04 -28.75 44.18
CA MET B 732 -13.29 -27.82 45.00
C MET B 732 -13.56 -26.39 44.55
N ILE B 733 -13.77 -25.51 45.54
CA ILE B 733 -13.95 -24.08 45.31
C ILE B 733 -12.74 -23.37 45.90
N GLY B 734 -12.11 -22.51 45.10
CA GLY B 734 -10.90 -21.83 45.52
C GLY B 734 -11.01 -20.33 45.31
N LEU B 735 -10.08 -19.62 45.94
CA LEU B 735 -10.00 -18.17 45.87
C LEU B 735 -8.71 -17.75 45.16
N VAL B 736 -8.79 -16.64 44.43
CA VAL B 736 -7.62 -16.02 43.80
C VAL B 736 -7.68 -14.53 44.11
N THR B 737 -6.76 -14.07 44.96
CA THR B 737 -6.63 -12.66 45.28
C THR B 737 -5.20 -12.22 45.02
N SER B 738 -5.03 -10.94 44.70
CA SER B 738 -3.73 -10.39 44.35
C SER B 738 -3.14 -9.64 45.54
N LEU B 739 -1.84 -9.85 45.75
CA LEU B 739 -1.13 -9.24 46.86
C LEU B 739 -0.25 -8.10 46.36
N SER B 740 0.10 -7.21 47.28
CA SER B 740 1.13 -6.22 46.98
C SER B 740 2.49 -6.90 46.86
N GLU B 741 3.43 -6.18 46.25
CA GLU B 741 4.80 -6.69 46.18
C GLU B 741 5.41 -6.83 47.56
N SER B 742 5.02 -5.96 48.49
CA SER B 742 5.56 -6.03 49.85
C SER B 742 5.12 -7.31 50.54
N TRP B 743 3.84 -7.67 50.42
CA TRP B 743 3.39 -8.89 51.07
C TRP B 743 3.89 -10.14 50.35
N TYR B 744 3.88 -10.12 49.01
CA TYR B 744 4.23 -11.31 48.25
C TYR B 744 5.62 -11.81 48.62
N ASN B 745 6.60 -10.91 48.68
CA ASN B 745 7.95 -11.31 49.04
C ASN B 745 8.00 -11.86 50.46
N LEU B 746 7.09 -11.41 51.33
CA LEU B 746 7.05 -11.92 52.71
C LEU B 746 6.44 -13.32 52.76
N LEU B 747 5.29 -13.51 52.10
CA LEU B 747 4.66 -14.83 52.15
C LEU B 747 5.46 -15.88 51.37
N LEU B 748 6.25 -15.47 50.38
CA LEU B 748 7.14 -16.41 49.72
C LEU B 748 8.24 -16.88 50.67
N ASP B 749 8.78 -15.96 51.48
CA ASP B 749 9.75 -16.35 52.50
C ASP B 749 9.12 -17.32 53.49
N MET B 750 7.96 -16.94 54.05
CA MET B 750 7.26 -17.83 54.98
C MET B 750 6.87 -19.14 54.34
N GLN B 751 6.80 -19.20 53.01
CA GLN B 751 6.51 -20.46 52.33
C GLN B 751 7.68 -21.43 52.46
N ASN B 752 8.88 -20.99 52.09
CA ASN B 752 10.06 -21.85 52.18
C ASN B 752 10.41 -22.19 53.62
N ARG B 753 9.95 -21.40 54.58
CA ARG B 753 10.22 -21.66 55.99
C ARG B 753 9.17 -22.55 56.63
N LEU B 754 7.89 -22.35 56.28
CA LEU B 754 6.85 -23.28 56.73
C LEU B 754 6.97 -24.64 56.07
N ASN B 755 7.70 -24.73 54.95
CA ASN B 755 7.93 -26.02 54.29
C ASN B 755 9.06 -26.81 54.92
N LYS B 756 9.73 -26.26 55.94
CA LYS B 756 10.79 -26.95 56.64
C LYS B 756 10.34 -27.48 58.00
N VAL B 757 9.14 -27.13 58.46
CA VAL B 757 8.62 -27.59 59.74
C VAL B 757 7.33 -28.38 59.60
N ILE B 758 6.81 -28.52 58.38
CA ILE B 758 5.55 -29.24 58.15
C ILE B 758 5.88 -30.61 57.56
N LYS B 759 5.32 -31.66 58.16
CA LYS B 759 5.51 -33.01 57.64
C LYS B 759 4.51 -33.27 56.53
N SER B 760 4.99 -33.79 55.41
CA SER B 760 4.15 -34.09 54.26
C SER B 760 3.97 -35.60 54.13
N VAL B 761 2.72 -36.04 53.99
CA VAL B 761 2.38 -37.44 53.83
C VAL B 761 3.03 -37.97 52.55
N GLY B 762 4.00 -38.86 52.68
CA GLY B 762 4.76 -39.35 51.55
C GLY B 762 6.07 -38.64 51.30
N LYS B 763 6.38 -37.61 52.10
CA LYS B 763 7.62 -36.84 51.96
C LYS B 763 7.72 -36.20 50.58
N ILE B 764 6.60 -35.69 50.08
CA ILE B 764 6.57 -34.93 48.84
C ILE B 764 6.79 -33.46 49.18
N GLU B 765 7.58 -32.77 48.35
CA GLU B 765 7.91 -31.38 48.59
C GLU B 765 6.94 -30.45 47.89
N HIS B 766 6.51 -29.40 48.61
CA HIS B 766 5.62 -28.40 48.06
C HIS B 766 6.15 -27.81 46.75
N SER B 767 7.48 -27.61 46.67
CA SER B 767 8.08 -27.12 45.43
C SER B 767 7.76 -28.05 44.25
N PHE B 768 7.87 -29.36 44.47
CA PHE B 768 7.56 -30.32 43.40
C PHE B 768 6.06 -30.36 43.12
N TRP B 769 5.25 -30.30 44.16
CA TRP B 769 3.80 -30.44 44.00
C TRP B 769 3.20 -29.23 43.30
N ARG B 770 3.67 -28.02 43.62
CA ARG B 770 3.11 -26.80 43.06
C ARG B 770 3.80 -26.35 41.78
N SER B 771 4.81 -27.09 41.29
CA SER B 771 5.51 -26.71 40.08
C SER B 771 4.64 -27.00 38.86
N PHE B 772 4.66 -26.08 37.89
CA PHE B 772 3.92 -26.26 36.66
C PHE B 772 4.29 -27.57 35.99
N HIS B 773 3.29 -28.41 35.73
CA HIS B 773 3.52 -29.77 35.27
C HIS B 773 2.70 -30.06 34.02
N THR B 774 3.39 -30.50 32.97
CA THR B 774 2.80 -31.25 31.88
C THR B 774 3.81 -32.32 31.48
N GLU B 775 3.36 -33.30 30.69
CA GLU B 775 4.25 -34.41 30.32
C GLU B 775 5.49 -33.93 29.57
N ARG B 776 5.46 -32.75 28.98
CA ARG B 776 6.61 -32.19 28.27
C ARG B 776 7.43 -31.21 29.10
N LYS B 777 6.93 -30.75 30.24
CA LYS B 777 7.57 -29.66 30.97
C LYS B 777 7.62 -29.95 32.46
N THR B 778 8.62 -29.36 33.11
CA THR B 778 8.71 -29.33 34.57
C THR B 778 9.37 -28.02 34.94
N GLU B 779 8.59 -27.08 35.47
CA GLU B 779 9.09 -25.74 35.77
C GLU B 779 8.53 -25.29 37.11
N PRO B 780 9.37 -24.69 37.98
CA PRO B 780 8.89 -24.28 39.29
C PRO B 780 7.82 -23.21 39.20
N ALA B 781 7.12 -23.00 40.30
CA ALA B 781 6.00 -22.06 40.35
C ALA B 781 6.50 -20.64 40.56
N THR B 782 5.69 -19.68 40.11
CA THR B 782 6.05 -18.27 40.21
C THR B 782 4.78 -17.43 40.27
N GLY B 783 4.86 -16.30 40.97
CA GLY B 783 3.77 -15.36 41.08
C GLY B 783 2.56 -15.84 41.85
N PHE B 784 2.60 -17.04 42.43
CA PHE B 784 1.48 -17.60 43.16
C PHE B 784 1.91 -18.00 44.56
N ILE B 785 0.98 -17.86 45.50
CA ILE B 785 1.23 -18.18 46.90
C ILE B 785 0.15 -19.15 47.34
N ASP B 786 0.56 -20.32 47.85
CA ASP B 786 -0.39 -21.32 48.33
C ASP B 786 -0.92 -20.88 49.69
N GLY B 787 -2.14 -20.35 49.71
CA GLY B 787 -2.73 -19.92 50.95
C GLY B 787 -2.92 -21.06 51.95
N ASP B 788 -3.12 -22.28 51.45
CA ASP B 788 -3.30 -23.42 52.35
C ASP B 788 -2.05 -23.66 53.18
N LEU B 789 -0.87 -23.53 52.58
CA LEU B 789 0.36 -23.70 53.35
C LEU B 789 0.58 -22.52 54.29
N ILE B 790 0.21 -21.31 53.85
CA ILE B 790 0.35 -20.13 54.71
C ILE B 790 -0.60 -20.22 55.89
N GLU B 791 -1.84 -20.67 55.64
CA GLU B 791 -2.82 -20.80 56.71
C GLU B 791 -2.45 -21.87 57.72
N SER B 792 -1.58 -22.82 57.34
CA SER B 792 -1.12 -23.82 58.28
C SER B 792 -0.16 -23.24 59.32
N PHE B 793 0.09 -21.93 59.31
CA PHE B 793 0.91 -21.30 60.34
C PHE B 793 0.15 -21.15 61.66
N LEU B 794 -1.16 -20.93 61.59
CA LEU B 794 -1.96 -20.78 62.80
C LEU B 794 -2.18 -22.10 63.54
N ASP B 795 -1.75 -23.22 62.95
CA ASP B 795 -2.03 -24.53 63.52
C ASP B 795 -0.76 -25.28 63.91
N ILE B 796 0.40 -24.62 63.93
CA ILE B 796 1.64 -25.26 64.31
C ILE B 796 2.01 -24.82 65.73
N SER B 797 2.92 -25.58 66.34
CA SER B 797 3.32 -25.31 67.71
C SER B 797 4.11 -24.01 67.78
N ARG B 798 3.88 -23.26 68.87
CA ARG B 798 4.61 -22.02 69.09
C ARG B 798 6.13 -22.17 69.06
N PRO B 799 6.73 -23.23 69.62
CA PRO B 799 8.18 -23.41 69.43
C PRO B 799 8.58 -23.54 67.97
N LYS B 800 7.71 -24.06 67.12
CA LYS B 800 7.98 -24.12 65.68
C LYS B 800 7.57 -22.85 64.96
N MET B 801 6.60 -22.10 65.49
CA MET B 801 6.26 -20.80 64.90
C MET B 801 7.44 -19.85 64.94
N GLN B 802 8.23 -19.89 66.02
CA GLN B 802 9.41 -19.05 66.11
C GLN B 802 10.51 -19.54 65.16
N GLU B 803 10.53 -20.84 64.86
CA GLU B 803 11.53 -21.37 63.93
C GLU B 803 11.43 -20.74 62.56
N VAL B 804 10.23 -20.33 62.14
CA VAL B 804 10.06 -19.76 60.81
C VAL B 804 10.15 -18.23 60.82
N VAL B 805 9.83 -17.57 61.93
CA VAL B 805 9.91 -16.12 61.98
C VAL B 805 11.31 -15.61 62.32
N ALA B 806 12.22 -16.50 62.69
CA ALA B 806 13.60 -16.11 62.96
C ALA B 806 14.27 -15.67 61.67
N ASN B 807 14.95 -14.51 61.72
CA ASN B 807 15.64 -13.94 60.56
C ASN B 807 14.66 -13.58 59.44
N LEU B 808 13.51 -13.04 59.82
CA LEU B 808 12.50 -12.54 58.90
C LEU B 808 12.51 -11.02 58.90
N GLN B 809 12.10 -10.44 57.77
CA GLN B 809 12.08 -8.98 57.60
C GLN B 809 10.70 -8.54 57.14
N TYR B 810 10.08 -7.63 57.88
CA TYR B 810 8.74 -7.14 57.59
C TYR B 810 8.80 -5.65 57.33
N ASP B 811 8.26 -5.23 56.18
CA ASP B 811 8.28 -3.83 55.76
C ASP B 811 6.99 -3.18 56.24
N ASP B 812 6.97 -2.80 57.51
CA ASP B 812 5.82 -2.13 58.10
C ASP B 812 5.94 -0.61 57.99
N LYS B 817 12.99 -1.30 58.33
CA LYS B 817 12.58 -2.69 58.17
C LYS B 817 13.16 -3.57 59.28
N ARG B 818 12.38 -3.76 60.34
CA ARG B 818 12.80 -4.54 61.49
C ARG B 818 12.60 -6.03 61.24
N GLU B 819 12.98 -6.83 62.23
CA GLU B 819 12.73 -8.27 62.19
C GLU B 819 11.25 -8.54 62.48
N ALA B 820 10.82 -9.77 62.19
CA ALA B 820 9.42 -10.14 62.31
C ALA B 820 9.26 -10.97 63.59
N THR B 821 8.61 -10.38 64.59
CA THR B 821 8.21 -11.15 65.76
C THR B 821 7.21 -12.22 65.34
N ALA B 822 7.14 -13.29 66.14
CA ALA B 822 6.21 -14.36 65.84
C ALA B 822 4.76 -13.87 65.85
N ASP B 823 4.47 -12.77 66.53
CA ASP B 823 3.12 -12.26 66.65
C ASP B 823 2.71 -11.33 65.51
N ASP B 824 3.67 -10.79 64.76
CA ASP B 824 3.34 -10.01 63.58
C ASP B 824 2.75 -10.86 62.46
N LEU B 825 3.02 -12.16 62.46
CA LEU B 825 2.59 -13.02 61.36
C LEU B 825 1.25 -13.69 61.59
N ILE B 826 0.81 -13.86 62.84
CA ILE B 826 -0.58 -14.28 63.03
C ILE B 826 -1.51 -13.16 62.58
N LYS B 827 -1.08 -11.90 62.70
CA LYS B 827 -1.91 -10.78 62.27
C LYS B 827 -2.08 -10.78 60.76
N VAL B 828 -1.04 -11.18 60.02
CA VAL B 828 -1.13 -11.17 58.57
C VAL B 828 -1.96 -12.36 58.08
N VAL B 829 -1.82 -13.52 58.71
CA VAL B 829 -2.57 -14.69 58.27
C VAL B 829 -4.00 -14.69 58.82
N GLU B 830 -4.24 -14.01 59.95
CA GLU B 830 -5.60 -13.80 60.40
C GLU B 830 -6.40 -12.96 59.41
N GLU B 831 -5.74 -11.96 58.81
CA GLU B 831 -6.39 -11.15 57.80
C GLU B 831 -6.50 -11.89 56.46
N LEU B 832 -5.57 -12.80 56.18
CA LEU B 832 -5.63 -13.59 54.98
C LEU B 832 -6.62 -14.75 55.09
N THR B 833 -7.04 -15.10 56.31
CA THR B 833 -8.09 -16.09 56.49
C THR B 833 -9.48 -15.49 56.38
N ARG B 834 -9.58 -14.18 56.17
CA ARG B 834 -10.88 -13.50 56.11
C ARG B 834 -11.38 -13.31 54.69
N ILE B 835 -10.54 -13.53 53.67
CA ILE B 835 -11.01 -13.42 52.29
C ILE B 835 -12.01 -14.52 51.97
N HIS B 836 -11.89 -15.67 52.63
CA HIS B 836 -12.82 -16.78 52.42
C HIS B 836 -13.52 -17.14 53.71
N TYR C 3 31.02 -21.48 -13.14
CA TYR C 3 32.25 -21.52 -13.91
C TYR C 3 32.09 -20.76 -15.22
N LYS C 4 33.14 -20.67 -16.02
CA LYS C 4 33.08 -19.90 -17.25
C LYS C 4 32.70 -20.81 -18.42
N HIS C 5 32.93 -20.35 -19.65
CA HIS C 5 32.62 -21.11 -20.87
C HIS C 5 31.15 -21.53 -20.92
N LYS C 6 30.26 -20.60 -20.57
CA LYS C 6 28.83 -20.89 -20.50
C LYS C 6 28.16 -20.50 -21.81
N CYS C 7 27.31 -21.38 -22.32
CA CYS C 7 26.55 -21.09 -23.53
C CYS C 7 25.56 -19.95 -23.30
N LYS C 8 25.61 -18.95 -24.17
CA LYS C 8 24.78 -17.76 -24.01
C LYS C 8 23.30 -17.99 -24.31
N TYR C 9 22.94 -19.15 -24.87
CA TYR C 9 21.55 -19.41 -25.24
C TYR C 9 20.80 -20.25 -24.20
N CYS C 10 21.40 -21.36 -23.75
CA CYS C 10 20.75 -22.27 -22.83
C CYS C 10 21.32 -22.24 -21.42
N SER C 11 22.49 -21.62 -21.24
CA SER C 11 23.14 -21.43 -19.93
C SER C 11 23.80 -22.72 -19.44
N LYS C 12 24.26 -23.56 -20.36
CA LYS C 12 25.02 -24.74 -20.00
C LYS C 12 26.50 -24.39 -19.93
N VAL C 13 27.17 -24.89 -18.90
CA VAL C 13 28.58 -24.61 -18.66
C VAL C 13 29.41 -25.76 -19.20
N PHE C 14 30.46 -25.43 -19.95
CA PHE C 14 31.37 -26.41 -20.52
C PHE C 14 32.78 -26.19 -19.94
N GLY C 15 33.58 -27.25 -19.99
CA GLY C 15 34.90 -27.21 -19.39
C GLY C 15 35.91 -26.41 -20.19
N THR C 16 35.83 -26.51 -21.52
CA THR C 16 36.75 -25.81 -22.41
C THR C 16 35.95 -25.01 -23.42
N ASP C 17 36.53 -23.87 -23.84
CA ASP C 17 35.89 -23.06 -24.88
C ASP C 17 35.73 -23.84 -26.17
N SER C 18 36.62 -24.80 -26.44
CA SER C 18 36.43 -25.73 -27.54
C SER C 18 35.09 -26.43 -27.44
N SER C 19 34.83 -27.08 -26.30
CA SER C 19 33.57 -27.79 -26.10
C SER C 19 32.37 -26.84 -26.23
N LEU C 20 32.56 -25.56 -25.97
CA LEU C 20 31.47 -24.60 -26.13
C LEU C 20 31.06 -24.49 -27.60
N GLN C 21 32.04 -24.40 -28.50
CA GLN C 21 31.73 -24.09 -29.90
C GLN C 21 31.06 -25.26 -30.60
N ILE C 22 31.48 -26.49 -30.32
CA ILE C 22 30.90 -27.67 -30.97
C ILE C 22 29.42 -27.83 -30.64
N HIS C 23 28.96 -27.25 -29.54
CA HIS C 23 27.55 -27.28 -29.18
C HIS C 23 26.80 -26.05 -29.66
N LEU C 24 27.51 -24.95 -29.95
CA LEU C 24 26.88 -23.67 -30.22
C LEU C 24 25.95 -23.71 -31.43
N ARG C 25 26.16 -24.66 -32.35
CA ARG C 25 25.30 -24.74 -33.53
C ARG C 25 24.23 -25.81 -33.41
N SER C 26 23.82 -26.12 -32.18
CA SER C 26 22.54 -26.76 -31.95
C SER C 26 21.40 -25.76 -31.77
N HIS C 27 21.72 -24.50 -31.47
CA HIS C 27 20.72 -23.43 -31.33
C HIS C 27 20.40 -22.77 -32.65
N THR C 28 20.21 -23.54 -33.71
CA THR C 28 19.92 -22.99 -35.03
C THR C 28 18.47 -22.53 -35.10
N GLY C 29 18.25 -21.24 -35.26
CA GLY C 29 16.91 -20.74 -35.42
C GLY C 29 16.83 -19.24 -35.20
N GLU C 30 15.61 -18.73 -35.32
CA GLU C 30 15.36 -17.30 -35.11
C GLU C 30 15.30 -16.95 -33.64
N ARG C 31 14.82 -17.87 -32.79
CA ARG C 31 14.71 -17.68 -31.35
C ARG C 31 15.60 -18.70 -30.67
N PRO C 32 16.92 -18.48 -30.64
CA PRO C 32 17.83 -19.49 -30.07
C PRO C 32 17.98 -19.40 -28.57
N PHE C 33 17.70 -18.25 -27.95
CA PHE C 33 17.85 -18.09 -26.51
C PHE C 33 16.69 -18.76 -25.79
N VAL C 34 16.99 -19.67 -24.87
CA VAL C 34 15.98 -20.42 -24.13
C VAL C 34 16.15 -20.12 -22.64
N CYS C 35 15.03 -19.96 -21.95
CA CYS C 35 15.03 -19.76 -20.50
C CYS C 35 15.24 -21.11 -19.82
N SER C 36 16.32 -21.21 -19.04
CA SER C 36 16.64 -22.46 -18.35
C SER C 36 15.65 -22.84 -17.26
N VAL C 37 14.65 -22.01 -17.00
CA VAL C 37 13.67 -22.25 -15.95
C VAL C 37 12.39 -22.85 -16.50
N CYS C 38 11.84 -22.26 -17.57
CA CYS C 38 10.55 -22.68 -18.09
C CYS C 38 10.58 -23.12 -19.56
N GLY C 39 11.66 -22.86 -20.29
CA GLY C 39 11.71 -23.19 -21.69
C GLY C 39 11.24 -22.11 -22.63
N HIS C 40 11.11 -20.87 -22.15
CA HIS C 40 10.69 -19.76 -22.98
C HIS C 40 11.81 -19.36 -23.95
N ARG C 41 11.47 -19.22 -25.22
CA ARG C 41 12.43 -18.85 -26.26
C ARG C 41 12.28 -17.37 -26.60
N PHE C 42 13.40 -16.74 -26.96
CA PHE C 42 13.45 -15.30 -27.13
C PHE C 42 14.32 -14.93 -28.32
N THR C 43 14.14 -13.69 -28.78
CA THR C 43 14.81 -13.23 -29.99
C THR C 43 16.25 -12.78 -29.72
N THR C 44 16.45 -12.02 -28.65
CA THR C 44 17.77 -11.51 -28.29
C THR C 44 18.15 -11.97 -26.89
N LYS C 45 19.43 -11.76 -26.54
CA LYS C 45 19.90 -12.13 -25.22
C LYS C 45 19.30 -11.22 -24.14
N GLY C 46 19.16 -9.94 -24.45
CA GLY C 46 18.58 -9.02 -23.49
C GLY C 46 17.15 -9.36 -23.15
N ASN C 47 16.37 -9.79 -24.13
CA ASN C 47 14.99 -10.19 -23.88
C ASN C 47 14.93 -11.41 -22.97
N LEU C 48 15.84 -12.36 -23.16
CA LEU C 48 15.89 -13.52 -22.27
C LEU C 48 16.25 -13.11 -20.86
N LYS C 49 17.10 -12.09 -20.70
CA LYS C 49 17.52 -11.65 -19.38
C LYS C 49 16.35 -11.06 -18.59
N VAL C 50 15.53 -10.23 -19.26
CA VAL C 50 14.42 -9.57 -18.56
C VAL C 50 13.41 -10.61 -18.06
N HIS C 51 13.10 -11.61 -18.89
CA HIS C 51 12.16 -12.64 -18.48
C HIS C 51 12.78 -13.56 -17.42
N PHE C 52 14.09 -13.81 -17.51
CA PHE C 52 14.74 -14.66 -16.52
C PHE C 52 14.68 -14.02 -15.13
N HIS C 53 14.94 -12.72 -15.05
CA HIS C 53 14.97 -12.02 -13.77
C HIS C 53 13.57 -11.68 -13.25
N ARG C 54 12.53 -12.22 -13.85
CA ARG C 54 11.18 -12.11 -13.33
C ARG C 54 10.71 -13.42 -12.69
N HIS C 55 11.61 -14.37 -12.49
CA HIS C 55 11.28 -15.65 -11.87
C HIS C 55 11.43 -15.57 -10.36
N LEU D 3 -0.52 44.50 1.03
CA LEU D 3 0.06 43.56 0.08
C LEU D 3 1.58 43.51 0.19
N HIS D 4 2.09 42.41 0.74
CA HIS D 4 3.53 42.25 0.87
C HIS D 4 4.15 41.93 -0.48
N ASP D 5 5.41 42.33 -0.66
CA ASP D 5 6.09 42.13 -1.92
C ASP D 5 6.61 40.71 -2.03
N ASP D 6 7.09 40.37 -3.23
CA ASP D 6 7.47 38.99 -3.54
C ASP D 6 8.74 38.59 -2.80
N ASP D 7 8.82 37.29 -2.47
CA ASP D 7 10.00 36.66 -1.90
C ASP D 7 10.35 37.22 -0.53
N SER D 8 9.57 38.16 -0.02
CA SER D 8 9.82 38.74 1.29
C SER D 8 9.35 37.80 2.39
N CYS D 9 9.54 38.21 3.65
CA CYS D 9 9.21 37.39 4.79
C CYS D 9 8.25 38.15 5.70
N GLN D 10 7.19 37.47 6.14
CA GLN D 10 6.23 38.03 7.08
C GLN D 10 5.83 36.95 8.08
N VAL D 11 5.52 37.37 9.30
CA VAL D 11 4.96 36.50 10.32
C VAL D 11 3.49 36.87 10.49
N ILE D 12 2.61 35.93 10.20
CA ILE D 12 1.18 36.23 10.07
C ILE D 12 0.38 35.29 10.96
N PRO D 13 -0.62 35.79 11.70
CA PRO D 13 -1.40 34.92 12.58
C PRO D 13 -2.17 33.86 11.79
N VAL D 14 -2.37 32.71 12.43
CA VAL D 14 -3.05 31.58 11.84
C VAL D 14 -4.20 31.16 12.74
N LEU D 15 -5.38 31.00 12.16
CA LEU D 15 -6.51 30.44 12.91
C LEU D 15 -6.33 28.93 13.01
N PRO D 16 -6.15 28.38 14.21
CA PRO D 16 -5.78 26.96 14.31
C PRO D 16 -6.90 26.00 13.97
N GLN D 17 -8.15 26.43 13.98
CA GLN D 17 -9.29 25.54 13.80
C GLN D 17 -9.85 25.57 12.38
N VAL D 18 -9.08 26.07 11.42
CA VAL D 18 -9.52 26.10 10.03
C VAL D 18 -9.10 24.79 9.35
N MET D 19 -9.83 24.44 8.29
CA MET D 19 -9.54 23.23 7.52
C MET D 19 -9.53 23.49 6.02
N MET D 20 -9.61 24.76 5.60
CA MET D 20 -9.71 25.10 4.19
C MET D 20 -8.32 25.25 3.57
N ILE D 21 -8.21 24.86 2.31
CA ILE D 21 -7.06 25.18 1.48
C ILE D 21 -7.51 26.32 0.57
N LEU D 22 -6.98 27.51 0.82
CA LEU D 22 -7.50 28.75 0.25
C LEU D 22 -6.71 29.11 -1.00
N ILE D 23 -7.40 29.22 -2.13
CA ILE D 23 -6.79 29.68 -3.36
C ILE D 23 -6.95 31.20 -3.42
N PRO D 24 -6.00 31.92 -4.02
CA PRO D 24 -6.15 33.38 -4.12
C PRO D 24 -7.44 33.78 -4.82
N GLY D 25 -8.09 34.82 -4.31
CA GLY D 25 -9.35 35.30 -4.85
C GLY D 25 -10.58 34.56 -4.36
N GLN D 26 -10.43 33.37 -3.80
CA GLN D 26 -11.56 32.60 -3.32
C GLN D 26 -11.98 33.07 -1.94
N THR D 27 -13.28 33.05 -1.68
CA THR D 27 -13.84 33.54 -0.43
C THR D 27 -13.82 32.47 0.64
N LEU D 28 -13.48 32.88 1.87
CA LEU D 28 -13.44 31.99 3.03
C LEU D 28 -14.46 32.44 4.06
N PRO D 29 -15.59 31.74 4.20
CA PRO D 29 -16.54 32.06 5.26
C PRO D 29 -16.08 31.52 6.60
N LEU D 30 -16.38 32.28 7.65
CA LEU D 30 -15.93 31.92 9.00
C LEU D 30 -17.00 32.27 10.01
N GLN D 31 -17.12 31.43 11.04
CA GLN D 31 -18.08 31.64 12.13
C GLN D 31 -17.38 31.21 13.42
N LEU D 32 -17.03 32.19 14.25
CA LEU D 32 -16.21 31.95 15.43
C LEU D 32 -16.96 32.30 16.70
N PHE D 33 -16.70 31.53 17.76
CA PHE D 33 -17.34 31.70 19.05
C PHE D 33 -16.36 31.97 20.19
N HIS D 34 -15.16 31.38 20.15
CA HIS D 34 -14.23 31.54 21.25
C HIS D 34 -13.71 32.97 21.32
N PRO D 35 -13.60 33.54 22.51
CA PRO D 35 -13.18 34.95 22.61
C PRO D 35 -11.79 35.21 22.07
N GLN D 36 -10.86 34.26 22.23
CA GLN D 36 -9.53 34.44 21.66
C GLN D 36 -9.59 34.51 20.15
N GLU D 37 -10.45 33.69 19.53
CA GLU D 37 -10.63 33.77 18.08
C GLU D 37 -11.35 35.05 17.69
N VAL D 38 -12.36 35.45 18.47
CA VAL D 38 -13.12 36.66 18.16
C VAL D 38 -12.25 37.89 18.31
N SER D 39 -11.52 38.00 19.42
CA SER D 39 -10.62 39.13 19.61
C SER D 39 -9.49 39.14 18.58
N MET D 40 -9.13 37.96 18.07
CA MET D 40 -8.08 37.89 17.06
C MET D 40 -8.54 38.49 15.74
N VAL D 41 -9.84 38.40 15.43
CA VAL D 41 -10.37 39.00 14.22
C VAL D 41 -10.52 40.51 14.39
N ARG D 42 -11.02 40.94 15.56
CA ARG D 42 -11.23 42.36 15.80
C ARG D 42 -9.93 43.15 15.68
N ASN D 43 -8.81 42.55 16.06
CA ASN D 43 -7.53 43.25 15.97
C ASN D 43 -7.01 43.29 14.53
N LEU D 44 -7.28 42.26 13.73
CA LEU D 44 -6.93 42.32 12.32
C LEU D 44 -7.66 43.45 11.61
N ILE D 45 -8.94 43.65 11.94
CA ILE D 45 -9.75 44.69 11.32
C ILE D 45 -9.08 46.04 11.40
N GLN D 46 -8.34 46.30 12.48
CA GLN D 46 -7.65 47.58 12.62
C GLN D 46 -6.30 47.57 11.90
N LYS D 47 -5.57 46.47 11.95
CA LYS D 47 -4.23 46.40 11.36
C LYS D 47 -4.29 46.26 9.85
N ASP D 48 -4.03 45.07 9.33
CA ASP D 48 -4.05 44.83 7.90
C ASP D 48 -5.09 43.78 7.47
N ARG D 49 -5.86 43.23 8.43
CA ARG D 49 -6.94 42.29 8.14
C ARG D 49 -6.45 41.03 7.44
N THR D 50 -5.19 40.67 7.66
CA THR D 50 -4.57 39.55 6.96
C THR D 50 -4.19 38.47 7.97
N PHE D 51 -4.71 37.26 7.75
CA PHE D 51 -4.31 36.08 8.51
C PHE D 51 -3.92 34.98 7.52
N ALA D 52 -3.25 33.96 8.03
CA ALA D 52 -2.69 32.89 7.21
C ALA D 52 -3.60 31.66 7.24
N VAL D 53 -3.74 31.02 6.08
CA VAL D 53 -4.51 29.79 5.93
C VAL D 53 -3.56 28.73 5.39
N LEU D 54 -3.29 27.71 6.19
CA LEU D 54 -2.30 26.71 5.86
C LEU D 54 -2.92 25.55 5.07
N ALA D 55 -2.09 24.90 4.26
CA ALA D 55 -2.53 23.83 3.37
C ALA D 55 -1.96 22.51 3.85
N TYR D 56 -2.84 21.59 4.24
CA TYR D 56 -2.43 20.26 4.66
C TYR D 56 -2.82 19.21 3.63
N ALA D 64 1.52 20.93 6.48
CA ALA D 64 1.77 22.36 6.63
C ALA D 64 3.09 22.76 5.99
N GLN D 65 3.09 22.93 4.66
CA GLN D 65 4.27 23.38 3.94
C GLN D 65 4.02 24.57 3.02
N PHE D 66 2.78 24.86 2.66
CA PHE D 66 2.44 26.03 1.85
C PHE D 66 1.10 26.57 2.32
N GLY D 67 0.72 27.73 1.80
CA GLY D 67 -0.54 28.33 2.20
C GLY D 67 -0.79 29.62 1.44
N THR D 68 -1.83 30.33 1.89
CA THR D 68 -2.24 31.58 1.27
C THR D 68 -2.69 32.57 2.34
N THR D 69 -2.34 33.84 2.14
CA THR D 69 -2.80 34.89 3.04
C THR D 69 -4.25 35.24 2.73
N ALA D 70 -5.03 35.45 3.79
CA ALA D 70 -6.45 35.74 3.67
C ALA D 70 -6.73 37.15 4.18
N GLU D 71 -7.48 37.93 3.40
CA GLU D 71 -7.83 39.29 3.75
C GLU D 71 -9.31 39.35 4.14
N ILE D 72 -9.57 39.88 5.33
CA ILE D 72 -10.94 40.01 5.83
C ILE D 72 -11.61 41.19 5.13
N TYR D 73 -12.78 40.94 4.54
CA TYR D 73 -13.53 41.98 3.86
C TYR D 73 -14.95 42.16 4.36
N ALA D 74 -15.46 41.23 5.19
CA ALA D 74 -16.81 41.32 5.72
C ALA D 74 -16.80 40.91 7.18
N TYR D 75 -17.65 41.57 7.97
CA TYR D 75 -17.69 41.34 9.41
C TYR D 75 -19.10 41.56 9.92
N ARG D 76 -19.60 40.62 10.72
CA ARG D 76 -20.95 40.70 11.27
C ARG D 76 -20.94 40.19 12.70
N GLU D 77 -21.76 40.80 13.55
CA GLU D 77 -21.83 40.46 14.97
C GLU D 77 -23.25 40.08 15.34
N GLU D 78 -23.43 38.90 15.91
CA GLU D 78 -24.73 38.42 16.37
C GLU D 78 -24.62 38.11 17.86
N GLN D 79 -25.42 38.82 18.66
CA GLN D 79 -25.39 38.70 20.11
C GLN D 79 -26.50 37.80 20.64
N ASP D 80 -26.80 36.71 19.94
CA ASP D 80 -27.94 35.86 20.28
C ASP D 80 -27.57 34.82 21.32
N PHE D 81 -28.51 34.57 22.24
CA PHE D 81 -28.39 33.50 23.24
C PHE D 81 -27.22 33.73 24.19
N GLY D 82 -26.90 34.98 24.48
CA GLY D 82 -25.88 35.30 25.46
C GLY D 82 -24.48 34.89 25.04
N ILE D 83 -24.35 34.43 23.79
CA ILE D 83 -23.08 34.02 23.23
C ILE D 83 -22.81 34.90 22.01
N GLU D 84 -21.63 35.54 22.00
CA GLU D 84 -21.26 36.45 20.92
C GLU D 84 -20.77 35.64 19.73
N ILE D 85 -21.58 35.57 18.67
CA ILE D 85 -21.23 34.90 17.44
C ILE D 85 -20.76 35.94 16.45
N VAL D 86 -19.55 35.76 15.91
CA VAL D 86 -18.97 36.68 14.95
C VAL D 86 -18.77 35.93 13.64
N LYS D 87 -19.43 36.40 12.58
CA LYS D 87 -19.26 35.84 11.25
C LYS D 87 -18.37 36.76 10.43
N VAL D 88 -17.46 36.16 9.68
CA VAL D 88 -16.46 36.91 8.91
C VAL D 88 -16.26 36.22 7.57
N LYS D 89 -16.32 37.01 6.50
CA LYS D 89 -16.02 36.53 5.15
C LYS D 89 -14.69 37.12 4.72
N ALA D 90 -13.74 36.25 4.36
CA ALA D 90 -12.42 36.66 3.92
C ALA D 90 -12.18 36.17 2.49
N ILE D 91 -11.14 36.71 1.86
CA ILE D 91 -10.77 36.36 0.50
C ILE D 91 -9.27 36.07 0.45
N GLY D 92 -8.90 35.01 -0.27
CA GLY D 92 -7.51 34.65 -0.38
C GLY D 92 -6.74 35.64 -1.24
N ARG D 93 -5.47 35.83 -0.88
CA ARG D 93 -4.67 36.88 -1.53
C ARG D 93 -3.36 36.34 -2.10
N GLN D 94 -2.34 36.21 -1.25
CA GLN D 94 -0.99 35.90 -1.69
C GLN D 94 -0.57 34.51 -1.24
N ARG D 95 -0.03 33.72 -2.17
CA ARG D 95 0.52 32.41 -1.83
C ARG D 95 1.84 32.57 -1.08
N PHE D 96 2.23 31.52 -0.37
CA PHE D 96 3.47 31.60 0.39
C PHE D 96 3.98 30.21 0.71
N LYS D 97 5.22 30.17 1.21
CA LYS D 97 5.85 28.97 1.75
C LYS D 97 6.22 29.22 3.20
N VAL D 98 5.76 28.35 4.10
CA VAL D 98 5.97 28.55 5.52
C VAL D 98 7.38 28.14 5.90
N LEU D 99 8.02 28.96 6.73
CA LEU D 99 9.35 28.68 7.25
C LEU D 99 9.34 28.18 8.68
N GLU D 100 8.43 28.69 9.51
CA GLU D 100 8.29 28.25 10.89
C GLU D 100 6.89 28.56 11.37
N LEU D 101 6.45 27.80 12.38
CA LEU D 101 5.13 27.97 12.98
C LEU D 101 5.29 27.86 14.49
N ARG D 102 5.07 28.95 15.20
CA ARG D 102 5.27 29.01 16.65
C ARG D 102 3.94 29.35 17.32
N THR D 103 3.37 28.39 18.03
CA THR D 103 2.15 28.64 18.79
C THR D 103 2.44 29.58 19.95
N GLN D 104 1.60 30.60 20.11
CA GLN D 104 1.84 31.63 21.12
C GLN D 104 1.01 31.39 22.38
N SER D 105 0.69 32.47 23.09
CA SER D 105 0.00 32.35 24.38
C SER D 105 -1.35 31.67 24.23
N ASP D 106 -2.15 32.11 23.26
CA ASP D 106 -3.46 31.53 23.02
C ASP D 106 -3.33 30.33 22.08
N GLY D 107 -4.47 29.75 21.69
CA GLY D 107 -4.45 28.71 20.67
C GLY D 107 -4.00 29.20 19.32
N ILE D 108 -4.00 30.52 19.10
CA ILE D 108 -3.52 31.08 17.85
C ILE D 108 -2.03 30.86 17.72
N GLN D 109 -1.55 30.87 16.47
CA GLN D 109 -0.16 30.62 16.17
C GLN D 109 0.38 31.69 15.22
N GLN D 110 1.70 31.84 15.21
CA GLN D 110 2.39 32.75 14.33
C GLN D 110 3.22 31.95 13.33
N ALA D 111 3.19 32.37 12.06
CA ALA D 111 3.77 31.61 10.97
C ALA D 111 4.83 32.46 10.25
N LYS D 112 6.10 32.07 10.40
CA LYS D 112 7.15 32.62 9.55
C LYS D 112 6.91 32.18 8.12
N VAL D 113 6.78 33.16 7.22
CA VAL D 113 6.13 32.96 5.93
C VAL D 113 6.87 33.74 4.86
N GLN D 114 7.17 33.08 3.74
CA GLN D 114 7.84 33.68 2.60
C GLN D 114 6.87 33.75 1.42
N ILE D 115 6.57 34.97 0.98
CA ILE D 115 5.57 35.16 -0.07
C ILE D 115 6.12 34.69 -1.41
N LEU D 116 5.35 33.83 -2.09
CA LEU D 116 5.75 33.35 -3.41
C LEU D 116 5.23 34.30 -4.48
N PRO D 117 6.02 34.57 -5.52
CA PRO D 117 5.54 35.41 -6.63
C PRO D 117 4.70 34.60 -7.61
N GLU D 118 3.93 35.34 -8.41
CA GLU D 118 3.12 34.76 -9.47
C GLU D 118 3.91 34.84 -10.78
N CYS D 119 4.24 33.68 -11.34
CA CYS D 119 5.09 33.63 -12.53
C CYS D 119 4.36 34.25 -13.71
N VAL D 120 4.85 35.39 -14.17
CA VAL D 120 4.30 36.09 -15.32
C VAL D 120 5.32 35.92 -16.46
N LEU D 121 4.99 35.03 -17.40
CA LEU D 121 5.85 34.78 -18.55
C LEU D 121 5.37 35.58 -19.76
N PRO D 122 6.29 36.01 -20.62
CA PRO D 122 5.88 36.64 -21.88
C PRO D 122 5.29 35.60 -22.83
N SER D 123 4.75 36.11 -23.93
CA SER D 123 4.25 35.22 -24.97
C SER D 123 5.40 34.44 -25.58
N THR D 124 5.11 33.22 -26.03
CA THR D 124 6.16 32.37 -26.59
C THR D 124 6.77 33.00 -27.84
N MET D 125 5.99 33.79 -28.59
CA MET D 125 6.48 34.42 -29.80
C MET D 125 7.25 35.70 -29.52
N SER D 126 7.31 36.16 -28.28
CA SER D 126 8.02 37.41 -27.98
C SER D 126 9.50 37.32 -28.32
N ALA D 127 10.06 36.11 -28.31
CA ALA D 127 11.47 35.94 -28.62
C ALA D 127 11.73 35.79 -30.11
N VAL D 128 10.77 35.27 -30.87
CA VAL D 128 10.96 35.00 -32.29
C VAL D 128 10.24 36.00 -33.19
N GLN D 129 9.37 36.84 -32.64
CA GLN D 129 8.56 37.74 -33.46
C GLN D 129 9.45 38.65 -34.30
N LEU D 130 9.30 38.58 -35.62
CA LEU D 130 10.05 39.44 -36.52
C LEU D 130 9.60 40.89 -36.37
N GLU D 131 10.57 41.80 -36.33
CA GLU D 131 10.27 43.21 -36.10
C GLU D 131 9.44 43.82 -37.21
N SER D 132 9.40 43.19 -38.39
CA SER D 132 8.59 43.73 -39.48
C SER D 132 7.10 43.48 -39.26
N LEU D 133 6.74 42.38 -38.60
CA LEU D 133 5.35 42.06 -38.31
C LEU D 133 4.94 42.45 -36.90
N ASN D 134 5.73 43.31 -36.24
CA ASN D 134 5.35 43.78 -34.91
C ASN D 134 4.08 44.62 -34.96
N LYS D 135 3.89 45.38 -36.04
CA LYS D 135 2.72 46.23 -36.19
C LYS D 135 1.46 45.45 -36.54
N CYS D 136 1.58 44.14 -36.78
CA CYS D 136 0.42 43.29 -37.04
C CYS D 136 0.05 42.42 -35.85
N GLN D 137 0.77 42.55 -34.73
CA GLN D 137 0.54 41.68 -33.58
C GLN D 137 -0.61 42.14 -32.70
N ILE D 138 -1.23 43.28 -32.99
CA ILE D 138 -2.48 43.68 -32.35
C ILE D 138 -3.60 43.39 -33.32
N PHE D 139 -4.56 42.57 -32.90
CA PHE D 139 -5.57 42.08 -33.81
C PHE D 139 -6.91 42.76 -33.56
N PRO D 140 -7.74 42.93 -34.58
CA PRO D 140 -9.10 43.42 -34.36
C PRO D 140 -9.84 42.51 -33.37
N SER D 141 -10.44 43.15 -32.36
CA SER D 141 -10.95 42.42 -31.21
C SER D 141 -11.95 41.34 -31.63
N LYS D 142 -12.02 40.28 -30.82
CA LYS D 142 -12.84 39.12 -31.16
C LYS D 142 -14.32 39.50 -31.16
N PRO D 143 -15.06 39.12 -32.20
CA PRO D 143 -16.52 39.30 -32.16
C PRO D 143 -17.16 38.35 -31.16
N VAL D 144 -18.44 38.58 -30.90
CA VAL D 144 -19.22 37.81 -29.94
C VAL D 144 -18.55 37.81 -28.57
N SER D 151 -16.88 33.39 -33.42
CA SER D 151 -17.02 31.99 -33.82
C SER D 151 -15.74 31.21 -33.53
N TYR D 152 -15.67 29.99 -34.06
CA TYR D 152 -14.47 29.17 -33.93
C TYR D 152 -13.54 29.29 -35.13
N LYS D 153 -14.00 29.85 -36.24
CA LYS D 153 -13.13 30.15 -37.37
C LYS D 153 -12.33 31.42 -37.14
N TRP D 154 -12.81 32.34 -36.30
CA TRP D 154 -11.99 33.47 -35.89
C TRP D 154 -10.75 33.01 -35.15
N TRP D 155 -10.90 31.97 -34.32
CA TRP D 155 -9.75 31.40 -33.62
C TRP D 155 -8.78 30.71 -34.58
N GLN D 156 -9.26 30.29 -35.75
CA GLN D 156 -8.36 29.72 -36.74
C GLN D 156 -7.44 30.79 -37.33
N LYS D 157 -7.96 31.99 -37.55
CA LYS D 157 -7.11 33.11 -37.96
C LYS D 157 -6.27 33.63 -36.81
N TYR D 158 -6.77 33.51 -35.58
CA TYR D 158 -5.98 33.91 -34.41
C TYR D 158 -4.68 33.12 -34.33
N GLN D 159 -4.76 31.80 -34.56
CA GLN D 159 -3.56 30.97 -34.49
C GLN D 159 -2.64 31.22 -35.67
N LYS D 160 -3.22 31.43 -36.86
CA LYS D 160 -2.42 31.63 -38.06
C LYS D 160 -1.67 32.96 -38.05
N ARG D 161 -2.13 33.93 -37.25
CA ARG D 161 -1.49 35.24 -37.20
C ARG D 161 -0.61 35.43 -35.97
N LYS D 162 -1.08 35.02 -34.79
CA LYS D 162 -0.29 35.20 -33.58
C LYS D 162 0.96 34.32 -33.58
N PHE D 163 0.91 33.17 -34.25
CA PHE D 163 2.01 32.22 -34.27
C PHE D 163 2.60 32.04 -35.67
N HIS D 164 2.55 33.10 -36.49
CA HIS D 164 3.12 32.99 -37.84
C HIS D 164 4.61 32.74 -37.78
N CYS D 165 5.31 33.39 -36.84
CA CYS D 165 6.75 33.22 -36.71
C CYS D 165 7.16 31.87 -36.17
N ALA D 166 6.21 30.96 -35.93
CA ALA D 166 6.56 29.60 -35.54
C ALA D 166 7.31 28.88 -36.64
N ASN D 167 7.14 29.29 -37.90
CA ASN D 167 7.91 28.72 -39.00
C ASN D 167 9.40 28.99 -38.85
N LEU D 168 9.78 29.96 -38.01
CA LEU D 168 11.18 30.22 -37.71
C LEU D 168 11.72 29.34 -36.60
N THR D 169 10.88 28.53 -35.97
CA THR D 169 11.28 27.66 -34.87
C THR D 169 11.14 26.20 -35.30
N SER D 170 11.30 25.30 -34.34
CA SER D 170 11.25 23.86 -34.58
C SER D 170 9.86 23.27 -34.36
N TRP D 171 8.85 24.11 -34.13
CA TRP D 171 7.53 23.62 -33.78
C TRP D 171 6.46 24.34 -34.58
N PRO D 172 5.37 23.65 -34.91
CA PRO D 172 4.29 24.26 -35.70
C PRO D 172 3.42 25.18 -34.84
N ARG D 173 2.38 25.73 -35.48
CA ARG D 173 1.52 26.70 -34.82
C ARG D 173 0.61 26.05 -33.79
N TRP D 174 0.16 24.82 -34.05
CA TRP D 174 -0.81 24.19 -33.15
C TRP D 174 -0.21 23.78 -31.82
N LEU D 175 1.11 23.61 -31.74
CA LEU D 175 1.72 23.32 -30.45
C LEU D 175 1.85 24.59 -29.60
N TYR D 176 2.21 25.70 -30.22
CA TYR D 176 2.29 26.96 -29.47
C TYR D 176 0.92 27.40 -28.97
N SER D 177 -0.14 26.99 -29.65
CA SER D 177 -1.48 27.29 -29.17
C SER D 177 -1.80 26.54 -27.88
N LEU D 178 -1.26 25.33 -27.73
CA LEU D 178 -1.44 24.54 -26.51
C LEU D 178 -0.75 25.17 -25.30
N TYR D 179 0.14 26.15 -25.52
CA TYR D 179 0.75 26.90 -24.43
C TYR D 179 0.34 28.37 -24.47
N ASP D 180 -0.73 28.69 -25.18
CA ASP D 180 -1.21 30.07 -25.30
C ASP D 180 -2.28 30.32 -24.24
N ALA D 181 -2.07 31.35 -23.42
CA ALA D 181 -2.99 31.62 -22.32
C ALA D 181 -4.38 31.98 -22.83
N GLU D 182 -4.45 32.79 -23.89
CA GLU D 182 -5.75 33.22 -24.40
C GLU D 182 -6.52 32.05 -25.01
N THR D 183 -5.84 31.10 -25.63
CA THR D 183 -6.52 29.96 -26.23
C THR D 183 -6.95 28.95 -25.17
N LEU D 184 -6.09 28.70 -24.18
CA LEU D 184 -6.45 27.76 -23.11
C LEU D 184 -7.63 28.29 -22.30
N MET D 185 -7.69 29.61 -22.10
CA MET D 185 -8.80 30.20 -21.36
C MET D 185 -10.12 30.01 -22.11
N ASP D 186 -10.10 30.16 -23.43
CA ASP D 186 -11.31 29.95 -24.22
C ASP D 186 -11.73 28.49 -24.20
N ARG D 187 -10.76 27.57 -24.21
CA ARG D 187 -11.08 26.14 -24.18
C ARG D 187 -11.70 25.75 -22.84
N ILE D 188 -11.18 26.29 -21.74
CA ILE D 188 -11.80 26.08 -20.44
C ILE D 188 -13.16 26.78 -20.38
N LYS D 189 -13.29 27.93 -21.06
CA LYS D 189 -14.57 28.63 -21.09
C LYS D 189 -15.65 27.81 -21.76
N LYS D 190 -15.29 26.99 -22.76
CA LYS D 190 -16.28 26.19 -23.46
C LYS D 190 -16.90 25.16 -22.53
N GLN D 191 -16.07 24.43 -21.80
CA GLN D 191 -16.57 23.37 -20.93
C GLN D 191 -17.27 23.94 -19.69
N LEU D 192 -16.82 25.09 -19.20
CA LEU D 192 -17.45 25.69 -18.03
C LEU D 192 -18.88 26.13 -18.32
N ARG D 193 -19.19 26.43 -19.58
CA ARG D 193 -20.55 26.83 -19.94
C ARG D 193 -21.50 25.64 -19.97
N GLU D 194 -21.00 24.45 -20.23
CA GLU D 194 -21.84 23.26 -20.17
C GLU D 194 -22.34 22.97 -18.76
N TRP D 195 -21.68 23.52 -17.74
CA TRP D 195 -22.13 23.39 -16.36
C TRP D 195 -22.99 24.56 -15.90
N ASP D 196 -22.94 25.69 -16.60
CA ASP D 196 -23.67 26.89 -16.20
C ASP D 196 -24.16 27.61 -17.44
N GLU D 197 -25.48 27.69 -17.60
CA GLU D 197 -26.05 28.44 -18.71
C GLU D 197 -25.98 29.94 -18.46
N ASN D 198 -26.20 30.37 -17.22
CA ASN D 198 -26.15 31.79 -16.85
C ASN D 198 -24.72 32.31 -16.74
N LEU D 199 -23.86 31.95 -17.68
CA LEU D 199 -22.46 32.37 -17.67
C LEU D 199 -22.14 33.08 -18.98
N LYS D 200 -21.79 34.35 -18.89
CA LYS D 200 -21.25 35.10 -20.02
C LYS D 200 -19.74 35.23 -19.87
N ASP D 201 -19.08 35.61 -20.97
CA ASP D 201 -17.63 35.78 -20.93
C ASP D 201 -17.21 36.87 -19.97
N ASP D 202 -18.10 37.81 -19.65
CA ASP D 202 -17.79 38.89 -18.72
C ASP D 202 -17.87 38.47 -17.26
N SER D 203 -18.11 37.19 -16.98
CA SER D 203 -18.18 36.70 -15.60
C SER D 203 -16.81 36.32 -15.06
N LEU D 204 -15.98 35.68 -15.90
CA LEU D 204 -14.66 35.21 -15.52
C LEU D 204 -13.61 36.29 -15.77
N PRO D 205 -12.54 36.31 -14.97
CA PRO D 205 -11.51 37.34 -15.14
C PRO D 205 -10.83 37.25 -16.50
N SER D 206 -10.50 38.41 -17.07
CA SER D 206 -9.76 38.46 -18.32
C SER D 206 -8.27 38.23 -18.14
N ASN D 207 -7.75 38.46 -16.93
CA ASN D 207 -6.35 38.16 -16.68
C ASN D 207 -6.15 36.65 -16.57
N PRO D 208 -5.08 36.11 -17.16
CA PRO D 208 -4.89 34.65 -17.09
C PRO D 208 -4.52 34.15 -15.71
N ILE D 209 -3.87 34.97 -14.88
CA ILE D 209 -3.53 34.54 -13.53
C ILE D 209 -4.78 34.45 -12.67
N ASP D 210 -5.61 35.50 -12.69
CA ASP D 210 -6.85 35.48 -11.91
C ASP D 210 -7.85 34.47 -12.45
N PHE D 211 -7.81 34.21 -13.76
CA PHE D 211 -8.70 33.22 -14.35
C PHE D 211 -8.36 31.82 -13.87
N SER D 212 -7.07 31.48 -13.82
CA SER D 212 -6.67 30.14 -13.39
C SER D 212 -7.03 29.90 -11.93
N TYR D 213 -6.92 30.95 -11.10
CA TYR D 213 -7.28 30.79 -9.69
C TYR D 213 -8.80 30.73 -9.50
N ARG D 214 -9.56 31.38 -10.38
CA ARG D 214 -11.01 31.30 -10.29
C ARG D 214 -11.50 29.90 -10.66
N VAL D 215 -10.91 29.31 -11.70
CA VAL D 215 -11.29 27.95 -12.09
C VAL D 215 -10.77 26.94 -11.07
N ALA D 216 -9.65 27.25 -10.41
CA ALA D 216 -9.10 26.34 -9.41
C ALA D 216 -10.07 26.12 -8.27
N ALA D 217 -10.70 27.18 -7.78
CA ALA D 217 -11.70 27.07 -6.73
C ALA D 217 -13.08 26.68 -7.26
N CYS D 218 -13.27 26.70 -8.58
CA CYS D 218 -14.57 26.36 -9.17
C CYS D 218 -14.70 24.88 -9.49
N LEU D 219 -13.62 24.22 -9.87
CA LEU D 219 -13.70 22.82 -10.27
C LEU D 219 -13.97 21.94 -9.06
N PRO D 220 -14.87 20.94 -9.19
CA PRO D 220 -15.11 19.99 -8.09
C PRO D 220 -13.98 18.97 -7.95
N ILE D 221 -12.86 19.43 -7.41
CA ILE D 221 -11.67 18.61 -7.24
C ILE D 221 -11.43 18.39 -5.76
N ASP D 222 -10.84 17.24 -5.43
CA ASP D 222 -10.50 16.95 -4.05
C ASP D 222 -9.31 17.82 -3.61
N ASP D 223 -8.89 17.64 -2.37
CA ASP D 223 -7.87 18.52 -1.81
C ASP D 223 -6.51 18.33 -2.49
N VAL D 224 -6.08 17.08 -2.66
CA VAL D 224 -4.74 16.79 -3.18
C VAL D 224 -4.47 17.46 -4.52
N LEU D 225 -5.53 17.76 -5.29
CA LEU D 225 -5.35 18.54 -6.51
C LEU D 225 -5.32 20.04 -6.25
N ARG D 226 -5.86 20.49 -5.10
CA ARG D 226 -5.89 21.91 -4.82
C ARG D 226 -4.51 22.45 -4.48
N ILE D 227 -3.69 21.67 -3.76
CA ILE D 227 -2.32 22.11 -3.51
C ILE D 227 -1.50 22.03 -4.79
N GLN D 228 -1.73 20.99 -5.60
CA GLN D 228 -0.96 20.83 -6.83
C GLN D 228 -1.13 22.05 -7.73
N LEU D 229 -2.37 22.51 -7.91
CA LEU D 229 -2.60 23.74 -8.67
C LEU D 229 -1.99 24.94 -7.95
N LEU D 230 -2.10 24.97 -6.62
CA LEU D 230 -1.50 26.05 -5.86
C LEU D 230 0.03 26.00 -5.94
N LYS D 231 0.61 24.82 -6.09
CA LYS D 231 2.06 24.66 -6.20
C LYS D 231 2.57 24.82 -7.62
N ILE D 232 1.68 24.87 -8.61
CA ILE D 232 2.10 25.05 -10.00
C ILE D 232 2.69 26.43 -10.19
N GLY D 233 3.85 26.49 -10.85
CA GLY D 233 4.56 27.74 -11.04
C GLY D 233 3.86 28.74 -11.94
N SER D 234 3.85 28.46 -13.24
CA SER D 234 3.30 29.40 -14.21
C SER D 234 1.78 29.32 -14.26
N ALA D 235 1.17 30.45 -14.64
CA ALA D 235 -0.27 30.46 -14.87
C ALA D 235 -0.63 29.66 -16.13
N ILE D 236 0.29 29.58 -17.09
CA ILE D 236 0.04 28.76 -18.28
C ILE D 236 -0.06 27.29 -17.89
N GLN D 237 0.80 26.84 -16.98
CA GLN D 237 0.75 25.45 -16.55
C GLN D 237 -0.51 25.17 -15.72
N ARG D 238 -0.93 26.12 -14.90
CA ARG D 238 -2.14 25.94 -14.12
C ARG D 238 -3.37 25.84 -15.02
N LEU D 239 -3.38 26.58 -16.13
CA LEU D 239 -4.49 26.49 -17.06
C LEU D 239 -4.50 25.14 -17.78
N ARG D 240 -3.32 24.67 -18.21
CA ARG D 240 -3.24 23.41 -18.92
C ARG D 240 -3.65 22.25 -18.02
N CYS D 241 -3.12 22.22 -16.79
CA CYS D 241 -3.46 21.14 -15.86
C CYS D 241 -4.93 21.18 -15.47
N GLU D 242 -5.48 22.39 -15.29
CA GLU D 242 -6.91 22.51 -15.01
C GLU D 242 -7.73 21.94 -16.16
N LEU D 243 -7.44 22.39 -17.38
CA LEU D 243 -8.12 21.84 -18.55
C LEU D 243 -7.87 20.33 -18.68
N ASP D 244 -6.69 19.87 -18.23
CA ASP D 244 -6.42 18.44 -18.23
C ASP D 244 -7.31 17.70 -17.23
N ILE D 245 -7.68 18.35 -16.13
CA ILE D 245 -8.54 17.73 -15.14
C ILE D 245 -9.95 17.53 -15.70
N MET D 246 -10.52 18.58 -16.30
CA MET D 246 -11.89 18.51 -16.81
C MET D 246 -12.01 17.54 -17.98
N ASN D 247 -10.93 17.27 -18.71
CA ASN D 247 -11.02 16.39 -19.88
C ASN D 247 -10.94 14.93 -19.49
N LYS D 248 -10.07 14.58 -18.53
CA LYS D 248 -9.83 13.19 -18.17
C LYS D 248 -10.63 12.74 -16.96
N CYS D 249 -10.71 13.56 -15.91
CA CYS D 249 -11.46 13.21 -14.70
C CYS D 249 -12.95 13.47 -14.98
N THR D 250 -13.56 12.53 -15.72
CA THR D 250 -14.96 12.65 -16.11
C THR D 250 -15.91 11.96 -15.15
N SER D 251 -15.40 11.21 -14.19
CA SER D 251 -16.24 10.52 -13.21
C SER D 251 -15.76 10.87 -11.81
N LEU D 252 -16.72 11.14 -10.92
CA LEU D 252 -16.44 11.49 -9.54
C LEU D 252 -16.71 10.28 -8.66
N CYS D 253 -15.71 9.85 -7.89
CA CYS D 253 -15.81 8.69 -7.04
C CYS D 253 -15.77 9.10 -5.56
N CYS D 254 -16.16 8.16 -4.70
CA CYS D 254 -16.18 8.43 -3.28
C CYS D 254 -14.77 8.53 -2.74
N LYS D 255 -14.46 9.62 -2.03
CA LYS D 255 -13.10 9.86 -1.58
C LYS D 255 -12.62 8.76 -0.63
N GLN D 256 -13.53 8.17 0.14
CA GLN D 256 -13.11 7.18 1.15
C GLN D 256 -12.79 5.83 0.50
N CYS D 257 -13.81 5.18 -0.09
CA CYS D 257 -13.60 3.87 -0.70
C CYS D 257 -12.97 3.96 -2.09
N GLN D 258 -12.89 5.15 -2.68
CA GLN D 258 -12.06 5.45 -3.85
C GLN D 258 -12.56 4.82 -5.14
N GLU D 259 -13.22 3.66 -5.07
CA GLU D 259 -13.65 2.96 -6.28
C GLU D 259 -15.14 3.09 -6.57
N THR D 260 -15.92 3.61 -5.63
CA THR D 260 -17.36 3.76 -5.84
C THR D 260 -17.64 5.07 -6.56
N GLU D 261 -18.25 4.99 -7.74
CA GLU D 261 -18.56 6.17 -8.53
C GLU D 261 -19.95 6.69 -8.17
N ILE D 262 -20.03 7.99 -7.88
CA ILE D 262 -21.30 8.63 -7.52
C ILE D 262 -21.94 9.31 -8.72
N THR D 263 -21.20 10.16 -9.41
CA THR D 263 -21.72 10.90 -10.54
C THR D 263 -20.61 11.10 -11.56
N THR D 264 -20.96 11.70 -12.69
CA THR D 264 -20.02 11.92 -13.78
C THR D 264 -20.06 13.38 -14.20
N LYS D 265 -19.22 13.72 -15.19
CA LYS D 265 -19.15 15.10 -15.67
C LYS D 265 -20.45 15.52 -16.36
N ASN D 266 -21.17 14.56 -16.97
CA ASN D 266 -22.34 14.89 -17.76
C ASN D 266 -23.47 15.50 -16.93
N GLU D 267 -23.51 15.21 -15.62
CA GLU D 267 -24.65 15.58 -14.80
C GLU D 267 -24.50 16.94 -14.11
N ILE D 268 -23.33 17.55 -14.16
CA ILE D 268 -23.12 18.83 -13.47
C ILE D 268 -23.94 19.92 -14.13
N PHE D 269 -24.70 20.65 -13.32
CA PHE D 269 -25.49 21.78 -13.79
C PHE D 269 -25.43 22.88 -12.74
N SER D 270 -26.05 24.01 -13.05
CA SER D 270 -26.06 25.19 -12.17
C SER D 270 -27.48 25.61 -11.91
N LEU D 271 -27.95 25.39 -10.67
CA LEU D 271 -29.24 25.94 -10.25
C LEU D 271 -29.08 27.35 -9.70
N SER D 272 -28.15 27.54 -8.78
CA SER D 272 -27.83 28.87 -8.28
C SER D 272 -26.96 29.60 -9.30
N LEU D 273 -27.28 30.89 -9.52
CA LEU D 273 -26.51 31.69 -10.47
C LEU D 273 -25.04 31.82 -10.07
N CYS D 274 -24.71 31.56 -8.81
CA CYS D 274 -23.35 31.64 -8.28
C CYS D 274 -22.46 30.49 -8.77
N GLY D 275 -22.89 29.69 -9.74
CA GLY D 275 -22.06 28.63 -10.28
C GLY D 275 -22.61 27.25 -9.97
N PRO D 276 -21.85 26.20 -10.33
CA PRO D 276 -22.28 24.83 -10.05
C PRO D 276 -21.79 24.30 -8.71
N MET D 277 -20.91 25.02 -8.02
CA MET D 277 -20.36 24.58 -6.74
C MET D 277 -20.15 25.83 -5.90
N ALA D 278 -21.23 26.30 -5.29
CA ALA D 278 -21.19 27.47 -4.42
C ALA D 278 -21.04 27.04 -2.97
N ALA D 279 -20.29 27.82 -2.21
CA ALA D 279 -20.07 27.52 -0.79
C ALA D 279 -21.30 27.91 0.00
N TYR D 280 -21.96 26.91 0.60
CA TYR D 280 -23.12 27.12 1.45
C TYR D 280 -22.76 26.83 2.90
N VAL D 281 -23.55 27.39 3.81
CA VAL D 281 -23.33 27.25 5.25
C VAL D 281 -24.49 26.49 5.86
N ASN D 282 -24.18 25.59 6.78
CA ASN D 282 -25.17 24.75 7.45
C ASN D 282 -25.60 25.40 8.75
N PRO D 283 -26.69 24.89 9.38
CA PRO D 283 -27.23 25.56 10.58
C PRO D 283 -26.22 25.78 11.71
N HIS D 284 -25.10 25.07 11.70
CA HIS D 284 -24.13 25.16 12.78
C HIS D 284 -22.79 25.75 12.33
N GLY D 285 -22.74 26.37 11.15
CA GLY D 285 -21.59 27.13 10.72
C GLY D 285 -20.67 26.41 9.75
N TYR D 286 -20.89 25.12 9.51
CA TYR D 286 -20.01 24.38 8.60
C TYR D 286 -20.28 24.80 7.16
N VAL D 287 -19.21 25.07 6.41
CA VAL D 287 -19.30 25.46 5.02
C VAL D 287 -19.20 24.22 4.15
N HIS D 288 -20.07 24.11 3.15
CA HIS D 288 -20.15 22.94 2.28
C HIS D 288 -20.08 23.39 0.83
N GLU D 289 -18.95 23.15 0.18
CA GLU D 289 -18.84 23.37 -1.26
C GLU D 289 -19.70 22.34 -1.98
N THR D 290 -20.93 22.72 -2.31
CA THR D 290 -21.95 21.78 -2.76
C THR D 290 -22.06 21.83 -4.28
N LEU D 291 -21.76 20.71 -4.93
CA LEU D 291 -21.88 20.57 -6.38
C LEU D 291 -23.24 19.96 -6.71
N THR D 292 -23.98 20.64 -7.59
CA THR D 292 -25.33 20.21 -7.97
C THR D 292 -25.26 19.42 -9.26
N VAL D 293 -25.66 18.15 -9.20
CA VAL D 293 -25.72 17.28 -10.37
C VAL D 293 -27.16 16.81 -10.56
N TYR D 294 -27.47 16.40 -11.79
CA TYR D 294 -28.82 15.93 -12.10
C TYR D 294 -29.09 14.56 -11.52
N LYS D 295 -28.16 13.62 -11.67
CA LYS D 295 -28.34 12.27 -11.19
C LYS D 295 -27.05 11.78 -10.54
N ALA D 296 -27.21 10.95 -9.51
CA ALA D 296 -26.10 10.33 -8.81
C ALA D 296 -26.36 8.82 -8.70
N CYS D 297 -25.34 8.11 -8.22
CA CYS D 297 -25.42 6.65 -8.14
C CYS D 297 -24.78 6.17 -6.85
N ASN D 298 -25.17 4.96 -6.45
CA ASN D 298 -24.58 4.27 -5.30
C ASN D 298 -24.71 5.09 -4.01
N LEU D 299 -25.92 5.57 -3.76
CA LEU D 299 -26.20 6.39 -2.59
C LEU D 299 -27.40 5.85 -1.83
N ASN D 300 -27.33 5.93 -0.51
CA ASN D 300 -28.43 5.55 0.37
C ASN D 300 -28.99 6.79 1.05
N LEU D 301 -30.31 6.92 1.04
CA LEU D 301 -30.97 8.04 1.68
C LEU D 301 -31.19 7.77 3.16
N ILE D 302 -31.19 8.83 3.95
CA ILE D 302 -31.34 8.74 5.40
C ILE D 302 -32.52 9.61 5.81
N GLY D 303 -33.55 8.98 6.38
CA GLY D 303 -34.69 9.71 6.87
C GLY D 303 -35.57 10.26 5.77
N ARG D 304 -36.52 11.12 6.19
CA ARG D 304 -37.47 11.78 5.32
C ARG D 304 -36.98 13.16 4.90
N PRO D 305 -37.40 13.64 3.72
CA PRO D 305 -36.98 14.98 3.30
C PRO D 305 -37.48 16.06 4.24
N SER D 306 -36.72 17.14 4.34
CA SER D 306 -37.05 18.27 5.20
C SER D 306 -36.65 19.55 4.50
N THR D 307 -37.27 20.66 4.91
CA THR D 307 -37.00 21.97 4.33
C THR D 307 -36.28 22.90 5.31
N GLU D 308 -35.91 22.40 6.48
CA GLU D 308 -35.23 23.23 7.47
C GLU D 308 -33.86 23.65 6.95
N HIS D 309 -33.64 24.97 6.87
CA HIS D 309 -32.35 25.54 6.48
C HIS D 309 -31.91 25.03 5.10
N SER D 310 -32.88 24.85 4.21
CA SER D 310 -32.56 24.35 2.87
C SER D 310 -31.85 25.43 2.06
N TRP D 311 -30.74 25.06 1.44
CA TRP D 311 -29.94 26.01 0.66
C TRP D 311 -30.57 26.36 -0.68
N PHE D 312 -31.64 25.67 -1.08
CA PHE D 312 -32.33 25.95 -2.33
C PHE D 312 -33.82 26.12 -2.03
N PRO D 313 -34.36 27.33 -2.10
CA PRO D 313 -35.78 27.53 -1.76
C PRO D 313 -36.68 26.75 -2.70
N GLY D 314 -37.60 26.00 -2.11
CA GLY D 314 -38.51 25.16 -2.85
C GLY D 314 -38.10 23.70 -2.95
N TYR D 315 -36.95 23.34 -2.37
CA TYR D 315 -36.45 21.97 -2.42
C TYR D 315 -36.24 21.44 -1.01
N ALA D 316 -36.60 20.18 -0.81
CA ALA D 316 -36.40 19.51 0.47
C ALA D 316 -35.19 18.60 0.39
N TRP D 317 -34.32 18.67 1.39
CA TRP D 317 -33.07 17.93 1.41
C TRP D 317 -33.23 16.63 2.21
N THR D 318 -32.44 15.62 1.80
CA THR D 318 -32.40 14.34 2.50
C THR D 318 -30.95 13.87 2.51
N VAL D 319 -30.46 13.50 3.70
CA VAL D 319 -29.06 13.12 3.85
C VAL D 319 -28.77 11.89 3.01
N ALA D 320 -27.72 11.97 2.19
CA ALA D 320 -27.32 10.89 1.31
C ALA D 320 -25.93 10.40 1.68
N GLN D 321 -25.78 9.08 1.80
CA GLN D 321 -24.51 8.45 2.15
C GLN D 321 -24.12 7.43 1.08
N CYS D 322 -22.85 7.04 1.11
CA CYS D 322 -22.35 6.07 0.14
C CYS D 322 -22.83 4.66 0.49
N LYS D 323 -23.18 3.89 -0.53
CA LYS D 323 -23.68 2.53 -0.32
C LYS D 323 -22.60 1.60 0.20
N ILE D 324 -21.33 1.90 -0.03
CA ILE D 324 -20.24 0.98 0.30
C ILE D 324 -19.68 1.26 1.69
N CYS D 325 -19.26 2.50 1.95
CA CYS D 325 -18.58 2.83 3.19
C CYS D 325 -19.44 3.63 4.16
N ALA D 326 -20.65 4.02 3.76
CA ALA D 326 -21.58 4.77 4.61
C ALA D 326 -20.99 6.11 5.05
N SER D 327 -20.19 6.73 4.20
CA SER D 327 -19.67 8.07 4.46
C SER D 327 -20.61 9.10 3.84
N HIS D 328 -20.62 10.30 4.43
CA HIS D 328 -21.48 11.35 3.95
C HIS D 328 -20.99 11.85 2.59
N ILE D 329 -21.87 11.83 1.59
CA ILE D 329 -21.56 12.29 0.26
C ILE D 329 -22.23 13.62 -0.05
N GLY D 330 -23.45 13.82 0.45
CA GLY D 330 -24.18 15.07 0.25
C GLY D 330 -25.62 14.99 0.68
N TRP D 331 -26.52 15.58 -0.10
CA TRP D 331 -27.95 15.53 0.17
C TRP D 331 -28.71 15.45 -1.14
N LYS D 332 -29.84 14.74 -1.10
CA LYS D 332 -30.75 14.65 -2.24
C LYS D 332 -31.87 15.67 -2.07
N PHE D 333 -32.06 16.51 -3.08
CA PHE D 333 -33.05 17.58 -3.03
C PHE D 333 -34.26 17.20 -3.87
N THR D 334 -35.44 17.23 -3.25
CA THR D 334 -36.69 16.92 -3.91
C THR D 334 -37.58 18.17 -3.90
N ALA D 335 -38.30 18.38 -4.98
CA ALA D 335 -39.09 19.60 -5.16
C ALA D 335 -40.34 19.59 -4.29
N THR D 336 -40.70 20.76 -3.78
CA THR D 336 -41.91 20.89 -2.97
C THR D 336 -43.15 21.08 -3.86
N LYS D 337 -43.12 22.06 -4.74
CA LYS D 337 -44.22 22.32 -5.65
C LYS D 337 -44.03 21.46 -6.91
N LYS D 338 -44.74 21.79 -7.99
CA LYS D 338 -44.67 21.01 -9.22
C LYS D 338 -44.19 21.80 -10.44
N ASP D 339 -44.34 23.12 -10.44
CA ASP D 339 -43.92 23.93 -11.58
C ASP D 339 -42.41 24.11 -11.64
N MET D 340 -41.65 23.46 -10.76
CA MET D 340 -40.22 23.60 -10.71
C MET D 340 -39.53 22.51 -11.52
N SER D 341 -38.38 22.86 -12.11
CA SER D 341 -37.53 21.92 -12.81
C SER D 341 -36.10 22.35 -12.47
N PRO D 342 -35.25 21.43 -12.02
CA PRO D 342 -35.47 19.98 -11.87
C PRO D 342 -36.33 19.61 -10.68
N GLN D 343 -37.16 18.58 -10.81
CA GLN D 343 -37.91 18.06 -9.67
C GLN D 343 -37.02 17.32 -8.69
N LYS D 344 -35.80 16.96 -9.08
CA LYS D 344 -34.89 16.24 -8.22
C LYS D 344 -33.46 16.48 -8.68
N PHE D 345 -32.59 16.74 -7.71
CA PHE D 345 -31.15 16.86 -7.97
C PHE D 345 -30.42 16.58 -6.67
N TRP D 346 -29.12 16.30 -6.80
CA TRP D 346 -28.28 15.92 -5.68
C TRP D 346 -27.28 17.03 -5.37
N GLY D 347 -27.10 17.30 -4.08
CA GLY D 347 -26.13 18.28 -3.64
C GLY D 347 -24.92 17.62 -3.00
N LEU D 348 -23.95 17.24 -3.82
CA LEU D 348 -22.78 16.53 -3.33
C LEU D 348 -21.72 17.50 -2.81
N THR D 349 -21.29 17.30 -1.57
CA THR D 349 -20.26 18.15 -1.00
C THR D 349 -18.90 17.80 -1.59
N ARG D 350 -18.04 18.81 -1.67
CA ARG D 350 -16.75 18.64 -2.35
C ARG D 350 -15.80 17.78 -1.54
N SER D 351 -15.81 17.92 -0.21
CA SER D 351 -14.88 17.19 0.64
C SER D 351 -15.09 15.69 0.59
N ALA D 352 -16.15 15.21 -0.06
CA ALA D 352 -16.44 13.79 -0.13
C ALA D 352 -16.17 13.16 -1.49
N LEU D 353 -15.86 13.97 -2.50
CA LEU D 353 -15.70 13.48 -3.87
C LEU D 353 -14.22 13.27 -4.19
N LEU D 354 -13.98 12.47 -5.23
CA LEU D 354 -12.62 12.18 -5.71
C LEU D 354 -12.69 12.06 -7.22
N PRO D 355 -12.22 13.07 -7.96
CA PRO D 355 -12.24 13.00 -9.42
C PRO D 355 -11.28 11.93 -9.93
N THR D 356 -11.82 10.93 -10.63
CA THR D 356 -11.03 9.84 -11.16
C THR D 356 -11.12 9.81 -12.68
N ILE D 357 -10.12 9.21 -13.30
CA ILE D 357 -10.07 9.01 -14.74
C ILE D 357 -10.58 7.60 -15.04
N PRO D 358 -11.76 7.45 -15.66
CA PRO D 358 -12.26 6.10 -15.97
C PRO D 358 -11.26 5.32 -16.80
N ASP D 359 -11.03 4.08 -16.41
CA ASP D 359 -10.06 3.24 -17.09
C ASP D 359 -10.60 2.77 -18.44
N THR D 360 -9.69 2.62 -19.39
CA THR D 360 -10.05 2.20 -20.74
C THR D 360 -10.08 0.67 -20.84
N VAL D 369 -2.34 6.83 -18.03
CA VAL D 369 -2.89 8.17 -18.19
C VAL D 369 -2.62 8.99 -16.93
N ILE D 370 -1.88 10.09 -17.10
CA ILE D 370 -1.50 10.97 -16.01
C ILE D 370 -1.86 12.40 -16.41
N LEU D 371 -2.23 13.19 -15.41
CA LEU D 371 -2.52 14.61 -15.64
C LEU D 371 -1.23 15.33 -16.03
N CYS D 372 -1.22 15.91 -17.22
CA CYS D 372 -0.03 16.55 -17.77
C CYS D 372 -0.11 18.06 -17.54
N LEU D 373 1.03 18.65 -17.17
CA LEU D 373 1.12 20.09 -16.94
C LEU D 373 1.38 20.84 -18.23
N SER E 2 28.95 22.20 -14.24
CA SER E 2 29.83 22.15 -15.40
C SER E 2 30.38 23.53 -15.74
N TYR E 3 31.59 23.55 -16.27
CA TYR E 3 32.23 24.77 -16.75
C TYR E 3 32.30 24.68 -18.27
N ASN E 4 31.58 25.57 -18.95
CA ASN E 4 31.40 25.46 -20.39
C ASN E 4 31.95 26.70 -21.09
N TYR E 5 32.20 26.54 -22.39
CA TYR E 5 32.85 27.54 -23.22
C TYR E 5 32.11 27.62 -24.54
N VAL E 6 31.56 28.79 -24.86
CA VAL E 6 30.75 28.98 -26.06
C VAL E 6 31.42 30.01 -26.94
N VAL E 7 31.66 29.65 -28.21
CA VAL E 7 32.29 30.52 -29.18
C VAL E 7 31.47 30.52 -30.46
N THR E 8 31.44 31.66 -31.14
CA THR E 8 30.71 31.81 -32.39
C THR E 8 31.50 31.19 -33.53
N ALA E 9 30.90 30.22 -34.21
CA ALA E 9 31.51 29.63 -35.40
C ALA E 9 31.11 30.36 -36.68
N GLN E 10 29.95 31.01 -36.69
CA GLN E 10 29.50 31.79 -37.82
C GLN E 10 28.63 32.94 -37.31
N LYS E 11 29.00 34.16 -37.68
CA LYS E 11 28.28 35.33 -37.21
C LYS E 11 26.87 35.37 -37.80
N PRO E 12 25.93 36.05 -37.14
CA PRO E 12 24.55 36.10 -37.64
C PRO E 12 24.48 36.64 -39.04
N THR E 13 23.66 36.00 -39.88
CA THR E 13 23.54 36.34 -41.28
C THR E 13 22.25 37.06 -41.64
N ALA E 14 21.21 36.95 -40.80
CA ALA E 14 19.94 37.60 -41.09
C ALA E 14 20.06 39.11 -40.96
N VAL E 15 19.24 39.83 -41.72
CA VAL E 15 19.24 41.28 -41.74
C VAL E 15 17.97 41.76 -41.06
N ASN E 16 18.12 42.52 -39.97
CA ASN E 16 17.00 43.08 -39.24
C ASN E 16 16.95 44.60 -39.31
N GLY E 17 17.85 45.24 -40.06
CA GLY E 17 17.86 46.68 -40.17
C GLY E 17 18.74 47.19 -41.28
N CYS E 18 18.31 48.25 -41.96
CA CYS E 18 19.08 48.85 -43.04
C CYS E 18 18.71 50.32 -43.16
N VAL E 19 19.70 51.19 -42.96
CA VAL E 19 19.50 52.62 -43.12
C VAL E 19 20.61 53.17 -44.01
N THR E 20 20.30 54.26 -44.70
CA THR E 20 21.27 54.97 -45.52
C THR E 20 21.47 56.37 -44.97
N GLY E 21 22.56 56.99 -45.41
CA GLY E 21 22.88 58.33 -44.94
C GLY E 21 24.35 58.64 -45.19
N HIS E 22 24.83 59.65 -44.49
CA HIS E 22 26.20 60.16 -44.63
C HIS E 22 26.89 60.05 -43.28
N PHE E 23 27.19 58.82 -42.88
CA PHE E 23 27.76 58.56 -41.56
C PHE E 23 29.27 58.73 -41.55
N THR E 24 29.96 58.24 -42.59
CA THR E 24 31.41 58.30 -42.65
C THR E 24 31.90 59.69 -43.07
N SER E 25 31.37 60.20 -44.18
CA SER E 25 31.71 61.54 -44.65
C SER E 25 30.45 62.19 -45.20
N ALA E 26 30.48 63.53 -45.26
CA ALA E 26 29.31 64.27 -45.72
C ALA E 26 28.96 63.94 -47.16
N GLU E 27 29.97 63.73 -48.00
CA GLU E 27 29.72 63.38 -49.40
C GLU E 27 29.34 61.92 -49.57
N ASP E 28 29.93 61.04 -48.76
CA ASP E 28 29.74 59.60 -48.92
C ASP E 28 28.30 59.21 -48.62
N LEU E 29 27.78 58.27 -49.41
CA LEU E 29 26.49 57.66 -49.18
C LEU E 29 26.73 56.30 -48.54
N ASN E 30 26.31 56.13 -47.30
CA ASN E 30 26.57 54.92 -46.54
C ASN E 30 25.34 54.03 -46.52
N LEU E 31 25.57 52.73 -46.37
CA LEU E 31 24.52 51.75 -46.10
C LEU E 31 24.90 51.01 -44.82
N LEU E 32 24.12 51.23 -43.77
CA LEU E 32 24.38 50.61 -42.47
C LEU E 32 23.40 49.46 -42.30
N ILE E 33 23.92 48.26 -42.08
CA ILE E 33 23.14 47.05 -42.01
C ILE E 33 23.28 46.44 -40.63
N ALA E 34 22.16 46.13 -40.00
CA ALA E 34 22.13 45.53 -38.66
C ALA E 34 21.86 44.04 -38.80
N LYS E 35 22.79 43.22 -38.29
CA LYS E 35 22.66 41.77 -38.26
C LYS E 35 22.67 41.33 -36.80
N ASN E 36 21.53 41.51 -36.14
CA ASN E 36 21.34 41.18 -34.74
C ASN E 36 22.32 41.93 -33.85
N THR E 37 23.50 41.35 -33.61
CA THR E 37 24.51 41.93 -32.74
C THR E 37 25.64 42.57 -33.52
N ARG E 38 25.53 42.67 -34.84
CA ARG E 38 26.58 43.21 -35.68
C ARG E 38 26.06 44.37 -36.51
N LEU E 39 26.99 45.21 -36.96
CA LEU E 39 26.64 46.40 -37.75
C LEU E 39 27.68 46.56 -38.86
N GLU E 40 27.24 46.45 -40.10
CA GLU E 40 28.11 46.60 -41.27
C GLU E 40 27.88 47.96 -41.90
N ILE E 41 28.98 48.62 -42.27
CA ILE E 41 28.94 49.94 -42.90
C ILE E 41 29.61 49.84 -44.27
N TYR E 42 28.86 50.14 -45.33
CA TYR E 42 29.39 50.20 -46.68
C TYR E 42 29.17 51.59 -47.26
N VAL E 43 30.06 51.98 -48.19
CA VAL E 43 29.86 53.15 -49.03
C VAL E 43 29.28 52.68 -50.37
N VAL E 44 28.21 53.33 -50.81
CA VAL E 44 27.52 52.92 -52.03
C VAL E 44 28.33 53.39 -53.24
N THR E 45 28.86 52.43 -53.99
CA THR E 45 29.60 52.70 -55.22
C THR E 45 28.68 52.50 -56.43
N ALA E 46 29.17 52.92 -57.60
CA ALA E 46 28.42 52.71 -58.83
C ALA E 46 28.29 51.23 -59.14
N GLU E 47 29.34 50.45 -58.89
CA GLU E 47 29.27 49.01 -59.10
C GLU E 47 28.35 48.35 -58.09
N GLY E 48 28.62 48.55 -56.81
CA GLY E 48 27.81 47.95 -55.75
C GLY E 48 28.08 48.56 -54.39
N LEU E 49 28.64 47.78 -53.49
CA LEU E 49 28.96 48.23 -52.14
C LEU E 49 30.40 47.89 -51.79
N ARG E 50 31.07 48.82 -51.12
CA ARG E 50 32.44 48.61 -50.68
C ARG E 50 32.47 48.60 -49.15
N PRO E 51 32.98 47.53 -48.54
CA PRO E 51 32.99 47.48 -47.07
C PRO E 51 33.94 48.50 -46.49
N VAL E 52 33.52 49.12 -45.38
CA VAL E 52 34.28 50.15 -44.70
C VAL E 52 34.68 49.72 -43.29
N LYS E 53 33.71 49.27 -42.50
CA LYS E 53 33.96 48.90 -41.12
C LYS E 53 32.88 47.96 -40.65
N GLU E 54 33.29 46.91 -39.92
CA GLU E 54 32.37 45.96 -39.31
C GLU E 54 32.57 46.04 -37.81
N VAL E 55 31.50 46.32 -37.07
CA VAL E 55 31.58 46.45 -35.63
C VAL E 55 30.61 45.48 -34.98
N GLY E 56 30.94 45.09 -33.76
CA GLY E 56 30.06 44.27 -32.96
C GLY E 56 29.55 45.02 -31.75
N MET E 57 28.43 44.57 -31.19
CA MET E 57 27.90 45.22 -30.01
C MET E 57 27.56 44.20 -28.94
N TYR E 58 27.44 44.70 -27.72
CA TYR E 58 27.04 43.89 -26.57
C TYR E 58 25.52 43.98 -26.36
N GLY E 59 24.79 43.78 -27.44
CA GLY E 59 23.34 43.87 -27.39
C GLY E 59 22.75 43.54 -28.75
N LYS E 60 21.46 43.24 -28.73
CA LYS E 60 20.69 42.97 -29.94
C LYS E 60 20.12 44.28 -30.46
N ILE E 61 20.58 44.72 -31.63
CA ILE E 61 20.17 46.01 -32.17
C ILE E 61 18.66 46.02 -32.40
N ALA E 62 17.95 46.86 -31.65
CA ALA E 62 16.50 46.97 -31.77
C ALA E 62 16.07 48.17 -32.61
N VAL E 63 16.74 49.30 -32.45
CA VAL E 63 16.47 50.50 -33.23
C VAL E 63 17.79 51.03 -33.78
N MET E 64 17.81 51.32 -35.08
CA MET E 64 19.02 51.81 -35.76
C MET E 64 18.60 52.88 -36.75
N GLU E 65 18.89 54.15 -36.42
CA GLU E 65 18.48 55.28 -37.25
C GLU E 65 19.58 56.33 -37.25
N LEU E 66 19.78 56.97 -38.39
CA LEU E 66 20.75 58.04 -38.53
C LEU E 66 20.07 59.40 -38.44
N PHE E 67 20.82 60.39 -37.98
CA PHE E 67 20.33 61.75 -37.84
C PHE E 67 21.51 62.69 -37.68
N ARG E 68 21.28 63.97 -37.99
CA ARG E 68 22.31 64.99 -37.90
C ARG E 68 21.73 66.26 -37.28
N PRO E 69 22.01 66.52 -36.00
CA PRO E 69 21.60 67.80 -35.41
C PRO E 69 22.37 68.96 -36.00
N LYS E 70 21.85 70.16 -35.77
CA LYS E 70 22.44 71.36 -36.34
C LYS E 70 23.82 71.61 -35.73
N GLY E 71 24.79 71.87 -36.59
CA GLY E 71 26.16 72.08 -36.16
C GLY E 71 27.03 70.85 -36.16
N GLU E 72 26.64 69.80 -36.88
CA GLU E 72 27.39 68.55 -36.94
C GLU E 72 27.98 68.37 -38.34
N SER E 73 29.19 67.83 -38.39
CA SER E 73 29.88 67.59 -39.66
C SER E 73 29.11 66.57 -40.50
N LYS E 74 29.07 65.32 -40.03
CA LYS E 74 28.40 64.23 -40.73
C LYS E 74 27.22 63.74 -39.90
N ASP E 75 26.60 62.66 -40.36
CA ASP E 75 25.45 62.08 -39.68
C ASP E 75 25.88 61.32 -38.43
N LEU E 76 25.00 61.29 -37.44
CA LEU E 76 25.19 60.53 -36.21
C LEU E 76 24.29 59.30 -36.22
N LEU E 77 24.68 58.30 -35.45
CA LEU E 77 24.00 57.02 -35.41
C LEU E 77 23.45 56.77 -34.02
N PHE E 78 22.14 56.64 -33.91
CA PHE E 78 21.49 56.24 -32.67
C PHE E 78 21.12 54.77 -32.75
N ILE E 79 21.53 54.00 -31.74
CA ILE E 79 21.24 52.57 -31.70
C ILE E 79 20.77 52.20 -30.30
N LEU E 80 19.69 51.43 -30.23
CA LEU E 80 19.16 50.92 -28.98
C LEU E 80 19.12 49.39 -29.02
N THR E 81 19.63 48.77 -27.96
CA THR E 81 19.64 47.31 -27.87
C THR E 81 18.34 46.79 -27.24
N ALA E 82 18.11 45.48 -27.39
CA ALA E 82 16.92 44.87 -26.81
C ALA E 82 16.93 44.95 -25.28
N LYS E 83 18.11 45.02 -24.68
CA LYS E 83 18.24 45.24 -23.25
C LYS E 83 18.15 46.71 -22.86
N TYR E 84 17.72 47.57 -23.79
CA TYR E 84 17.43 48.98 -23.55
C TYR E 84 18.68 49.81 -23.32
N ASN E 85 19.80 49.41 -23.91
CA ASN E 85 21.01 50.24 -23.90
C ASN E 85 20.95 51.22 -25.05
N ALA E 86 20.79 52.50 -24.73
CA ALA E 86 20.77 53.56 -25.74
C ALA E 86 22.17 54.12 -25.94
N CYS E 87 22.46 54.54 -27.17
CA CYS E 87 23.77 55.07 -27.50
C CYS E 87 23.69 55.89 -28.78
N ILE E 88 24.45 56.98 -28.81
CA ILE E 88 24.67 57.78 -30.00
C ILE E 88 26.11 57.57 -30.45
N LEU E 89 26.29 57.23 -31.72
CA LEU E 89 27.59 56.83 -32.24
C LEU E 89 28.04 57.78 -33.35
N GLU E 90 29.34 58.02 -33.40
CA GLU E 90 29.95 58.86 -34.42
C GLU E 90 31.07 58.10 -35.11
N TYR E 91 31.18 58.28 -36.42
CA TYR E 91 32.26 57.69 -37.19
C TYR E 91 33.51 58.56 -37.09
N LYS E 92 34.68 57.93 -37.04
CA LYS E 92 35.94 58.65 -36.95
C LYS E 92 37.04 57.80 -37.56
N GLN E 93 37.68 58.30 -38.60
CA GLN E 93 38.78 57.61 -39.27
C GLN E 93 39.97 58.56 -39.39
N SER E 94 41.14 58.08 -38.99
CA SER E 94 42.39 58.84 -39.06
C SER E 94 43.35 58.08 -39.97
N GLY E 95 43.14 58.19 -41.27
CA GLY E 95 43.92 57.46 -42.24
C GLY E 95 43.39 56.05 -42.44
N GLU E 96 43.87 55.11 -41.64
CA GLU E 96 43.38 53.74 -41.64
C GLU E 96 42.81 53.28 -40.31
N SER E 97 43.11 53.99 -39.22
CA SER E 97 42.54 53.69 -37.92
C SER E 97 41.08 54.11 -37.87
N ILE E 98 40.16 53.14 -37.93
CA ILE E 98 38.73 53.39 -37.89
C ILE E 98 38.20 53.01 -36.51
N ASP E 99 37.53 53.96 -35.86
CA ASP E 99 36.96 53.74 -34.53
C ASP E 99 35.57 54.36 -34.47
N ILE E 100 34.64 53.62 -33.87
CA ILE E 100 33.27 54.09 -33.69
C ILE E 100 33.17 54.64 -32.27
N ILE E 101 33.24 55.96 -32.14
CA ILE E 101 33.19 56.59 -30.83
C ILE E 101 31.76 56.71 -30.34
N THR E 102 31.59 56.72 -29.02
CA THR E 102 30.28 56.85 -28.39
C THR E 102 30.15 58.27 -27.86
N ARG E 103 29.24 59.04 -28.45
CA ARG E 103 29.02 60.42 -28.02
C ARG E 103 28.09 60.52 -26.82
N ALA E 104 27.27 59.51 -26.58
CA ALA E 104 26.33 59.49 -25.46
C ALA E 104 25.79 58.07 -25.34
N HIS E 105 25.44 57.69 -24.11
CA HIS E 105 24.95 56.35 -23.87
C HIS E 105 24.24 56.29 -22.53
N GLY E 106 23.24 55.40 -22.45
CA GLY E 106 22.50 55.18 -21.22
C GLY E 106 21.60 53.98 -21.38
N ASN E 107 20.93 53.64 -20.27
CA ASN E 107 20.00 52.52 -20.22
C ASN E 107 18.61 53.08 -19.96
N VAL E 108 17.74 53.01 -20.98
CA VAL E 108 16.44 53.67 -20.94
C VAL E 108 15.39 52.75 -20.33
N GLN E 109 15.84 51.62 -19.75
CA GLN E 109 14.90 50.68 -19.17
C GLN E 109 14.21 51.29 -17.95
N ASP E 110 12.88 51.28 -17.95
CA ASP E 110 12.11 51.72 -16.80
C ASP E 110 11.80 50.54 -15.91
N ARG E 111 11.88 50.76 -14.59
CA ARG E 111 11.64 49.67 -13.64
C ARG E 111 10.23 49.12 -13.77
N ILE E 112 9.26 49.97 -14.11
CA ILE E 112 7.89 49.53 -14.31
C ILE E 112 7.61 49.45 -15.81
N GLY E 113 6.36 49.19 -16.18
CA GLY E 113 5.97 49.17 -17.58
C GLY E 113 5.94 47.80 -18.22
N ARG E 114 4.88 47.52 -18.99
CA ARG E 114 4.71 46.28 -19.74
C ARG E 114 5.20 46.47 -21.16
N PRO E 115 6.09 45.61 -21.66
CA PRO E 115 6.55 45.72 -23.05
C PRO E 115 5.38 45.72 -24.01
N SER E 116 5.36 46.70 -24.91
CA SER E 116 4.21 46.93 -25.76
C SER E 116 3.97 45.74 -26.70
N GLU E 117 2.71 45.54 -27.04
CA GLU E 117 2.34 44.41 -27.89
C GLU E 117 2.89 44.55 -29.30
N THR E 118 3.06 45.77 -29.80
CA THR E 118 3.59 46.00 -31.12
C THR E 118 5.10 46.23 -31.14
N GLY E 119 5.79 45.92 -30.06
CA GLY E 119 7.25 45.94 -30.06
C GLY E 119 7.84 47.29 -29.75
N ILE E 120 9.17 47.31 -29.69
CA ILE E 120 9.91 48.53 -29.43
C ILE E 120 9.92 49.39 -30.69
N ILE E 121 9.49 50.65 -30.56
CA ILE E 121 9.50 51.62 -31.64
C ILE E 121 10.45 52.75 -31.26
N GLY E 122 11.33 53.12 -32.19
CA GLY E 122 12.24 54.22 -31.96
C GLY E 122 12.21 55.24 -33.07
N ILE E 123 11.77 56.47 -32.75
CA ILE E 123 11.62 57.53 -33.75
C ILE E 123 12.41 58.74 -33.29
N ILE E 124 12.74 59.60 -34.26
CA ILE E 124 13.53 60.81 -34.01
C ILE E 124 12.84 61.97 -34.70
N ASP E 125 12.85 63.14 -34.04
CA ASP E 125 12.25 64.33 -34.62
C ASP E 125 12.99 64.72 -35.89
N PRO E 126 12.29 65.20 -36.92
CA PRO E 126 12.96 65.56 -38.18
C PRO E 126 14.09 66.57 -38.01
N GLU E 127 13.91 67.57 -37.14
CA GLU E 127 14.93 68.59 -36.91
C GLU E 127 15.92 68.18 -35.82
N CYS E 128 15.84 66.94 -35.33
CA CYS E 128 16.75 66.41 -34.32
C CYS E 128 16.76 67.30 -33.07
N ARG E 129 15.64 67.24 -32.36
CA ARG E 129 15.49 67.90 -31.08
C ARG E 129 15.12 66.95 -29.96
N MET E 130 14.91 65.67 -30.26
CA MET E 130 14.43 64.71 -29.28
C MET E 130 14.54 63.31 -29.89
N ILE E 131 14.43 62.30 -29.03
CA ILE E 131 14.36 60.91 -29.44
C ILE E 131 13.14 60.31 -28.76
N GLY E 132 12.14 59.93 -29.56
CA GLY E 132 10.92 59.35 -29.04
C GLY E 132 10.99 57.83 -29.06
N LEU E 133 10.69 57.22 -27.92
CA LEU E 133 10.72 55.77 -27.77
C LEU E 133 9.39 55.28 -27.23
N ARG E 134 8.88 54.20 -27.80
CA ARG E 134 7.66 53.54 -27.36
C ARG E 134 8.04 52.12 -26.94
N LEU E 135 8.37 51.95 -25.66
CA LEU E 135 8.74 50.66 -25.11
C LEU E 135 7.63 50.03 -24.28
N TYR E 136 6.90 50.82 -23.52
CA TYR E 136 5.88 50.31 -22.62
C TYR E 136 4.52 50.92 -22.95
N ASP E 137 3.46 50.19 -22.64
CA ASP E 137 2.11 50.65 -22.92
C ASP E 137 1.78 51.87 -22.08
N GLY E 138 1.18 52.88 -22.71
CA GLY E 138 0.78 54.08 -22.01
C GLY E 138 1.89 55.04 -21.67
N LEU E 139 3.10 54.82 -22.19
CA LEU E 139 4.22 55.69 -21.92
C LEU E 139 4.88 56.11 -23.24
N PHE E 140 5.60 57.22 -23.18
CA PHE E 140 6.37 57.71 -24.33
C PHE E 140 7.62 58.38 -23.78
N LYS E 141 8.76 57.69 -23.91
CA LYS E 141 10.02 58.19 -23.36
C LYS E 141 10.64 59.19 -24.33
N VAL E 142 11.01 60.35 -23.81
CA VAL E 142 11.57 61.44 -24.61
C VAL E 142 13.00 61.68 -24.15
N ILE E 143 13.94 61.61 -25.09
CA ILE E 143 15.34 61.91 -24.80
C ILE E 143 15.68 63.26 -25.43
N PRO E 144 15.78 64.33 -24.64
CA PRO E 144 16.15 65.63 -25.21
C PRO E 144 17.52 65.57 -25.88
N LEU E 145 17.59 66.09 -27.09
CA LEU E 145 18.80 66.03 -27.91
C LEU E 145 19.63 67.30 -27.76
N ASP E 146 20.02 67.56 -26.52
CA ASP E 146 20.87 68.69 -26.19
C ASP E 146 22.28 68.18 -25.89
N ARG E 147 23.29 68.91 -26.37
CA ARG E 147 24.66 68.42 -26.34
C ARG E 147 25.27 68.44 -24.95
N ASP E 148 24.43 68.42 -23.91
CA ASP E 148 24.87 68.15 -22.56
C ASP E 148 24.24 66.87 -21.99
N ASN E 149 23.46 66.15 -22.80
CA ASN E 149 22.83 64.90 -22.36
C ASN E 149 23.66 63.74 -22.90
N LYS E 150 24.80 63.51 -22.24
CA LYS E 150 25.69 62.41 -22.60
C LYS E 150 25.34 61.12 -21.88
N GLU E 151 24.67 61.20 -20.73
CA GLU E 151 24.14 60.03 -20.05
C GLU E 151 22.76 59.65 -20.55
N LEU E 152 22.23 60.39 -21.53
CA LEU E 152 20.93 60.13 -22.13
C LEU E 152 19.83 60.02 -21.08
N LYS E 153 19.68 61.09 -20.30
CA LYS E 153 18.58 61.19 -19.36
C LYS E 153 17.29 61.50 -20.09
N ALA E 154 16.18 60.94 -19.59
CA ALA E 154 14.92 61.01 -20.30
C ALA E 154 13.78 61.12 -19.30
N PHE E 155 12.61 61.48 -19.82
CA PHE E 155 11.38 61.55 -19.05
C PHE E 155 10.26 60.88 -19.84
N ASN E 156 9.19 60.52 -19.12
CA ASN E 156 8.06 59.82 -19.71
C ASN E 156 6.82 60.71 -19.74
N ILE E 157 5.96 60.45 -20.72
CA ILE E 157 4.69 61.16 -20.86
C ILE E 157 3.59 60.11 -21.02
N ARG E 158 2.56 60.23 -20.18
CA ARG E 158 1.47 59.25 -20.20
C ARG E 158 0.72 59.30 -21.52
N LEU E 159 0.35 58.12 -22.01
CA LEU E 159 -0.42 57.97 -23.25
C LEU E 159 -1.75 57.33 -22.88
N GLU E 160 -2.84 58.10 -23.01
CA GLU E 160 -4.16 57.56 -22.72
C GLU E 160 -4.58 56.45 -23.69
N GLU E 161 -3.88 56.30 -24.82
CA GLU E 161 -4.07 55.19 -25.72
C GLU E 161 -2.98 54.17 -25.43
N LEU E 162 -3.38 53.02 -24.88
CA LEU E 162 -2.42 52.05 -24.36
C LEU E 162 -2.05 50.97 -25.38
N HIS E 163 -2.71 50.92 -26.53
CA HIS E 163 -2.43 49.92 -27.56
C HIS E 163 -2.09 50.65 -28.85
N VAL E 164 -0.85 51.14 -28.93
CA VAL E 164 -0.36 51.86 -30.10
C VAL E 164 0.19 50.86 -31.10
N ILE E 165 -0.15 51.04 -32.38
CA ILE E 165 0.31 50.17 -33.45
C ILE E 165 1.65 50.65 -33.96
N ASP E 166 1.66 51.83 -34.57
CA ASP E 166 2.87 52.43 -35.13
C ASP E 166 2.84 53.93 -34.89
N VAL E 167 4.01 54.52 -34.69
CA VAL E 167 4.14 55.94 -34.38
C VAL E 167 5.31 56.51 -35.18
N LYS E 168 5.15 57.75 -35.65
CA LYS E 168 6.19 58.44 -36.41
C LYS E 168 6.12 59.93 -36.10
N PHE E 169 7.24 60.61 -36.31
CA PHE E 169 7.30 62.06 -36.21
C PHE E 169 6.93 62.69 -37.53
N LEU E 170 6.12 63.76 -37.47
CA LEU E 170 5.62 64.40 -38.68
C LEU E 170 6.58 65.49 -39.13
N TYR E 171 6.60 65.72 -40.45
CA TYR E 171 7.47 66.71 -41.05
C TYR E 171 6.77 68.07 -41.15
N GLY E 172 7.57 69.12 -41.17
CA GLY E 172 7.06 70.47 -41.40
C GLY E 172 6.02 70.92 -40.39
N CYS E 173 6.19 70.57 -39.12
CA CYS E 173 5.28 70.98 -38.07
C CYS E 173 5.92 72.04 -37.20
N GLN E 174 5.08 72.93 -36.63
CA GLN E 174 5.58 74.00 -35.78
C GLN E 174 6.31 73.43 -34.56
N ALA E 175 5.67 72.52 -33.85
CA ALA E 175 6.24 71.83 -32.71
C ALA E 175 6.48 70.37 -33.06
N PRO E 176 7.38 69.68 -32.34
CA PRO E 176 7.57 68.25 -32.58
C PRO E 176 6.26 67.49 -32.41
N THR E 177 5.74 66.94 -33.51
CA THR E 177 4.45 66.29 -33.55
C THR E 177 4.63 64.82 -33.87
N ILE E 178 4.01 63.96 -33.08
CA ILE E 178 3.98 62.52 -33.33
C ILE E 178 2.61 62.17 -33.88
N CYS E 179 2.59 61.20 -34.79
CA CYS E 179 1.35 60.71 -35.39
C CYS E 179 1.36 59.19 -35.28
N PHE E 180 0.33 58.64 -34.64
CA PHE E 180 0.32 57.22 -34.34
C PHE E 180 -1.06 56.65 -34.56
N VAL E 181 -1.10 55.33 -34.73
CA VAL E 181 -2.33 54.57 -34.89
C VAL E 181 -2.50 53.68 -33.66
N TYR E 182 -3.71 53.66 -33.10
CA TYR E 182 -4.01 52.89 -31.91
C TYR E 182 -5.32 52.16 -32.09
N GLN E 183 -5.58 51.21 -31.21
CA GLN E 183 -6.81 50.42 -31.22
C GLN E 183 -7.57 50.60 -29.92
N ASP E 184 -8.89 50.71 -30.04
CA ASP E 184 -9.79 50.81 -28.90
C ASP E 184 -11.05 50.02 -29.22
N PRO E 185 -11.95 49.80 -28.25
CA PRO E 185 -13.19 49.05 -28.54
C PRO E 185 -13.95 49.53 -29.76
N GLN E 186 -13.78 50.80 -30.14
CA GLN E 186 -14.49 51.35 -31.28
C GLN E 186 -13.81 50.99 -32.60
N GLY E 187 -12.51 50.79 -32.60
CA GLY E 187 -11.81 50.44 -33.82
C GLY E 187 -10.39 50.96 -33.79
N ARG E 188 -9.85 51.21 -34.98
CA ARG E 188 -8.49 51.72 -35.16
C ARG E 188 -8.57 53.16 -35.63
N HIS E 189 -7.78 54.03 -35.01
CA HIS E 189 -7.83 55.46 -35.28
C HIS E 189 -6.42 56.02 -35.43
N VAL E 190 -6.33 57.21 -35.99
CA VAL E 190 -5.08 57.96 -36.13
C VAL E 190 -5.19 59.22 -35.28
N LYS E 191 -4.12 59.53 -34.55
CA LYS E 191 -4.16 60.65 -33.63
C LYS E 191 -2.79 61.29 -33.58
N THR E 192 -2.76 62.61 -33.40
CA THR E 192 -1.53 63.39 -33.37
C THR E 192 -1.40 64.08 -32.02
N TYR E 193 -0.16 64.12 -31.52
CA TYR E 193 0.17 64.82 -30.29
C TYR E 193 1.29 65.81 -30.56
N GLU E 194 1.21 66.97 -29.90
CA GLU E 194 2.33 67.90 -29.87
C GLU E 194 3.06 67.70 -28.55
N VAL E 195 4.38 67.60 -28.60
CA VAL E 195 5.19 67.37 -27.42
C VAL E 195 5.87 68.67 -27.02
N SER E 196 5.89 68.93 -25.72
CA SER E 196 6.56 70.11 -25.17
C SER E 196 7.76 69.63 -24.34
N LEU E 197 8.96 69.83 -24.88
CA LEU E 197 10.18 69.46 -24.17
C LEU E 197 10.48 70.37 -22.99
N ARG E 198 9.62 71.36 -22.72
CA ARG E 198 9.75 72.23 -21.56
C ARG E 198 8.63 72.02 -20.55
N GLU E 199 7.40 71.84 -21.02
CA GLU E 199 6.29 71.49 -20.15
C GLU E 199 6.29 70.01 -19.78
N LYS E 200 7.02 69.18 -20.53
CA LYS E 200 7.15 67.75 -20.28
C LYS E 200 5.78 67.08 -20.28
N GLU E 201 4.98 67.37 -21.30
CA GLU E 201 3.64 66.81 -21.43
C GLU E 201 3.24 66.85 -22.90
N PHE E 202 1.99 66.48 -23.17
CA PHE E 202 1.46 66.40 -24.52
C PHE E 202 0.45 67.52 -24.74
N ASN E 203 0.52 68.15 -25.92
CA ASN E 203 -0.39 69.21 -26.31
C ASN E 203 -1.29 68.73 -27.45
N LYS E 204 -2.38 69.46 -27.65
CA LYS E 204 -3.36 69.09 -28.66
C LYS E 204 -2.71 69.03 -30.05
N GLY E 205 -2.98 67.94 -30.77
CA GLY E 205 -2.41 67.74 -32.08
C GLY E 205 -3.19 68.42 -33.18
N PRO E 206 -2.56 68.59 -34.35
CA PRO E 206 -3.22 69.31 -35.44
C PRO E 206 -4.49 68.65 -35.95
N TRP E 207 -4.50 67.32 -36.09
CA TRP E 207 -5.63 66.65 -36.70
C TRP E 207 -5.77 65.24 -36.12
N LYS E 208 -6.88 64.60 -36.46
CA LYS E 208 -7.16 63.23 -36.06
C LYS E 208 -8.23 62.67 -36.97
N GLN E 209 -8.12 61.38 -37.28
CA GLN E 209 -9.11 60.68 -38.09
C GLN E 209 -9.53 59.41 -37.36
N GLU E 210 -10.81 59.34 -36.99
CA GLU E 210 -11.35 58.17 -36.33
C GLU E 210 -11.82 57.15 -37.37
N ASN E 211 -11.92 55.89 -36.92
CA ASN E 211 -12.37 54.77 -37.75
C ASN E 211 -11.54 54.66 -39.03
N VAL E 212 -10.24 54.47 -38.84
CA VAL E 212 -9.34 54.16 -39.95
C VAL E 212 -9.50 52.67 -40.24
N GLU E 213 -8.74 52.14 -41.20
CA GLU E 213 -8.87 50.74 -41.61
C GLU E 213 -8.83 49.80 -40.41
N ALA E 214 -9.63 48.74 -40.50
CA ALA E 214 -9.68 47.74 -39.44
C ALA E 214 -8.29 47.21 -39.11
N GLU E 215 -7.49 46.92 -40.13
CA GLU E 215 -6.14 46.40 -39.95
C GLU E 215 -5.09 47.39 -40.46
N ALA E 216 -5.27 48.67 -40.14
CA ALA E 216 -4.25 49.67 -40.45
C ALA E 216 -3.02 49.42 -39.58
N SER E 217 -1.85 49.28 -40.22
CA SER E 217 -0.67 48.80 -39.52
C SER E 217 0.56 49.67 -39.64
N MET E 218 0.64 50.59 -40.61
CA MET E 218 1.87 51.33 -40.85
C MET E 218 1.59 52.82 -40.94
N VAL E 219 2.49 53.60 -40.37
CA VAL E 219 2.44 55.06 -40.41
C VAL E 219 3.68 55.56 -41.13
N ILE E 220 3.50 56.21 -42.27
CA ILE E 220 4.58 56.78 -43.06
C ILE E 220 4.47 58.29 -43.01
N ALA E 221 5.48 58.96 -42.48
CA ALA E 221 5.48 60.41 -42.42
C ALA E 221 5.94 60.98 -43.75
N VAL E 222 5.15 61.89 -44.31
CA VAL E 222 5.43 62.47 -45.63
C VAL E 222 6.29 63.72 -45.44
N PRO E 223 7.37 63.87 -46.21
CA PRO E 223 8.23 65.05 -46.07
C PRO E 223 7.48 66.35 -46.34
N GLU E 224 8.17 67.46 -46.06
CA GLU E 224 7.60 68.80 -46.03
C GLU E 224 7.00 69.30 -47.34
N PRO E 225 7.44 68.82 -48.51
CA PRO E 225 6.72 69.17 -49.75
C PRO E 225 5.21 69.00 -49.66
N PHE E 226 4.73 68.04 -48.88
CA PHE E 226 3.30 67.86 -48.65
C PHE E 226 2.96 67.75 -47.17
N GLY E 227 3.76 67.05 -46.38
CA GLY E 227 3.46 66.84 -44.98
C GLY E 227 2.39 65.79 -44.80
N GLY E 228 1.99 65.60 -43.54
CA GLY E 228 0.98 64.62 -43.22
C GLY E 228 1.55 63.22 -43.08
N ALA E 229 0.66 62.24 -43.19
CA ALA E 229 1.04 60.85 -42.99
C ALA E 229 0.23 59.96 -43.91
N ILE E 230 0.86 58.88 -44.39
CA ILE E 230 0.20 57.84 -45.16
C ILE E 230 -0.01 56.63 -44.25
N ILE E 231 -1.26 56.18 -44.17
CA ILE E 231 -1.62 55.01 -43.36
C ILE E 231 -1.92 53.86 -44.31
N ILE E 232 -1.21 52.75 -44.14
CA ILE E 232 -1.34 51.57 -44.98
C ILE E 232 -1.89 50.43 -44.14
N GLY E 233 -2.96 49.81 -44.61
CA GLY E 233 -3.53 48.66 -43.94
C GLY E 233 -3.44 47.40 -44.78
N GLN E 234 -4.50 46.59 -44.76
CA GLN E 234 -4.53 45.39 -45.58
C GLN E 234 -5.09 45.64 -46.97
N GLU E 235 -6.21 46.38 -47.06
CA GLU E 235 -6.85 46.63 -48.34
C GLU E 235 -6.67 48.05 -48.87
N SER E 236 -6.37 49.03 -48.02
CA SER E 236 -6.40 50.43 -48.43
C SER E 236 -5.11 51.14 -48.07
N ILE E 237 -4.85 52.22 -48.80
CA ILE E 237 -3.76 53.16 -48.51
C ILE E 237 -4.35 54.56 -48.49
N THR E 238 -4.31 55.22 -47.34
CA THR E 238 -4.92 56.52 -47.17
C THR E 238 -3.88 57.56 -46.75
N TYR E 239 -4.15 58.81 -47.12
CA TYR E 239 -3.31 59.95 -46.77
C TYR E 239 -4.10 60.95 -45.94
N HIS E 240 -3.48 61.46 -44.87
CA HIS E 240 -4.12 62.43 -43.99
C HIS E 240 -3.18 63.61 -43.76
N ASN E 241 -3.76 64.81 -43.72
CA ASN E 241 -3.04 66.01 -43.31
C ASN E 241 -4.00 67.18 -43.09
N GLY E 242 -4.32 67.48 -41.84
CA GLY E 242 -5.24 68.56 -41.54
C GLY E 242 -6.62 68.30 -42.09
N ASP E 243 -7.04 69.10 -43.05
CA ASP E 243 -8.31 68.90 -43.76
C ASP E 243 -8.08 68.39 -45.18
N LYS E 244 -7.01 67.63 -45.39
CA LYS E 244 -6.70 66.99 -46.65
C LYS E 244 -6.78 65.47 -46.45
N TYR E 245 -7.63 64.81 -47.22
CA TYR E 245 -7.84 63.38 -47.09
C TYR E 245 -7.83 62.74 -48.46
N LEU E 246 -7.10 61.62 -48.59
CA LEU E 246 -7.12 60.80 -49.79
C LEU E 246 -7.06 59.35 -49.37
N ALA E 247 -7.57 58.48 -50.24
CA ALA E 247 -7.64 57.06 -49.92
C ALA E 247 -7.81 56.25 -51.19
N ILE E 248 -7.07 55.15 -51.30
CA ILE E 248 -7.18 54.21 -52.40
C ILE E 248 -7.25 52.81 -51.82
N ALA E 249 -7.84 51.90 -52.61
CA ALA E 249 -7.94 50.49 -52.25
C ALA E 249 -7.53 49.63 -53.44
N PRO E 250 -6.23 49.58 -53.75
CA PRO E 250 -5.79 48.85 -54.94
C PRO E 250 -5.95 47.35 -54.75
N PRO E 251 -6.58 46.66 -55.71
CA PRO E 251 -6.76 45.21 -55.58
C PRO E 251 -5.48 44.41 -55.70
N ILE E 252 -4.37 45.03 -56.14
CA ILE E 252 -3.14 44.30 -56.36
C ILE E 252 -2.35 44.08 -55.08
N ILE E 253 -2.74 44.72 -53.98
CA ILE E 253 -2.03 44.60 -52.71
C ILE E 253 -2.87 43.84 -51.68
N LYS E 254 -3.84 43.05 -52.15
CA LYS E 254 -4.73 42.33 -51.24
C LYS E 254 -4.28 40.90 -50.97
N GLN E 255 -3.48 40.30 -51.85
CA GLN E 255 -3.03 38.93 -51.66
C GLN E 255 -2.05 38.78 -50.50
N SER E 256 -1.51 39.89 -49.99
CA SER E 256 -0.60 39.86 -48.85
C SER E 256 -0.63 41.23 -48.20
N THR E 257 0.15 41.38 -47.13
CA THR E 257 0.16 42.60 -46.33
C THR E 257 1.50 43.31 -46.47
N ILE E 258 1.45 44.62 -46.69
CA ILE E 258 2.66 45.44 -46.75
C ILE E 258 3.22 45.56 -45.33
N VAL E 259 4.47 45.15 -45.16
CA VAL E 259 5.09 45.08 -43.84
C VAL E 259 6.38 45.89 -43.75
N CYS E 260 6.77 46.57 -44.82
CA CYS E 260 7.98 47.39 -44.77
C CYS E 260 7.91 48.44 -45.87
N HIS E 261 8.63 49.54 -45.65
CA HIS E 261 8.58 50.68 -46.56
C HIS E 261 9.93 51.39 -46.58
N ASN E 262 10.11 52.23 -47.59
CA ASN E 262 11.29 53.07 -47.68
C ASN E 262 11.02 54.24 -48.61
N ARG E 263 11.51 55.42 -48.23
CA ARG E 263 11.38 56.62 -49.06
C ARG E 263 12.46 56.62 -50.13
N VAL E 264 12.06 56.91 -51.37
CA VAL E 264 13.01 56.90 -52.48
C VAL E 264 13.57 58.29 -52.75
N ASP E 265 12.71 59.30 -52.81
CA ASP E 265 13.14 60.68 -53.03
C ASP E 265 12.90 61.51 -51.78
N PRO E 266 13.82 62.43 -51.45
CA PRO E 266 13.66 63.24 -50.23
C PRO E 266 12.43 64.13 -50.25
N ASN E 267 11.64 64.06 -51.32
CA ASN E 267 10.42 64.84 -51.45
C ASN E 267 9.17 64.02 -51.15
N GLY E 268 9.32 62.74 -50.85
CA GLY E 268 8.18 61.91 -50.51
C GLY E 268 7.24 61.63 -51.66
N SER E 269 7.74 61.64 -52.89
CA SER E 269 6.90 61.35 -54.05
C SER E 269 6.89 59.88 -54.41
N ARG E 270 7.95 59.14 -54.09
CA ARG E 270 8.05 57.72 -54.39
C ARG E 270 8.31 56.93 -53.12
N TYR E 271 7.67 55.78 -53.01
CA TYR E 271 7.81 54.91 -51.86
C TYR E 271 7.89 53.46 -52.33
N LEU E 272 8.73 52.68 -51.68
CA LEU E 272 8.85 51.25 -51.96
C LEU E 272 8.13 50.46 -50.88
N LEU E 273 7.35 49.47 -51.29
CA LEU E 273 6.55 48.67 -50.38
C LEU E 273 6.81 47.20 -50.64
N GLY E 274 7.17 46.47 -49.59
CA GLY E 274 7.38 45.03 -49.68
C GLY E 274 6.36 44.31 -48.81
N ASP E 275 5.88 43.17 -49.30
CA ASP E 275 4.85 42.41 -48.62
C ASP E 275 5.45 41.14 -48.02
N MET E 276 4.58 40.28 -47.49
CA MET E 276 5.00 39.09 -46.78
C MET E 276 5.49 37.96 -47.69
N GLU E 277 5.41 38.13 -49.01
CA GLU E 277 5.72 37.04 -49.93
C GLU E 277 6.80 37.41 -50.94
N GLY E 278 7.41 38.58 -50.83
CA GLY E 278 8.51 38.98 -51.69
C GLY E 278 8.16 40.00 -52.76
N ARG E 279 6.88 40.34 -52.93
CA ARG E 279 6.51 41.34 -53.92
C ARG E 279 7.07 42.71 -53.54
N LEU E 280 7.36 43.50 -54.56
CA LEU E 280 7.89 44.85 -54.38
C LEU E 280 7.00 45.82 -55.15
N PHE E 281 6.41 46.78 -54.43
CA PHE E 281 5.51 47.76 -55.00
C PHE E 281 6.14 49.14 -54.95
N MET E 282 5.65 50.02 -55.81
CA MET E 282 6.04 51.43 -55.83
C MET E 282 4.83 52.28 -55.53
N LEU E 283 4.89 53.03 -54.43
CA LEU E 283 3.81 53.94 -54.03
C LEU E 283 4.17 55.34 -54.52
N LEU E 284 3.47 55.80 -55.55
CA LEU E 284 3.70 57.10 -56.15
C LEU E 284 2.64 58.09 -55.68
N LEU E 285 3.08 59.26 -55.24
CA LEU E 285 2.19 60.35 -54.83
C LEU E 285 2.06 61.31 -56.00
N GLU E 286 0.97 61.17 -56.76
CA GLU E 286 0.75 62.02 -57.93
C GLU E 286 0.44 63.44 -57.47
N LYS E 287 1.38 64.36 -57.72
CA LYS E 287 1.25 65.75 -57.31
C LYS E 287 0.81 66.61 -58.48
N GLU E 288 0.12 67.71 -58.16
CA GLU E 288 -0.37 68.65 -59.16
C GLU E 288 0.18 70.03 -58.83
N GLU E 289 1.02 70.55 -59.72
CA GLU E 289 1.62 71.86 -59.53
C GLU E 289 0.62 72.94 -59.93
N GLN E 290 0.31 73.84 -59.00
CA GLN E 290 -0.62 74.93 -59.23
C GLN E 290 0.16 76.19 -59.62
N MET E 291 -0.57 77.30 -59.82
CA MET E 291 0.01 78.48 -60.44
C MET E 291 0.63 79.46 -59.45
N ASP E 292 0.33 79.33 -58.15
CA ASP E 292 0.87 80.24 -57.14
C ASP E 292 2.04 79.65 -56.36
N GLY E 293 2.77 78.71 -56.96
CA GLY E 293 3.92 78.11 -56.30
C GLY E 293 3.63 77.02 -55.31
N THR E 294 2.36 76.64 -55.11
CA THR E 294 2.02 75.55 -54.21
C THR E 294 1.91 74.24 -54.98
N VAL E 295 2.15 73.14 -54.28
CA VAL E 295 2.02 71.80 -54.83
C VAL E 295 1.02 71.02 -53.98
N THR E 296 -0.09 70.61 -54.60
CA THR E 296 -1.10 69.80 -53.94
C THR E 296 -0.91 68.33 -54.29
N LEU E 297 -1.55 67.47 -53.50
CA LEU E 297 -1.52 66.03 -53.73
C LEU E 297 -2.82 65.62 -54.41
N LYS E 298 -2.70 65.04 -55.60
CA LYS E 298 -3.87 64.74 -56.42
C LYS E 298 -4.41 63.33 -56.17
N ASP E 299 -3.54 62.33 -56.19
CA ASP E 299 -3.97 60.94 -56.04
C ASP E 299 -2.78 60.09 -55.61
N LEU E 300 -3.10 58.88 -55.17
CA LEU E 300 -2.10 57.87 -54.82
C LEU E 300 -2.19 56.72 -55.79
N ARG E 301 -1.03 56.20 -56.21
CA ARG E 301 -0.95 55.16 -57.22
C ARG E 301 0.04 54.09 -56.76
N VAL E 302 -0.34 52.82 -56.96
CA VAL E 302 0.48 51.68 -56.57
C VAL E 302 0.73 50.84 -57.82
N GLU E 303 2.00 50.55 -58.07
CA GLU E 303 2.40 49.68 -59.17
C GLU E 303 3.30 48.58 -58.64
N LEU E 304 3.08 47.36 -59.12
CA LEU E 304 3.91 46.22 -58.73
C LEU E 304 5.17 46.22 -59.57
N LEU E 305 6.33 46.24 -58.91
CA LEU E 305 7.60 46.25 -59.61
C LEU E 305 8.09 44.85 -59.93
N GLY E 306 7.95 43.92 -58.99
CA GLY E 306 8.37 42.55 -59.22
C GLY E 306 8.48 41.80 -57.91
N GLU E 307 9.24 40.72 -57.94
CA GLU E 307 9.39 39.82 -56.81
C GLU E 307 10.83 39.85 -56.32
N THR E 308 10.99 39.86 -55.00
CA THR E 308 12.31 39.78 -54.37
C THR E 308 12.28 38.71 -53.28
N SER E 309 13.35 38.61 -52.50
CA SER E 309 13.31 37.77 -51.31
C SER E 309 12.36 38.38 -50.29
N ILE E 310 11.73 37.52 -49.49
CA ILE E 310 10.77 37.94 -48.48
C ILE E 310 11.42 39.02 -47.63
N ALA E 311 11.03 40.27 -47.86
CA ALA E 311 11.80 41.42 -47.41
C ALA E 311 11.42 41.80 -45.99
N GLU E 312 12.40 41.74 -45.08
CA GLU E 312 12.29 42.37 -43.78
C GLU E 312 12.71 43.83 -43.84
N CYS E 313 13.66 44.15 -44.70
CA CYS E 313 14.23 45.49 -44.80
C CYS E 313 14.37 45.90 -46.25
N LEU E 314 13.90 47.10 -46.58
CA LEU E 314 14.07 47.69 -47.88
C LEU E 314 14.75 49.05 -47.73
N THR E 315 15.65 49.37 -48.65
CA THR E 315 16.25 50.70 -48.68
C THR E 315 16.72 50.99 -50.10
N TYR E 316 16.36 52.16 -50.62
CA TYR E 316 16.78 52.59 -51.94
C TYR E 316 18.15 53.25 -51.84
N LEU E 317 19.04 52.88 -52.75
CA LEU E 317 20.40 53.44 -52.75
C LEU E 317 20.53 54.55 -53.78
N ASP E 318 20.86 54.19 -55.01
CA ASP E 318 21.05 55.15 -56.09
C ASP E 318 21.12 54.36 -57.40
N ASN E 319 20.87 55.06 -58.50
CA ASN E 319 20.82 54.45 -59.84
C ASN E 319 19.85 53.27 -59.86
N GLY E 320 18.67 53.47 -59.27
CA GLY E 320 17.66 52.43 -59.30
C GLY E 320 18.04 51.15 -58.61
N VAL E 321 19.03 51.18 -57.71
CA VAL E 321 19.49 50.00 -57.00
C VAL E 321 18.89 50.02 -55.60
N VAL E 322 18.28 48.90 -55.22
CA VAL E 322 17.63 48.75 -53.92
C VAL E 322 18.26 47.57 -53.20
N PHE E 323 18.45 47.71 -51.89
CA PHE E 323 18.90 46.62 -51.04
C PHE E 323 17.69 45.98 -50.37
N VAL E 324 17.47 44.70 -50.65
CA VAL E 324 16.38 43.95 -50.05
C VAL E 324 16.98 43.16 -48.89
N GLY E 325 16.72 43.62 -47.66
CA GLY E 325 17.20 42.93 -46.49
C GLY E 325 16.24 41.85 -46.04
N SER E 326 16.69 40.60 -46.04
CA SER E 326 15.81 39.47 -45.77
C SER E 326 16.24 38.74 -44.51
N ARG E 327 15.25 38.37 -43.70
CA ARG E 327 15.48 37.50 -42.55
C ARG E 327 15.29 36.03 -42.92
N LEU E 328 14.24 35.74 -43.67
CA LEU E 328 13.93 34.35 -44.02
C LEU E 328 14.91 33.81 -45.05
N GLY E 329 15.18 34.57 -46.09
CA GLY E 329 16.08 34.13 -47.14
C GLY E 329 17.29 35.02 -47.32
N ASP E 330 17.92 34.93 -48.49
CA ASP E 330 19.11 35.71 -48.75
C ASP E 330 18.76 37.17 -49.02
N SER E 331 19.53 38.07 -48.41
CA SER E 331 19.41 39.48 -48.76
C SER E 331 20.07 39.71 -50.11
N GLN E 332 19.62 40.76 -50.81
CA GLN E 332 20.04 40.91 -52.20
C GLN E 332 20.03 42.38 -52.61
N LEU E 333 20.88 42.68 -53.60
CA LEU E 333 20.83 43.94 -54.33
C LEU E 333 20.03 43.72 -55.61
N VAL E 334 18.99 44.50 -55.82
CA VAL E 334 18.18 44.40 -57.02
C VAL E 334 18.25 45.71 -57.77
N LYS E 335 18.15 45.63 -59.09
CA LYS E 335 18.15 46.79 -59.97
C LYS E 335 16.76 46.98 -60.56
N LEU E 336 16.28 48.21 -60.55
CA LEU E 336 14.99 48.56 -61.14
C LEU E 336 15.23 49.20 -62.50
N ASN E 337 14.34 48.93 -63.45
CA ASN E 337 14.47 49.42 -64.81
C ASN E 337 13.34 50.38 -65.15
N VAL E 338 13.58 51.21 -66.16
CA VAL E 338 12.54 52.10 -66.66
C VAL E 338 11.44 51.29 -67.34
N ASP E 339 11.79 50.19 -68.01
CA ASP E 339 10.85 49.39 -68.76
C ASP E 339 10.73 48.01 -68.14
N SER E 340 9.52 47.45 -68.18
CA SER E 340 9.29 46.10 -67.71
C SER E 340 9.85 45.10 -68.72
N ASN E 341 10.14 43.89 -68.24
CA ASN E 341 10.63 42.83 -69.12
C ASN E 341 9.44 42.19 -69.82
N GLU E 342 9.68 41.04 -70.46
CA GLU E 342 8.61 40.36 -71.17
C GLU E 342 7.55 39.80 -70.23
N GLN E 343 7.86 39.67 -68.94
CA GLN E 343 6.93 39.13 -67.96
C GLN E 343 6.43 40.20 -66.99
N GLY E 344 6.61 41.48 -67.34
CA GLY E 344 6.07 42.56 -66.55
C GLY E 344 6.84 42.92 -65.29
N SER E 345 8.09 42.49 -65.17
CA SER E 345 8.89 42.75 -63.97
C SER E 345 9.96 43.80 -64.28
N TYR E 346 9.95 44.88 -63.50
CA TYR E 346 11.00 45.89 -63.57
C TYR E 346 12.22 45.53 -62.71
N VAL E 347 12.16 44.44 -61.95
CA VAL E 347 13.20 44.08 -60.99
C VAL E 347 14.15 43.08 -61.64
N VAL E 348 15.45 43.33 -61.49
CA VAL E 348 16.49 42.41 -61.92
C VAL E 348 17.52 42.30 -60.80
N ALA E 349 17.99 41.09 -60.55
CA ALA E 349 18.91 40.83 -59.46
C ALA E 349 20.32 41.28 -59.81
N MET E 350 21.04 41.76 -58.80
CA MET E 350 22.45 42.13 -58.93
C MET E 350 23.35 41.23 -58.11
N GLU E 351 23.14 41.19 -56.80
CA GLU E 351 23.93 40.36 -55.89
C GLU E 351 22.99 39.64 -54.93
N THR E 352 23.43 38.48 -54.44
CA THR E 352 22.71 37.75 -53.42
C THR E 352 23.68 37.44 -52.28
N PHE E 353 23.26 37.76 -51.05
CA PHE E 353 24.08 37.56 -49.86
C PHE E 353 23.53 36.38 -49.07
N THR E 354 24.33 35.33 -48.92
CA THR E 354 23.87 34.10 -48.27
C THR E 354 23.43 34.39 -46.85
N ASN E 355 22.23 33.91 -46.52
CA ASN E 355 21.65 34.05 -45.18
C ASN E 355 21.35 32.65 -44.65
N LEU E 356 22.09 32.24 -43.62
CA LEU E 356 21.91 30.91 -43.06
C LEU E 356 20.64 30.78 -42.22
N GLY E 357 20.01 31.90 -41.85
CA GLY E 357 18.83 31.87 -41.03
C GLY E 357 17.55 31.77 -41.83
N PRO E 358 16.51 31.18 -41.22
CA PRO E 358 16.51 30.55 -39.89
C PRO E 358 16.92 29.08 -39.94
N ILE E 359 17.91 28.68 -39.14
CA ILE E 359 18.31 27.28 -39.06
C ILE E 359 17.32 26.57 -38.16
N VAL E 360 16.44 25.75 -38.75
CA VAL E 360 15.46 25.01 -37.97
C VAL E 360 15.90 23.57 -37.70
N ASP E 361 16.95 23.10 -38.35
CA ASP E 361 17.52 21.78 -38.12
C ASP E 361 18.84 21.67 -38.87
N MET E 362 19.73 20.83 -38.37
CA MET E 362 21.04 20.64 -38.97
C MET E 362 21.54 19.23 -38.63
N CYS E 363 22.68 18.87 -39.21
CA CYS E 363 23.30 17.58 -38.96
C CYS E 363 24.73 17.61 -39.47
N VAL E 364 25.64 16.98 -38.74
CA VAL E 364 27.05 16.89 -39.13
C VAL E 364 27.24 15.64 -39.99
N VAL E 365 27.84 15.83 -41.16
CA VAL E 365 28.03 14.77 -42.14
C VAL E 365 29.48 14.79 -42.60
N ASP E 366 30.04 13.60 -42.85
CA ASP E 366 31.39 13.47 -43.38
C ASP E 366 31.32 13.24 -44.89
N LEU E 367 31.09 14.35 -45.61
CA LEU E 367 30.91 14.29 -47.06
C LEU E 367 32.14 13.68 -47.74
N GLU E 368 33.30 14.33 -47.59
CA GLU E 368 34.51 13.92 -48.28
C GLU E 368 35.33 12.91 -47.49
N ARG E 369 34.74 12.27 -46.47
CA ARG E 369 35.33 11.14 -45.75
C ARG E 369 36.62 11.48 -45.02
N GLN E 370 37.10 12.72 -45.14
CA GLN E 370 38.37 13.12 -44.53
C GLN E 370 38.27 13.33 -43.03
N GLY E 371 37.19 12.88 -42.40
CA GLY E 371 36.97 13.17 -41.00
C GLY E 371 36.90 14.65 -40.71
N GLN E 372 36.47 15.44 -41.69
CA GLN E 372 36.47 16.90 -41.55
C GLN E 372 35.27 17.40 -40.76
N GLY E 373 34.07 16.96 -41.13
CA GLY E 373 32.85 17.45 -40.50
C GLY E 373 32.20 18.54 -41.33
N GLN E 374 30.98 18.29 -41.80
CA GLN E 374 30.25 19.26 -42.61
C GLN E 374 28.88 19.47 -42.01
N LEU E 375 28.46 20.72 -41.90
CA LEU E 375 27.15 21.07 -41.37
C LEU E 375 26.18 21.27 -42.52
N VAL E 376 25.07 20.53 -42.50
CA VAL E 376 24.03 20.64 -43.51
C VAL E 376 22.74 21.01 -42.79
N THR E 377 22.22 22.20 -43.09
CA THR E 377 21.11 22.78 -42.34
C THR E 377 19.88 22.95 -43.21
N CYS E 378 18.72 22.84 -42.59
CA CYS E 378 17.47 23.31 -43.18
C CYS E 378 17.30 24.77 -42.79
N SER E 379 17.31 25.66 -43.77
CA SER E 379 17.23 27.09 -43.52
C SER E 379 16.22 27.71 -44.47
N GLY E 380 15.79 28.92 -44.12
CA GLY E 380 14.81 29.62 -44.90
C GLY E 380 13.40 29.12 -44.64
N ALA E 381 12.44 29.89 -45.13
CA ALA E 381 11.03 29.56 -44.99
C ALA E 381 10.29 29.92 -46.27
N PHE E 382 9.29 29.12 -46.61
CA PHE E 382 8.43 29.33 -47.79
C PHE E 382 9.34 29.30 -49.02
N LYS E 383 9.22 30.25 -49.95
CA LYS E 383 10.02 30.19 -51.18
C LYS E 383 11.51 30.39 -50.93
N GLU E 384 11.90 30.81 -49.73
CA GLU E 384 13.30 30.97 -49.39
C GLU E 384 13.92 29.73 -48.77
N GLY E 385 13.16 28.64 -48.65
CA GLY E 385 13.70 27.44 -48.04
C GLY E 385 14.85 26.87 -48.85
N SER E 386 15.85 26.35 -48.14
CA SER E 386 17.06 25.86 -48.78
C SER E 386 17.83 24.97 -47.83
N LEU E 387 18.68 24.12 -48.40
CA LEU E 387 19.71 23.43 -47.66
C LEU E 387 21.03 24.17 -47.84
N ARG E 388 21.83 24.24 -46.78
CA ARG E 388 23.11 24.93 -46.81
C ARG E 388 24.19 23.98 -46.34
N ILE E 389 25.17 23.72 -47.19
CA ILE E 389 26.27 22.82 -46.89
C ILE E 389 27.47 23.68 -46.49
N ILE E 390 27.78 23.70 -45.20
CA ILE E 390 28.78 24.60 -44.64
C ILE E 390 30.05 23.81 -44.37
N ARG E 391 31.18 24.32 -44.85
CA ARG E 391 32.46 23.63 -44.74
C ARG E 391 33.51 24.53 -44.11
N ASN E 392 34.77 24.12 -44.19
CA ASN E 392 35.87 24.94 -43.70
C ASN E 392 36.73 25.46 -44.85
N LEU E 406 34.65 29.83 -43.91
CA LEU E 406 33.67 28.79 -44.19
C LEU E 406 33.19 28.86 -45.64
N HIS E 407 33.12 27.71 -46.30
CA HIS E 407 32.62 27.61 -47.66
C HIS E 407 31.18 27.10 -47.59
N ILE E 408 30.25 27.90 -48.10
CA ILE E 408 28.82 27.60 -48.00
C ILE E 408 28.29 27.32 -49.40
N ARG E 409 27.70 26.16 -49.57
CA ARG E 409 26.95 25.81 -50.78
C ARG E 409 25.46 25.91 -50.49
N THR E 410 24.71 26.39 -51.46
CA THR E 410 23.28 26.63 -51.29
C THR E 410 22.50 25.75 -52.24
N VAL E 411 21.54 25.00 -51.70
CA VAL E 411 20.64 24.16 -52.48
C VAL E 411 19.23 24.70 -52.28
N PRO E 412 18.74 25.58 -53.16
CA PRO E 412 17.39 26.12 -52.99
C PRO E 412 16.34 25.04 -53.16
N LEU E 413 15.25 25.18 -52.39
CA LEU E 413 14.14 24.24 -52.44
C LEU E 413 12.80 24.89 -52.74
N TYR E 414 12.67 26.21 -52.59
CA TYR E 414 11.44 26.95 -52.86
C TYR E 414 10.25 26.46 -52.03
N GLU E 415 10.53 25.73 -50.96
CA GLU E 415 9.53 25.34 -49.99
C GLU E 415 10.21 25.20 -48.64
N SER E 416 9.41 25.02 -47.60
CA SER E 416 9.94 25.03 -46.23
C SER E 416 10.48 23.65 -45.84
N PRO E 417 11.79 23.53 -45.63
CA PRO E 417 12.32 22.28 -45.07
C PRO E 417 12.35 22.32 -43.55
N ARG E 418 11.91 21.23 -42.93
CA ARG E 418 11.74 21.18 -41.48
C ARG E 418 12.85 20.40 -40.78
N LYS E 419 13.04 19.14 -41.13
CA LYS E 419 14.01 18.28 -40.48
C LYS E 419 14.88 17.59 -41.53
N ILE E 420 16.08 17.19 -41.11
CA ILE E 420 17.04 16.55 -41.99
C ILE E 420 17.72 15.40 -41.26
N CYS E 421 18.08 14.37 -42.02
CA CYS E 421 18.86 13.24 -41.51
C CYS E 421 19.60 12.62 -42.68
N TYR E 422 20.80 12.12 -42.39
CA TYR E 422 21.70 11.57 -43.40
C TYR E 422 21.74 10.06 -43.32
N GLN E 423 21.48 9.40 -44.45
CA GLN E 423 21.54 7.94 -44.56
C GLN E 423 22.76 7.61 -45.43
N GLU E 424 23.85 7.19 -44.77
CA GLU E 424 25.12 7.03 -45.46
C GLU E 424 25.09 5.87 -46.44
N VAL E 425 24.43 4.76 -46.09
CA VAL E 425 24.45 3.58 -46.94
C VAL E 425 23.83 3.90 -48.31
N SER E 426 22.71 4.63 -48.31
CA SER E 426 22.11 5.06 -49.56
C SER E 426 22.79 6.29 -50.15
N GLN E 427 23.77 6.87 -49.45
CA GLN E 427 24.42 8.11 -49.87
C GLN E 427 23.38 9.19 -50.17
N CYS E 428 22.49 9.43 -49.21
CA CYS E 428 21.30 10.23 -49.45
C CYS E 428 20.94 11.00 -48.19
N PHE E 429 20.19 12.09 -48.39
CA PHE E 429 19.65 12.88 -47.30
C PHE E 429 18.13 12.70 -47.24
N GLY E 430 17.62 12.52 -46.03
CA GLY E 430 16.19 12.50 -45.81
C GLY E 430 15.78 13.82 -45.18
N VAL E 431 14.84 14.50 -45.83
CA VAL E 431 14.42 15.83 -45.41
C VAL E 431 12.90 15.87 -45.33
N LEU E 432 12.38 16.25 -44.17
CA LEU E 432 10.96 16.55 -44.04
C LEU E 432 10.72 17.98 -44.49
N SER E 433 9.62 18.21 -45.18
CA SER E 433 9.34 19.53 -45.73
C SER E 433 7.84 19.75 -45.80
N SER E 434 7.45 21.02 -45.91
CA SER E 434 6.05 21.41 -46.04
C SER E 434 5.92 22.46 -47.12
N ARG E 435 4.85 22.34 -47.91
CA ARG E 435 4.58 23.26 -49.01
C ARG E 435 3.17 23.81 -48.85
N ILE E 436 3.03 25.12 -49.05
CA ILE E 436 1.74 25.79 -48.86
C ILE E 436 0.94 25.73 -50.14
N GLU E 437 -0.28 25.24 -50.05
CA GLU E 437 -1.21 25.18 -51.18
C GLU E 437 -2.52 25.86 -50.78
N VAL E 438 -3.37 26.08 -51.79
CA VAL E 438 -4.65 26.76 -51.60
C VAL E 438 -5.76 25.87 -52.15
N GLN E 439 -6.96 26.10 -51.63
CA GLN E 439 -8.11 25.27 -51.98
C GLN E 439 -8.48 25.47 -53.45
N ASP E 440 -8.41 24.39 -54.22
CA ASP E 440 -8.79 24.44 -55.62
C ASP E 440 -10.28 24.24 -55.78
N THR E 441 -10.85 24.89 -56.80
CA THR E 441 -12.27 24.75 -57.07
C THR E 441 -12.66 23.34 -57.49
N SER E 442 -11.68 22.54 -57.94
CA SER E 442 -11.91 21.15 -58.32
C SER E 442 -12.00 20.21 -57.12
N GLY E 443 -12.14 20.75 -55.91
CA GLY E 443 -12.21 19.92 -54.73
C GLY E 443 -10.88 19.51 -54.17
N GLY E 444 -9.79 20.16 -54.57
CA GLY E 444 -8.47 19.80 -54.09
C GLY E 444 -7.64 21.01 -53.70
N THR E 445 -6.32 20.83 -53.67
CA THR E 445 -5.39 21.90 -53.33
C THR E 445 -4.34 22.02 -54.42
N THR E 446 -4.09 23.24 -54.87
CA THR E 446 -3.14 23.51 -55.93
C THR E 446 -1.93 24.26 -55.39
N ALA E 447 -0.76 23.95 -55.95
CA ALA E 447 0.48 24.58 -55.51
C ALA E 447 0.53 26.04 -55.90
N LEU E 448 1.16 26.85 -55.03
CA LEU E 448 1.36 28.26 -55.34
C LEU E 448 2.55 28.48 -56.26
N ARG E 449 3.46 27.52 -56.35
CA ARG E 449 4.65 27.62 -57.18
C ARG E 449 5.28 26.22 -57.28
N PRO E 450 6.06 25.96 -58.32
CA PRO E 450 6.80 24.69 -58.38
C PRO E 450 7.86 24.64 -57.29
N SER E 451 7.80 23.61 -56.46
CA SER E 451 8.68 23.46 -55.32
C SER E 451 9.43 22.12 -55.41
N ALA E 452 10.34 21.91 -54.44
CA ALA E 452 11.16 20.71 -54.44
C ALA E 452 10.33 19.44 -54.38
N SER E 453 9.20 19.47 -53.66
CA SER E 453 8.35 18.27 -53.58
C SER E 453 7.70 17.96 -54.91
N THR E 454 7.29 18.98 -55.66
CA THR E 454 6.61 18.77 -56.93
C THR E 454 7.55 18.37 -58.07
N GLN E 455 8.87 18.46 -57.87
CA GLN E 455 9.84 18.23 -58.94
C GLN E 455 10.72 17.02 -58.69
N ALA E 456 10.27 16.06 -57.90
CA ALA E 456 11.07 14.86 -57.67
C ALA E 456 11.11 14.00 -58.93
N LEU E 457 12.16 13.19 -59.03
CA LEU E 457 12.27 12.29 -60.17
C LEU E 457 11.22 11.18 -60.11
N SER E 458 10.92 10.72 -58.90
CA SER E 458 9.81 9.80 -58.66
C SER E 458 8.97 10.33 -57.51
N SER E 459 7.69 10.03 -57.52
CA SER E 459 6.76 10.60 -56.56
C SER E 459 5.79 9.53 -56.07
N SER E 460 5.68 9.42 -54.74
CA SER E 460 4.74 8.49 -54.12
C SER E 460 3.84 9.27 -53.17
N VAL E 461 2.64 8.73 -52.96
CA VAL E 461 1.66 9.28 -52.03
C VAL E 461 1.25 8.17 -51.07
N SER E 462 1.00 8.55 -49.82
CA SER E 462 0.69 7.55 -48.79
C SER E 462 -0.78 7.16 -48.89
N SER E 463 -1.03 5.86 -48.73
CA SER E 463 -2.38 5.30 -48.68
C SER E 463 -2.57 4.50 -47.41
N SER E 464 -2.09 5.06 -46.29
CA SER E 464 -2.10 4.35 -45.00
C SER E 464 -3.48 3.78 -44.69
N LYS E 465 -4.51 4.62 -44.79
CA LYS E 465 -5.90 4.27 -44.50
C LYS E 465 -6.15 3.94 -43.04
N LEU E 466 -5.12 4.01 -42.18
CA LEU E 466 -5.32 3.79 -40.76
C LEU E 466 -6.27 4.83 -40.16
N PHE E 467 -6.35 6.01 -40.77
CA PHE E 467 -7.30 7.02 -40.35
C PHE E 467 -8.21 7.39 -41.51
N GLU E 480 -8.50 29.34 -48.88
CA GLU E 480 -7.79 29.10 -47.62
C GLU E 480 -6.44 28.43 -47.88
N GLU E 481 -5.62 28.34 -46.84
CA GLU E 481 -4.29 27.76 -46.94
C GLU E 481 -4.22 26.44 -46.17
N VAL E 482 -3.42 25.53 -46.69
CA VAL E 482 -3.20 24.22 -46.07
C VAL E 482 -1.75 23.82 -46.26
N GLU E 483 -1.23 23.04 -45.33
CA GLU E 483 0.15 22.58 -45.37
C GLU E 483 0.20 21.15 -45.88
N VAL E 484 1.08 20.90 -46.84
CA VAL E 484 1.30 19.57 -47.40
C VAL E 484 2.73 19.16 -47.08
N HIS E 485 2.86 18.06 -46.34
CA HIS E 485 4.16 17.59 -45.88
C HIS E 485 4.69 16.49 -46.79
N ASN E 486 6.00 16.49 -46.99
CA ASN E 486 6.66 15.51 -47.85
C ASN E 486 7.97 15.07 -47.21
N LEU E 487 8.35 13.83 -47.47
CA LEU E 487 9.68 13.34 -47.16
C LEU E 487 10.51 13.38 -48.45
N LEU E 488 11.54 14.21 -48.46
CA LEU E 488 12.36 14.42 -49.65
C LEU E 488 13.64 13.58 -49.55
N ILE E 489 13.91 12.81 -50.59
CA ILE E 489 15.12 12.02 -50.70
C ILE E 489 16.07 12.80 -51.60
N ILE E 490 17.11 13.38 -51.00
CA ILE E 490 17.99 14.32 -51.69
C ILE E 490 19.36 13.67 -51.82
N ASP E 491 19.86 13.60 -53.05
CA ASP E 491 21.16 12.98 -53.29
C ASP E 491 22.25 13.76 -52.55
N GLN E 492 23.19 13.02 -51.97
CA GLN E 492 24.24 13.64 -51.16
C GLN E 492 25.32 14.33 -52.00
N HIS E 493 25.36 14.08 -53.31
CA HIS E 493 26.36 14.67 -54.18
C HIS E 493 25.80 15.72 -55.12
N THR E 494 24.77 15.36 -55.90
CA THR E 494 24.15 16.29 -56.83
C THR E 494 23.06 17.15 -56.20
N PHE E 495 22.47 16.68 -55.10
CA PHE E 495 21.43 17.40 -54.37
C PHE E 495 20.19 17.65 -55.25
N GLU E 496 19.75 16.61 -55.94
CA GLU E 496 18.49 16.64 -56.68
C GLU E 496 17.49 15.74 -55.98
N VAL E 497 16.25 16.22 -55.87
CA VAL E 497 15.20 15.48 -55.17
C VAL E 497 14.89 14.20 -55.95
N LEU E 498 15.48 13.09 -55.51
CA LEU E 498 15.26 11.82 -56.20
C LEU E 498 13.85 11.29 -55.99
N HIS E 499 13.26 11.54 -54.83
CA HIS E 499 11.92 11.05 -54.53
C HIS E 499 11.24 12.00 -53.55
N ALA E 500 9.93 12.15 -53.71
CA ALA E 500 9.10 12.94 -52.80
C ALA E 500 7.89 12.11 -52.43
N HIS E 501 7.78 11.75 -51.15
CA HIS E 501 6.65 10.99 -50.64
C HIS E 501 5.69 11.95 -49.93
N GLN E 502 4.51 12.13 -50.50
CA GLN E 502 3.49 12.99 -49.90
C GLN E 502 2.74 12.21 -48.82
N PHE E 503 2.66 12.78 -47.62
CA PHE E 503 1.99 12.14 -46.51
C PHE E 503 0.48 12.28 -46.65
N LEU E 504 -0.28 11.71 -45.71
CA LEU E 504 -1.73 11.77 -45.82
C LEU E 504 -2.22 13.21 -45.68
N GLN E 505 -3.44 13.43 -46.16
CA GLN E 505 -4.08 14.72 -46.00
C GLN E 505 -4.35 14.98 -44.53
N ASN E 506 -4.04 16.20 -44.09
CA ASN E 506 -4.11 16.66 -42.72
C ASN E 506 -3.08 16.01 -41.80
N GLU E 507 -2.09 15.31 -42.37
CA GLU E 507 -1.02 14.74 -41.57
C GLU E 507 0.14 15.71 -41.46
N TYR E 508 0.68 15.85 -40.25
CA TYR E 508 1.80 16.73 -39.99
C TYR E 508 3.01 15.87 -39.59
N ALA E 509 4.03 15.86 -40.43
CA ALA E 509 5.26 15.14 -40.13
C ALA E 509 6.08 15.95 -39.13
N LEU E 510 6.44 15.31 -38.02
CA LEU E 510 7.10 15.99 -36.91
C LEU E 510 8.54 15.54 -36.69
N SER E 511 8.81 14.25 -36.73
CA SER E 511 10.13 13.71 -36.42
C SER E 511 10.64 12.88 -37.58
N LEU E 512 11.97 12.72 -37.62
CA LEU E 512 12.62 11.95 -38.66
C LEU E 512 13.91 11.37 -38.13
N VAL E 513 14.14 10.09 -38.42
CA VAL E 513 15.31 9.37 -37.93
C VAL E 513 15.72 8.35 -38.98
N SER E 514 17.03 8.23 -39.20
CA SER E 514 17.61 7.21 -40.07
C SER E 514 18.45 6.27 -39.22
N CYS E 515 18.14 4.99 -39.26
CA CYS E 515 18.81 4.03 -38.39
C CYS E 515 18.54 2.62 -38.87
N LYS E 516 19.35 1.69 -38.39
CA LYS E 516 19.09 0.26 -38.49
C LYS E 516 18.43 -0.20 -37.21
N LEU E 517 17.49 -1.15 -37.34
CA LEU E 517 16.63 -1.54 -36.22
C LEU E 517 16.79 -3.02 -35.95
N GLY E 518 17.25 -3.35 -34.74
CA GLY E 518 17.25 -4.74 -34.30
C GLY E 518 18.20 -5.59 -35.11
N LYS E 519 17.67 -6.70 -35.64
CA LYS E 519 18.45 -7.63 -36.43
C LYS E 519 18.40 -7.32 -37.92
N ASP E 520 17.56 -6.37 -38.33
CA ASP E 520 17.48 -6.00 -39.73
C ASP E 520 18.77 -5.31 -40.17
N PRO E 521 19.43 -5.77 -41.24
CA PRO E 521 20.61 -5.06 -41.75
C PRO E 521 20.27 -3.89 -42.65
N ASN E 522 18.99 -3.67 -42.96
CA ASN E 522 18.59 -2.54 -43.78
C ASN E 522 18.50 -1.28 -42.92
N THR E 523 18.98 -0.17 -43.47
CA THR E 523 18.84 1.14 -42.84
C THR E 523 17.57 1.80 -43.38
N TYR E 524 16.76 2.35 -42.48
CA TYR E 524 15.45 2.87 -42.85
C TYR E 524 15.36 4.36 -42.55
N PHE E 525 14.39 4.99 -43.19
CA PHE E 525 13.92 6.32 -42.83
C PHE E 525 12.64 6.17 -42.02
N ILE E 526 12.65 6.65 -40.78
CA ILE E 526 11.49 6.56 -39.91
C ILE E 526 10.96 7.97 -39.69
N VAL E 527 9.64 8.12 -39.81
CA VAL E 527 8.98 9.42 -39.68
C VAL E 527 7.85 9.28 -38.66
N GLY E 528 7.85 10.18 -37.67
CA GLY E 528 6.75 10.27 -36.72
C GLY E 528 5.88 11.46 -37.05
N THR E 529 4.58 11.21 -37.16
CA THR E 529 3.63 12.19 -37.63
C THR E 529 2.56 12.46 -36.58
N ALA E 530 1.66 13.38 -36.91
CA ALA E 530 0.50 13.69 -36.07
C ALA E 530 -0.69 14.02 -36.96
N MET E 531 -1.88 13.69 -36.47
CA MET E 531 -3.13 13.99 -37.16
C MET E 531 -3.66 15.30 -36.59
N VAL E 532 -3.46 16.39 -37.32
CA VAL E 532 -3.92 17.71 -36.89
C VAL E 532 -5.21 18.05 -37.64
N TYR E 533 -6.24 18.41 -36.90
CA TYR E 533 -7.50 18.87 -37.47
C TYR E 533 -7.86 20.18 -36.80
N PRO E 534 -8.18 21.23 -37.56
CA PRO E 534 -8.44 22.55 -36.95
C PRO E 534 -9.52 22.53 -35.87
N GLU E 535 -10.33 21.46 -35.78
CA GLU E 535 -11.35 21.40 -34.74
C GLU E 535 -10.78 20.89 -33.42
N GLU E 536 -9.84 19.96 -33.48
CA GLU E 536 -9.24 19.39 -32.28
C GLU E 536 -7.99 20.14 -31.89
N ALA E 537 -7.94 20.60 -30.64
CA ALA E 537 -6.78 21.34 -30.15
C ALA E 537 -5.59 20.40 -29.97
N GLU E 538 -5.74 19.37 -29.13
CA GLU E 538 -4.68 18.43 -28.85
C GLU E 538 -4.75 17.25 -29.84
N PRO E 539 -3.61 16.78 -30.32
CA PRO E 539 -3.61 15.66 -31.27
C PRO E 539 -3.99 14.36 -30.60
N LYS E 540 -4.89 13.60 -31.22
CA LYS E 540 -5.37 12.34 -30.70
C LYS E 540 -4.96 11.15 -31.54
N GLN E 541 -4.24 11.36 -32.64
CA GLN E 541 -3.85 10.27 -33.54
C GLN E 541 -2.55 10.65 -34.24
N GLY E 542 -1.72 9.64 -34.49
CA GLY E 542 -0.45 9.85 -35.16
C GLY E 542 0.05 8.56 -35.77
N ARG E 543 1.14 8.69 -36.54
CA ARG E 543 1.74 7.58 -37.24
C ARG E 543 3.23 7.53 -36.99
N ILE E 544 3.77 6.31 -36.98
CA ILE E 544 5.21 6.07 -37.02
C ILE E 544 5.45 5.17 -38.22
N VAL E 545 6.01 5.74 -39.27
CA VAL E 545 6.15 5.06 -40.56
C VAL E 545 7.61 4.72 -40.80
N VAL E 546 7.86 3.49 -41.24
CA VAL E 546 9.20 3.01 -41.56
C VAL E 546 9.32 2.96 -43.08
N PHE E 547 10.23 3.75 -43.64
CA PHE E 547 10.43 3.86 -45.06
C PHE E 547 11.75 3.20 -45.46
N GLN E 548 11.84 2.84 -46.74
CA GLN E 548 13.07 2.29 -47.30
C GLN E 548 13.26 2.80 -48.71
N TYR E 549 14.46 3.27 -49.00
CA TYR E 549 14.87 3.71 -50.33
C TYR E 549 15.84 2.67 -50.88
N SER E 550 15.36 1.82 -51.78
CA SER E 550 16.16 0.71 -52.30
C SER E 550 16.67 0.97 -53.70
N ASP E 551 15.76 1.23 -54.65
CA ASP E 551 16.17 1.48 -56.02
C ASP E 551 16.10 2.96 -56.34
N GLY E 552 14.92 3.44 -56.73
CA GLY E 552 14.71 4.84 -57.02
C GLY E 552 13.40 5.32 -56.45
N LYS E 553 12.72 4.46 -55.69
CA LYS E 553 11.45 4.77 -55.08
C LYS E 553 11.51 4.49 -53.58
N LEU E 554 10.46 4.89 -52.88
CA LEU E 554 10.35 4.69 -51.44
C LEU E 554 9.28 3.65 -51.16
N GLN E 555 9.67 2.58 -50.47
CA GLN E 555 8.75 1.53 -50.05
C GLN E 555 8.42 1.73 -48.58
N THR E 556 7.12 1.65 -48.25
CA THR E 556 6.67 1.78 -46.87
C THR E 556 6.77 0.42 -46.19
N VAL E 557 7.83 0.23 -45.41
CA VAL E 557 8.07 -1.06 -44.74
C VAL E 557 7.35 -0.98 -43.40
N ALA E 558 6.03 -1.20 -43.45
CA ALA E 558 5.16 -1.24 -42.27
C ALA E 558 5.01 0.11 -41.58
N GLU E 559 3.95 0.24 -40.78
CA GLU E 559 3.64 1.46 -40.06
C GLU E 559 3.04 1.09 -38.71
N LYS E 560 2.89 2.10 -37.85
CA LYS E 560 2.29 1.90 -36.54
C LYS E 560 1.39 3.07 -36.20
N GLU E 561 0.15 2.79 -35.82
CA GLU E 561 -0.78 3.83 -35.42
C GLU E 561 -0.64 4.08 -33.92
N VAL E 562 -0.53 5.35 -33.54
CA VAL E 562 -0.47 5.73 -32.14
C VAL E 562 -1.53 6.78 -31.88
N LYS E 563 -1.96 6.87 -30.62
CA LYS E 563 -3.05 7.76 -30.21
C LYS E 563 -2.56 9.14 -29.82
N GLY E 564 -1.56 9.68 -30.52
CA GLY E 564 -1.08 11.00 -30.17
C GLY E 564 -0.06 11.48 -31.19
N ALA E 565 0.54 12.63 -30.88
CA ALA E 565 1.51 13.26 -31.76
C ALA E 565 2.91 12.73 -31.45
N VAL E 566 3.58 12.21 -32.49
CA VAL E 566 4.95 11.73 -32.35
C VAL E 566 5.89 12.92 -32.49
N TYR E 567 6.20 13.57 -31.36
CA TYR E 567 6.96 14.81 -31.42
C TYR E 567 8.42 14.56 -31.76
N SER E 568 9.03 13.51 -31.20
CA SER E 568 10.43 13.24 -31.43
C SER E 568 10.68 11.74 -31.34
N MET E 569 11.71 11.29 -32.06
CA MET E 569 12.14 9.90 -32.06
C MET E 569 13.65 9.84 -32.01
N VAL E 570 14.17 8.82 -31.34
CA VAL E 570 15.61 8.61 -31.22
C VAL E 570 15.88 7.10 -31.30
N GLU E 571 16.96 6.74 -31.98
CA GLU E 571 17.41 5.35 -31.98
C GLU E 571 17.98 5.00 -30.60
N PHE E 572 17.56 3.86 -30.05
CA PHE E 572 17.93 3.46 -28.70
C PHE E 572 18.44 2.02 -28.71
N ASN E 573 19.70 1.85 -29.10
CA ASN E 573 20.38 0.55 -29.09
C ASN E 573 19.58 -0.50 -29.84
N GLY E 574 19.52 -0.32 -31.16
CA GLY E 574 18.75 -1.21 -32.01
C GLY E 574 17.24 -1.13 -31.84
N LYS E 575 16.76 -0.27 -30.95
CA LYS E 575 15.34 -0.04 -30.73
C LYS E 575 15.02 1.41 -31.02
N LEU E 576 13.73 1.70 -31.21
CA LEU E 576 13.27 3.03 -31.54
C LEU E 576 12.57 3.63 -30.34
N LEU E 577 13.18 4.65 -29.74
CA LEU E 577 12.51 5.44 -28.72
C LEU E 577 11.61 6.47 -29.40
N ALA E 578 10.48 6.77 -28.77
CA ALA E 578 9.52 7.66 -29.38
C ALA E 578 8.82 8.46 -28.28
N SER E 579 8.41 9.67 -28.65
CA SER E 579 7.58 10.51 -27.80
C SER E 579 6.19 10.59 -28.40
N ILE E 580 5.18 10.33 -27.57
CA ILE E 580 3.78 10.44 -27.97
C ILE E 580 3.08 11.28 -26.90
N ASN E 581 2.83 12.55 -27.20
CA ASN E 581 2.22 13.48 -26.25
C ASN E 581 3.01 13.50 -24.94
N SER E 582 2.50 12.85 -23.91
CA SER E 582 3.16 12.77 -22.62
C SER E 582 3.81 11.41 -22.37
N THR E 583 3.89 10.56 -23.39
CA THR E 583 4.35 9.18 -23.23
C THR E 583 5.69 9.00 -23.92
N VAL E 584 6.67 8.49 -23.18
CA VAL E 584 7.93 8.01 -23.74
C VAL E 584 7.82 6.50 -23.88
N ARG E 585 8.13 5.99 -25.06
CA ARG E 585 7.87 4.59 -25.37
C ARG E 585 9.02 4.00 -26.15
N LEU E 586 9.44 2.80 -25.77
CA LEU E 586 10.50 2.07 -26.45
C LEU E 586 9.87 1.02 -27.36
N TYR E 587 10.14 1.13 -28.66
CA TYR E 587 9.63 0.18 -29.64
C TYR E 587 10.73 -0.79 -30.05
N GLU E 588 10.33 -2.02 -30.34
CA GLU E 588 11.24 -3.06 -30.77
C GLU E 588 10.92 -3.48 -32.20
N TRP E 589 11.96 -3.84 -32.95
CA TRP E 589 11.82 -4.27 -34.34
C TRP E 589 11.86 -5.78 -34.38
N THR E 590 10.70 -6.40 -34.64
CA THR E 590 10.62 -7.85 -34.69
C THR E 590 11.18 -8.36 -36.01
N THR E 591 11.13 -9.69 -36.19
CA THR E 591 11.54 -10.29 -37.46
C THR E 591 10.46 -10.18 -38.52
N GLU E 592 9.21 -9.99 -38.12
CA GLU E 592 8.12 -9.78 -39.08
C GLU E 592 8.07 -8.36 -39.63
N LYS E 593 9.11 -7.57 -39.38
CA LYS E 593 9.20 -6.18 -39.82
C LYS E 593 8.02 -5.35 -39.33
N GLU E 594 7.85 -5.35 -38.01
CA GLU E 594 6.81 -4.57 -37.36
C GLU E 594 7.35 -4.02 -36.04
N LEU E 595 6.64 -3.03 -35.51
CA LEU E 595 7.05 -2.36 -34.28
C LEU E 595 6.23 -2.89 -33.11
N ARG E 596 6.92 -3.28 -32.05
CA ARG E 596 6.29 -3.84 -30.86
C ARG E 596 6.69 -3.05 -29.63
N THR E 597 5.69 -2.59 -28.88
CA THR E 597 5.95 -1.81 -27.67
C THR E 597 6.64 -2.67 -26.62
N GLU E 598 7.75 -2.16 -26.09
CA GLU E 598 8.46 -2.85 -25.01
C GLU E 598 7.98 -2.32 -23.66
N CYS E 599 8.31 -1.06 -23.36
CA CYS E 599 7.93 -0.44 -22.10
C CYS E 599 7.50 0.99 -22.34
N ASN E 600 6.62 1.48 -21.48
CA ASN E 600 6.14 2.85 -21.51
C ASN E 600 6.59 3.60 -20.27
N HIS E 601 6.48 4.92 -20.33
CA HIS E 601 6.69 5.76 -19.15
C HIS E 601 5.81 6.99 -19.33
N TYR E 602 4.79 7.11 -18.49
CA TYR E 602 3.82 8.20 -18.60
C TYR E 602 4.30 9.36 -17.74
N ASN E 603 4.42 10.53 -18.37
CA ASN E 603 4.92 11.72 -17.70
C ASN E 603 3.79 12.70 -17.44
N ASN E 604 4.00 13.56 -16.43
CA ASN E 604 3.11 14.65 -16.14
C ASN E 604 3.47 15.92 -16.91
N ILE E 605 4.42 15.82 -17.83
CA ILE E 605 4.74 16.91 -18.76
C ILE E 605 4.63 16.36 -20.18
N MET E 606 4.38 17.25 -21.12
CA MET E 606 4.23 16.85 -22.51
C MET E 606 5.63 16.68 -23.10
N ALA E 607 5.98 15.44 -23.43
CA ALA E 607 7.33 15.08 -23.87
C ALA E 607 7.66 15.60 -25.27
N LEU E 608 8.22 16.81 -25.36
CA LEU E 608 8.53 17.44 -26.63
C LEU E 608 9.94 17.16 -27.12
N TYR E 609 10.93 17.34 -26.26
CA TYR E 609 12.33 17.12 -26.60
C TYR E 609 12.78 15.77 -26.07
N LEU E 610 13.56 15.06 -26.88
CA LEU E 610 14.00 13.72 -26.56
C LEU E 610 15.46 13.56 -26.97
N LYS E 611 16.34 13.36 -25.99
CA LYS E 611 17.75 13.14 -26.22
C LYS E 611 18.22 11.99 -25.35
N THR E 612 19.09 11.15 -25.90
CA THR E 612 19.57 9.96 -25.19
C THR E 612 21.09 9.91 -25.19
N LYS E 613 21.64 9.26 -24.17
CA LYS E 613 23.07 8.95 -24.11
C LYS E 613 23.20 7.65 -23.34
N GLY E 614 23.60 6.59 -24.04
CA GLY E 614 23.67 5.28 -23.42
C GLY E 614 22.28 4.78 -23.05
N ASP E 615 22.06 4.50 -21.77
CA ASP E 615 20.75 4.11 -21.27
C ASP E 615 20.01 5.26 -20.60
N PHE E 616 20.59 6.46 -20.61
CA PHE E 616 19.94 7.65 -20.06
C PHE E 616 19.09 8.31 -21.13
N ILE E 617 17.94 8.85 -20.72
CA ILE E 617 16.97 9.45 -21.62
C ILE E 617 16.55 10.79 -21.06
N LEU E 618 16.78 11.86 -21.82
CA LEU E 618 16.43 13.21 -21.42
C LEU E 618 15.11 13.62 -22.06
N VAL E 619 14.18 14.11 -21.24
CA VAL E 619 12.85 14.52 -21.70
C VAL E 619 12.62 15.96 -21.27
N GLY E 620 11.96 16.73 -22.13
CA GLY E 620 11.68 18.13 -21.84
C GLY E 620 10.46 18.60 -22.60
N ASP E 621 9.76 19.57 -22.01
CA ASP E 621 8.61 20.21 -22.62
C ASP E 621 8.94 21.66 -22.98
N LEU E 622 7.94 22.35 -23.55
CA LEU E 622 8.14 23.72 -23.99
C LEU E 622 8.37 24.69 -22.83
N MET E 623 8.08 24.28 -21.59
CA MET E 623 8.16 25.17 -20.44
C MET E 623 9.34 24.82 -19.52
N ARG E 624 10.47 24.44 -20.12
CA ARG E 624 11.74 24.24 -19.44
C ARG E 624 11.67 23.18 -18.34
N SER E 625 10.67 22.31 -18.37
CA SER E 625 10.63 21.19 -17.44
C SER E 625 11.52 20.08 -17.99
N VAL E 626 12.59 19.77 -17.26
CA VAL E 626 13.58 18.79 -17.69
C VAL E 626 13.44 17.54 -16.82
N LEU E 627 13.40 16.38 -17.46
CA LEU E 627 13.20 15.10 -16.80
C LEU E 627 14.23 14.11 -17.33
N LEU E 628 14.96 13.49 -16.41
CA LEU E 628 16.00 12.52 -16.76
C LEU E 628 15.51 11.11 -16.44
N LEU E 629 15.44 10.25 -17.46
CA LEU E 629 15.02 8.88 -17.31
C LEU E 629 16.14 7.94 -17.73
N ALA E 630 16.28 6.82 -17.03
CA ALA E 630 17.21 5.77 -17.40
C ALA E 630 16.43 4.49 -17.71
N TYR E 631 16.73 3.88 -18.84
CA TYR E 631 16.15 2.59 -19.20
C TYR E 631 16.89 1.48 -18.49
N LYS E 632 16.18 0.72 -17.66
CA LYS E 632 16.80 -0.38 -16.91
C LYS E 632 16.86 -1.63 -17.78
N PRO E 633 18.06 -2.02 -18.24
CA PRO E 633 18.14 -3.12 -19.20
C PRO E 633 17.79 -4.48 -18.59
N MET E 634 17.98 -4.66 -17.28
CA MET E 634 17.69 -5.95 -16.67
C MET E 634 16.22 -6.10 -16.30
N GLU E 635 15.48 -4.99 -16.19
CA GLU E 635 14.06 -5.05 -15.89
C GLU E 635 13.18 -4.73 -17.10
N GLY E 636 13.73 -4.15 -18.15
CA GLY E 636 12.95 -3.82 -19.33
C GLY E 636 11.93 -2.72 -19.11
N ASN E 637 12.26 -1.73 -18.29
CA ASN E 637 11.36 -0.62 -18.00
C ASN E 637 12.17 0.66 -17.85
N PHE E 638 11.49 1.74 -17.52
CA PHE E 638 12.11 3.04 -17.30
C PHE E 638 12.12 3.38 -15.82
N GLU E 639 13.07 4.23 -15.44
CA GLU E 639 13.19 4.75 -14.09
C GLU E 639 13.41 6.25 -14.16
N GLU E 640 12.79 6.98 -13.24
CA GLU E 640 12.94 8.43 -13.19
C GLU E 640 14.06 8.77 -12.21
N ILE E 641 15.14 9.35 -12.71
CA ILE E 641 16.33 9.61 -11.89
C ILE E 641 16.26 10.99 -11.26
N ALA E 642 15.98 12.03 -12.05
CA ALA E 642 15.95 13.39 -11.55
C ALA E 642 14.97 14.20 -12.38
N ARG E 643 14.63 15.38 -11.87
CA ARG E 643 13.66 16.26 -12.51
C ARG E 643 13.90 17.68 -12.03
N ASP E 644 13.41 18.63 -12.81
CA ASP E 644 13.55 20.05 -12.45
C ASP E 644 12.53 20.85 -13.25
N PHE E 645 11.64 21.54 -12.54
CA PHE E 645 10.58 22.33 -13.16
C PHE E 645 10.85 23.81 -12.85
N ASN E 646 11.28 24.55 -13.87
CA ASN E 646 11.47 25.99 -13.76
C ASN E 646 10.73 26.64 -14.92
N PRO E 647 9.50 27.14 -14.70
CA PRO E 647 8.67 27.60 -15.81
C PRO E 647 9.30 28.71 -16.65
N ASN E 648 9.75 28.37 -17.85
CA ASN E 648 10.30 29.33 -18.79
C ASN E 648 10.27 28.71 -20.18
N TRP E 649 10.19 29.56 -21.20
CA TRP E 649 10.07 29.09 -22.57
C TRP E 649 11.40 28.50 -23.02
N MET E 650 11.46 27.17 -23.15
CA MET E 650 12.64 26.48 -23.66
C MET E 650 12.49 26.24 -25.16
N SER E 651 13.60 26.31 -25.88
CA SER E 651 13.58 26.15 -27.32
C SER E 651 14.37 24.93 -27.82
N ALA E 652 15.41 24.52 -27.10
CA ALA E 652 16.20 23.36 -27.50
C ALA E 652 16.93 22.83 -26.28
N VAL E 653 17.35 21.56 -26.37
CA VAL E 653 18.02 20.88 -25.26
C VAL E 653 18.96 19.83 -25.83
N GLU E 654 19.94 19.44 -25.04
CA GLU E 654 20.96 18.49 -25.47
C GLU E 654 21.71 17.96 -24.26
N ILE E 655 22.17 16.72 -24.36
CA ILE E 655 22.93 16.07 -23.30
C ILE E 655 24.41 16.36 -23.53
N LEU E 656 25.06 16.97 -22.54
CA LEU E 656 26.50 17.21 -22.64
C LEU E 656 27.29 15.95 -22.29
N ASP E 657 27.14 15.47 -21.05
CA ASP E 657 27.69 14.18 -20.63
C ASP E 657 26.63 13.47 -19.80
N ASP E 658 27.03 12.39 -19.13
CA ASP E 658 26.11 11.58 -18.35
C ASP E 658 25.52 12.34 -17.16
N ASP E 659 25.99 13.57 -16.92
CA ASP E 659 25.57 14.29 -15.72
C ASP E 659 25.04 15.69 -16.03
N ASN E 660 25.61 16.36 -17.04
CA ASN E 660 25.27 17.75 -17.34
C ASN E 660 24.42 17.83 -18.61
N PHE E 661 23.44 18.73 -18.59
CA PHE E 661 22.47 18.87 -19.67
C PHE E 661 22.34 20.34 -20.03
N LEU E 662 22.42 20.64 -21.33
CA LEU E 662 22.42 22.01 -21.84
C LEU E 662 21.14 22.31 -22.58
N GLY E 663 20.65 23.53 -22.45
CA GLY E 663 19.42 23.95 -23.11
C GLY E 663 19.44 25.43 -23.41
N ALA E 664 18.36 25.89 -24.06
CA ALA E 664 18.20 27.28 -24.45
C ALA E 664 16.83 27.77 -24.03
N GLU E 665 16.78 28.94 -23.40
CA GLU E 665 15.52 29.46 -22.86
C GLU E 665 15.44 30.97 -23.04
N ASN E 666 14.25 31.49 -22.73
CA ASN E 666 13.93 32.91 -22.87
C ASN E 666 14.69 33.73 -21.83
N ALA E 667 15.31 34.84 -22.27
CA ALA E 667 15.36 35.37 -23.63
C ALA E 667 16.75 35.22 -24.24
N PHE E 668 16.84 34.40 -25.29
CA PHE E 668 18.10 34.18 -25.99
C PHE E 668 19.20 33.75 -25.03
N ASN E 669 18.84 32.90 -24.07
CA ASN E 669 19.74 32.48 -23.01
C ASN E 669 20.05 30.99 -23.14
N LEU E 670 21.15 30.60 -22.50
CA LEU E 670 21.53 29.20 -22.38
C LEU E 670 21.58 28.82 -20.92
N PHE E 671 21.48 27.52 -20.65
CA PHE E 671 21.53 27.03 -19.27
C PHE E 671 22.06 25.61 -19.25
N VAL E 672 22.70 25.26 -18.14
CA VAL E 672 23.16 23.90 -17.88
C VAL E 672 22.69 23.50 -16.48
N CYS E 673 22.19 22.27 -16.36
CA CYS E 673 21.84 21.67 -15.08
C CYS E 673 22.47 20.29 -15.00
N GLN E 674 22.73 19.84 -13.77
CA GLN E 674 23.50 18.62 -13.57
C GLN E 674 22.87 17.76 -12.48
N LYS E 675 23.13 16.45 -12.57
CA LYS E 675 22.78 15.54 -11.49
C LYS E 675 23.61 15.85 -10.26
N ASP E 676 22.94 16.00 -9.12
CA ASP E 676 23.61 16.43 -7.90
C ASP E 676 24.70 15.45 -7.49
N SER E 677 25.92 15.96 -7.30
CA SER E 677 27.01 15.11 -6.84
C SER E 677 26.87 14.77 -5.36
N ALA E 678 26.31 15.68 -4.56
CA ALA E 678 26.06 15.42 -3.14
C ALA E 678 24.87 14.47 -3.02
N ALA E 679 25.15 13.18 -3.14
CA ALA E 679 24.12 12.14 -3.12
C ALA E 679 23.96 11.59 -1.70
N THR E 680 23.38 12.43 -0.84
CA THR E 680 23.14 12.06 0.55
C THR E 680 21.71 11.57 0.75
N THR E 681 20.73 12.42 0.45
CA THR E 681 19.32 12.05 0.51
C THR E 681 18.85 11.59 -0.86
N ASP E 682 17.85 10.71 -0.87
CA ASP E 682 17.22 10.31 -2.13
C ASP E 682 16.63 11.52 -2.84
N GLU E 683 16.07 12.46 -2.07
CA GLU E 683 15.60 13.71 -2.64
C GLU E 683 16.75 14.45 -3.34
N GLU E 684 17.87 14.62 -2.65
CA GLU E 684 18.94 15.45 -3.18
C GLU E 684 19.47 14.90 -4.50
N ARG E 685 19.51 13.58 -4.65
CA ARG E 685 19.94 12.98 -5.91
C ARG E 685 18.91 13.15 -7.02
N GLN E 686 17.65 13.34 -6.68
CA GLN E 686 16.57 13.47 -7.66
C GLN E 686 16.28 14.91 -8.05
N HIS E 687 17.13 15.86 -7.66
CA HIS E 687 16.99 17.26 -8.02
C HIS E 687 18.16 17.67 -8.89
N LEU E 688 17.86 18.26 -10.05
CA LEU E 688 18.88 18.78 -10.94
C LEU E 688 19.16 20.23 -10.58
N GLN E 689 20.40 20.54 -10.22
CA GLN E 689 20.78 21.88 -9.82
C GLN E 689 21.30 22.66 -11.03
N GLU E 690 20.83 23.89 -11.19
CA GLU E 690 21.29 24.72 -12.30
C GLU E 690 22.70 25.22 -12.01
N VAL E 691 23.60 25.01 -12.96
CA VAL E 691 25.01 25.36 -12.79
C VAL E 691 25.50 26.33 -13.84
N GLY E 692 24.77 26.56 -14.92
CA GLY E 692 25.19 27.48 -15.94
C GLY E 692 24.08 28.38 -16.44
N LEU E 693 24.36 29.67 -16.54
CA LEU E 693 23.44 30.65 -17.08
C LEU E 693 24.23 31.62 -17.94
N PHE E 694 23.63 32.03 -19.08
CA PHE E 694 24.37 32.81 -20.06
C PHE E 694 23.43 33.45 -21.08
N HIS E 695 23.59 34.74 -21.32
CA HIS E 695 22.82 35.44 -22.35
C HIS E 695 23.58 35.31 -23.66
N LEU E 696 23.22 34.28 -24.45
CA LEU E 696 23.88 34.06 -25.73
C LEU E 696 23.57 35.17 -26.73
N GLY E 697 22.36 35.72 -26.68
CA GLY E 697 21.93 36.71 -27.64
C GLY E 697 21.32 36.15 -28.91
N GLU E 698 21.15 34.84 -29.00
CA GLU E 698 20.57 34.20 -30.17
C GLU E 698 19.52 33.20 -29.72
N PHE E 699 18.62 32.86 -30.65
CA PHE E 699 17.52 31.93 -30.40
C PHE E 699 17.90 30.58 -31.00
N VAL E 700 18.36 29.66 -30.16
CA VAL E 700 18.83 28.36 -30.62
C VAL E 700 17.64 27.47 -30.97
N ASN E 701 17.68 26.89 -32.17
CA ASN E 701 16.62 25.98 -32.63
C ASN E 701 17.02 24.52 -32.65
N VAL E 702 18.32 24.21 -32.69
CA VAL E 702 18.77 22.83 -32.79
C VAL E 702 20.18 22.74 -32.23
N PHE E 703 20.43 21.71 -31.44
CA PHE E 703 21.76 21.37 -30.97
C PHE E 703 22.24 20.12 -31.71
N CYS E 704 23.56 20.05 -31.93
CA CYS E 704 24.13 18.97 -32.71
C CYS E 704 25.54 18.68 -32.24
N HIS E 705 25.78 17.46 -31.77
CA HIS E 705 27.13 17.03 -31.42
C HIS E 705 27.97 16.90 -32.68
N GLY E 706 29.09 17.60 -32.72
CA GLY E 706 29.96 17.53 -33.87
C GLY E 706 30.88 18.73 -33.93
N SER E 707 31.79 18.68 -34.90
CA SER E 707 32.74 19.76 -35.10
C SER E 707 33.07 19.85 -36.59
N LEU E 708 33.59 21.00 -36.99
CA LEU E 708 33.99 21.24 -38.38
C LEU E 708 35.50 21.12 -38.57
N VAL E 709 36.22 20.61 -37.57
CA VAL E 709 37.66 20.42 -37.66
C VAL E 709 37.93 18.92 -37.55
N MET E 710 39.12 18.52 -38.02
CA MET E 710 39.54 17.12 -37.96
C MET E 710 39.67 16.66 -36.51
N PRO E 719 42.92 19.52 -23.50
CA PRO E 719 42.54 20.92 -23.31
C PRO E 719 41.05 21.09 -23.01
N THR E 720 40.21 20.84 -24.01
CA THR E 720 38.76 20.92 -23.88
C THR E 720 38.15 19.59 -24.29
N GLN E 721 36.94 19.33 -23.78
CA GLN E 721 36.23 18.08 -24.05
C GLN E 721 34.83 18.40 -24.56
N GLY E 722 34.40 17.64 -25.56
CA GLY E 722 33.06 17.82 -26.13
C GLY E 722 33.03 18.88 -27.20
N SER E 723 32.06 18.73 -28.11
CA SER E 723 31.87 19.68 -29.20
C SER E 723 30.42 19.62 -29.63
N VAL E 724 29.65 20.64 -29.30
CA VAL E 724 28.22 20.71 -29.62
C VAL E 724 27.99 21.96 -30.45
N LEU E 725 27.63 21.77 -31.72
CA LEU E 725 27.23 22.88 -32.59
C LEU E 725 25.75 23.16 -32.43
N PHE E 726 25.37 24.42 -32.63
CA PHE E 726 23.96 24.80 -32.58
C PHE E 726 23.67 25.85 -33.63
N GLY E 727 22.54 25.70 -34.30
CA GLY E 727 22.04 26.67 -35.25
C GLY E 727 20.94 27.51 -34.63
N THR E 728 20.83 28.76 -35.09
CA THR E 728 19.94 29.74 -34.47
C THR E 728 19.02 30.32 -35.53
N VAL E 729 18.13 31.22 -35.08
CA VAL E 729 17.15 31.82 -35.97
C VAL E 729 17.82 32.84 -36.90
N ASN E 730 18.75 33.63 -36.37
CA ASN E 730 19.41 34.66 -37.15
C ASN E 730 20.50 34.12 -38.06
N GLY E 731 20.66 32.80 -38.13
CA GLY E 731 21.68 32.20 -38.97
C GLY E 731 23.04 32.05 -38.33
N MET E 732 23.14 32.23 -37.01
CA MET E 732 24.41 32.11 -36.31
C MET E 732 24.64 30.66 -35.92
N ILE E 733 25.86 30.19 -36.13
CA ILE E 733 26.29 28.86 -35.72
C ILE E 733 27.32 29.01 -34.62
N GLY E 734 27.12 28.31 -33.50
CA GLY E 734 28.00 28.42 -32.36
C GLY E 734 28.47 27.07 -31.88
N LEU E 735 29.51 27.11 -31.05
CA LEU E 735 30.11 25.93 -30.47
C LEU E 735 29.93 25.95 -28.96
N VAL E 736 29.80 24.77 -28.36
CA VAL E 736 29.74 24.61 -26.91
C VAL E 736 30.69 23.49 -26.52
N THR E 737 31.79 23.83 -25.87
CA THR E 737 32.75 22.86 -25.36
C THR E 737 32.95 23.12 -23.86
N SER E 738 33.29 22.05 -23.14
CA SER E 738 33.45 22.13 -21.70
C SER E 738 34.92 22.20 -21.32
N LEU E 739 35.23 23.05 -20.35
CA LEU E 739 36.58 23.28 -19.88
C LEU E 739 36.80 22.60 -18.53
N SER E 740 38.07 22.37 -18.20
CA SER E 740 38.44 21.96 -16.86
C SER E 740 38.21 23.10 -15.87
N GLU E 741 38.17 22.74 -14.58
CA GLU E 741 38.07 23.77 -13.56
C GLU E 741 39.28 24.69 -13.55
N SER E 742 40.46 24.15 -13.89
CA SER E 742 41.66 24.98 -13.94
C SER E 742 41.58 26.01 -15.06
N TRP E 743 41.13 25.59 -16.24
CA TRP E 743 41.04 26.53 -17.37
C TRP E 743 39.91 27.52 -17.17
N TYR E 744 38.77 27.05 -16.66
CA TYR E 744 37.61 27.93 -16.48
C TYR E 744 37.94 29.10 -15.56
N ASN E 745 38.54 28.82 -14.41
CA ASN E 745 38.88 29.90 -13.47
C ASN E 745 39.91 30.84 -14.05
N LEU E 746 40.77 30.35 -14.95
CA LEU E 746 41.76 31.21 -15.59
C LEU E 746 41.12 32.11 -16.63
N LEU E 747 40.32 31.53 -17.53
CA LEU E 747 39.69 32.33 -18.57
C LEU E 747 38.61 33.25 -18.00
N LEU E 748 38.01 32.88 -16.86
CA LEU E 748 37.09 33.80 -16.20
C LEU E 748 37.85 35.00 -15.66
N ASP E 749 39.03 34.77 -15.08
CA ASP E 749 39.88 35.88 -14.65
C ASP E 749 40.26 36.75 -15.85
N MET E 750 40.78 36.13 -16.91
CA MET E 750 41.14 36.87 -18.12
C MET E 750 39.93 37.55 -18.75
N GLN E 751 38.71 37.12 -18.43
CA GLN E 751 37.53 37.79 -18.95
C GLN E 751 37.35 39.17 -18.33
N ASN E 752 37.38 39.25 -17.00
CA ASN E 752 37.20 40.53 -16.33
C ASN E 752 38.33 41.51 -16.63
N ARG E 753 39.49 41.01 -17.05
CA ARG E 753 40.63 41.86 -17.36
C ARG E 753 40.63 42.29 -18.82
N LEU E 754 40.25 41.41 -19.73
CA LEU E 754 40.10 41.81 -21.13
C LEU E 754 38.93 42.77 -21.33
N ASN E 755 38.01 42.83 -20.37
CA ASN E 755 36.89 43.77 -20.42
C ASN E 755 37.24 45.15 -19.88
N LYS E 756 38.46 45.35 -19.41
CA LYS E 756 38.89 46.65 -18.92
C LYS E 756 39.77 47.41 -19.90
N VAL E 757 40.21 46.75 -20.99
CA VAL E 757 41.04 47.38 -21.99
C VAL E 757 40.41 47.37 -23.38
N ILE E 758 39.23 46.77 -23.52
CA ILE E 758 38.54 46.67 -24.80
C ILE E 758 37.39 47.67 -24.81
N LYS E 759 37.32 48.47 -25.87
CA LYS E 759 36.25 49.44 -26.03
C LYS E 759 35.01 48.77 -26.62
N SER E 760 33.85 49.08 -26.04
CA SER E 760 32.58 48.52 -26.48
C SER E 760 31.79 49.59 -27.22
N VAL E 761 31.32 49.25 -28.43
CA VAL E 761 30.51 50.17 -29.23
C VAL E 761 29.23 50.46 -28.46
N GLY E 762 29.09 51.70 -28.00
CA GLY E 762 28.00 52.08 -27.12
C GLY E 762 28.33 52.05 -25.65
N LYS E 763 29.53 51.61 -25.28
CA LYS E 763 29.97 51.53 -23.88
C LYS E 763 29.04 50.66 -23.05
N ILE E 764 28.62 49.53 -23.61
CA ILE E 764 27.84 48.53 -22.89
C ILE E 764 28.81 47.58 -22.21
N GLU E 765 28.46 47.13 -21.01
CA GLU E 765 29.34 46.27 -20.23
C GLU E 765 29.09 44.82 -20.59
N HIS E 766 30.18 44.09 -20.84
CA HIS E 766 30.09 42.66 -21.13
C HIS E 766 29.36 41.90 -20.03
N SER E 767 29.62 42.27 -18.77
CA SER E 767 28.92 41.65 -17.64
C SER E 767 27.41 41.82 -17.77
N PHE E 768 26.96 43.02 -18.15
CA PHE E 768 25.53 43.25 -18.32
C PHE E 768 24.99 42.53 -19.54
N TRP E 769 25.76 42.50 -20.63
CA TRP E 769 25.29 41.90 -21.87
C TRP E 769 25.16 40.38 -21.76
N ARG E 770 26.10 39.74 -21.06
CA ARG E 770 26.11 38.29 -20.95
C ARG E 770 25.31 37.78 -19.75
N SER E 771 24.71 38.67 -18.96
CA SER E 771 23.95 38.26 -17.79
C SER E 771 22.62 37.65 -18.20
N PHE E 772 22.22 36.59 -17.50
CA PHE E 772 20.95 35.94 -17.76
C PHE E 772 19.81 36.94 -17.69
N HIS E 773 19.03 37.03 -18.76
CA HIS E 773 18.01 38.06 -18.90
C HIS E 773 16.66 37.44 -19.23
N THR E 774 15.66 37.82 -18.45
CA THR E 774 14.27 37.70 -18.84
C THR E 774 13.56 38.97 -18.42
N GLU E 775 12.36 39.18 -18.97
CA GLU E 775 11.63 40.41 -18.68
C GLU E 775 11.30 40.57 -17.19
N ARG E 776 11.33 39.48 -16.41
CA ARG E 776 11.05 39.58 -14.99
C ARG E 776 12.31 39.67 -14.11
N LYS E 777 13.44 39.14 -14.56
CA LYS E 777 14.62 39.09 -13.71
C LYS E 777 15.87 39.28 -14.57
N THR E 778 16.95 39.70 -13.92
CA THR E 778 18.25 39.81 -14.57
C THR E 778 19.31 39.41 -13.54
N GLU E 779 19.99 38.30 -13.79
CA GLU E 779 20.95 37.72 -12.87
C GLU E 779 22.24 37.40 -13.63
N PRO E 780 23.40 37.68 -13.04
CA PRO E 780 24.66 37.53 -13.78
C PRO E 780 24.90 36.10 -14.24
N ALA E 781 25.84 35.97 -15.17
CA ALA E 781 26.14 34.69 -15.79
C ALA E 781 27.06 33.86 -14.91
N THR E 782 26.99 32.55 -15.07
CA THR E 782 27.80 31.63 -14.28
C THR E 782 28.04 30.37 -15.10
N GLY E 783 29.20 29.75 -14.88
CA GLY E 783 29.54 28.51 -15.54
C GLY E 783 29.75 28.61 -17.04
N PHE E 784 29.67 29.81 -17.62
CA PHE E 784 29.84 30.00 -19.05
C PHE E 784 30.90 31.05 -19.30
N ILE E 785 31.67 30.85 -20.37
CA ILE E 785 32.77 31.74 -20.72
C ILE E 785 32.60 32.14 -22.19
N ASP E 786 32.59 33.44 -22.44
CA ASP E 786 32.41 33.98 -23.79
C ASP E 786 33.69 33.73 -24.59
N GLY E 787 33.66 32.71 -25.45
CA GLY E 787 34.81 32.43 -26.30
C GLY E 787 35.12 33.55 -27.26
N ASP E 788 34.10 34.29 -27.70
CA ASP E 788 34.34 35.40 -28.61
C ASP E 788 35.20 36.48 -27.96
N LEU E 789 34.94 36.76 -26.68
CA LEU E 789 35.76 37.72 -25.96
C LEU E 789 37.15 37.16 -25.66
N ILE E 790 37.24 35.86 -25.40
CA ILE E 790 38.54 35.25 -25.11
C ILE E 790 39.42 35.26 -26.35
N GLU E 791 38.86 34.92 -27.51
CA GLU E 791 39.65 34.92 -28.74
C GLU E 791 40.07 36.32 -29.17
N SER E 792 39.37 37.36 -28.69
CA SER E 792 39.76 38.74 -28.99
C SER E 792 41.01 39.17 -28.25
N PHE E 793 41.66 38.26 -27.50
CA PHE E 793 42.91 38.60 -26.84
C PHE E 793 44.07 38.67 -27.82
N LEU E 794 44.03 37.85 -28.88
CA LEU E 794 45.07 37.83 -29.89
C LEU E 794 45.06 39.04 -30.80
N ASP E 795 44.09 39.94 -30.68
CA ASP E 795 43.94 41.06 -31.60
C ASP E 795 44.15 42.41 -30.91
N ILE E 796 44.65 42.41 -29.67
CA ILE E 796 44.93 43.64 -28.96
C ILE E 796 46.43 43.88 -28.94
N SER E 797 46.81 45.12 -28.62
CA SER E 797 48.22 45.50 -28.63
C SER E 797 48.99 44.79 -27.52
N ARG E 798 50.24 44.44 -27.82
CA ARG E 798 51.10 43.80 -26.82
C ARG E 798 51.23 44.61 -25.53
N PRO E 799 51.41 45.94 -25.55
CA PRO E 799 51.40 46.69 -24.28
C PRO E 799 50.09 46.54 -23.52
N LYS E 800 48.97 46.38 -24.22
CA LYS E 800 47.70 46.10 -23.58
C LYS E 800 47.50 44.62 -23.32
N MET E 801 48.16 43.76 -24.10
CA MET E 801 48.13 42.32 -23.83
C MET E 801 48.74 42.02 -22.46
N GLN E 802 49.83 42.71 -22.11
CA GLN E 802 50.45 42.52 -20.81
C GLN E 802 49.62 43.15 -19.70
N GLU E 803 48.85 44.19 -20.02
CA GLU E 803 48.01 44.83 -19.01
C GLU E 803 47.02 43.87 -18.39
N VAL E 804 46.60 42.85 -19.15
CA VAL E 804 45.64 41.89 -18.64
C VAL E 804 46.32 40.69 -17.99
N VAL E 805 47.55 40.37 -18.39
CA VAL E 805 48.28 39.24 -17.80
C VAL E 805 49.03 39.63 -16.53
N ALA E 806 49.07 40.91 -16.18
CA ALA E 806 49.75 41.34 -14.96
C ALA E 806 49.04 40.77 -13.74
N ASN E 807 49.83 40.21 -12.82
CA ASN E 807 49.32 39.62 -11.58
C ASN E 807 48.39 38.45 -11.85
N LEU E 808 48.74 37.62 -12.83
CA LEU E 808 48.00 36.41 -13.12
C LEU E 808 48.78 35.19 -12.64
N GLN E 809 48.03 34.16 -12.25
CA GLN E 809 48.61 32.92 -11.74
C GLN E 809 48.02 31.76 -12.53
N TYR E 810 48.88 31.02 -13.22
CA TYR E 810 48.48 29.95 -14.12
C TYR E 810 49.12 28.64 -13.66
N ASP E 811 48.32 27.58 -13.57
CA ASP E 811 48.74 26.32 -12.97
C ASP E 811 49.37 25.41 -14.02
N ASP E 812 50.66 25.61 -14.24
CA ASP E 812 51.47 24.79 -15.14
C ASP E 812 50.92 24.71 -16.55
N LYS E 817 52.05 27.62 -8.58
CA LYS E 817 51.34 28.59 -9.41
C LYS E 817 52.23 29.77 -9.74
N ARG E 818 52.88 29.72 -10.91
CA ARG E 818 53.77 30.79 -11.32
C ARG E 818 52.96 31.94 -11.92
N GLU E 819 53.66 33.02 -12.28
CA GLU E 819 53.00 34.11 -12.97
C GLU E 819 52.81 33.76 -14.44
N ALA E 820 51.90 34.49 -15.08
CA ALA E 820 51.54 34.24 -16.47
C ALA E 820 52.13 35.35 -17.35
N THR E 821 53.19 35.03 -18.08
CA THR E 821 53.65 35.92 -19.14
C THR E 821 52.59 36.00 -20.24
N ALA E 822 52.63 37.10 -20.99
CA ALA E 822 51.68 37.26 -22.09
C ALA E 822 51.76 36.14 -23.11
N ASP E 823 52.87 35.40 -23.14
CA ASP E 823 53.05 34.33 -24.12
C ASP E 823 52.48 33.00 -23.67
N ASP E 824 52.27 32.80 -22.37
CA ASP E 824 51.57 31.59 -21.93
C ASP E 824 50.09 31.62 -22.33
N LEU E 825 49.54 32.81 -22.54
CA LEU E 825 48.14 32.95 -22.90
C LEU E 825 47.93 32.99 -24.40
N ILE E 826 48.95 33.33 -25.18
CA ILE E 826 48.86 33.14 -26.62
C ILE E 826 48.77 31.66 -26.94
N LYS E 827 49.42 30.81 -26.15
CA LYS E 827 49.40 29.38 -26.43
C LYS E 827 48.03 28.77 -26.16
N VAL E 828 47.34 29.23 -25.11
CA VAL E 828 46.07 28.62 -24.75
C VAL E 828 44.94 29.09 -25.67
N VAL E 829 44.94 30.37 -26.05
CA VAL E 829 43.84 30.86 -26.89
C VAL E 829 44.06 30.48 -28.36
N GLU E 830 45.30 30.31 -28.79
CA GLU E 830 45.53 29.71 -30.11
C GLU E 830 45.04 28.28 -30.15
N GLU E 831 45.17 27.56 -29.03
CA GLU E 831 44.64 26.20 -28.97
C GLU E 831 43.12 26.21 -28.84
N LEU E 832 42.55 27.27 -28.27
CA LEU E 832 41.11 27.43 -28.19
C LEU E 832 40.49 27.90 -29.49
N THR E 833 41.30 28.39 -30.44
CA THR E 833 40.80 28.73 -31.76
C THR E 833 40.70 27.53 -32.69
N ARG E 834 41.07 26.33 -32.21
CA ARG E 834 41.09 25.14 -33.04
C ARG E 834 39.81 24.32 -32.95
N ILE E 835 38.94 24.61 -31.99
CA ILE E 835 37.67 23.87 -31.90
C ILE E 835 36.78 24.19 -33.10
N HIS E 836 36.91 25.39 -33.66
CA HIS E 836 36.13 25.78 -34.82
C HIS E 836 37.04 26.14 -35.99
N TYR F 3 -15.36 26.46 26.07
CA TYR F 3 -16.71 27.01 26.20
C TYR F 3 -17.74 25.88 26.22
N LYS F 4 -18.26 25.61 27.42
CA LYS F 4 -19.20 24.52 27.65
C LYS F 4 -20.63 25.01 27.51
N HIS F 5 -21.55 24.37 28.23
CA HIS F 5 -22.99 24.68 28.17
C HIS F 5 -23.53 24.37 26.78
N LYS F 6 -23.08 23.24 26.23
CA LYS F 6 -23.41 22.82 24.89
C LYS F 6 -24.56 21.80 24.93
N CYS F 7 -25.54 21.99 24.07
CA CYS F 7 -26.61 21.01 23.94
C CYS F 7 -26.03 19.72 23.39
N LYS F 8 -26.27 18.61 24.09
CA LYS F 8 -25.66 17.34 23.70
C LYS F 8 -26.26 16.76 22.42
N TYR F 9 -27.34 17.34 21.91
CA TYR F 9 -28.02 16.82 20.72
C TYR F 9 -27.62 17.57 19.45
N CYS F 10 -27.61 18.89 19.48
CA CYS F 10 -27.31 19.70 18.30
C CYS F 10 -25.96 20.40 18.36
N SER F 11 -25.32 20.45 19.53
CA SER F 11 -23.99 21.02 19.73
C SER F 11 -23.99 22.54 19.72
N LYS F 12 -25.10 23.16 20.13
CA LYS F 12 -25.16 24.60 20.28
C LYS F 12 -24.75 25.02 21.69
N VAL F 13 -23.99 26.11 21.78
CA VAL F 13 -23.52 26.65 23.05
C VAL F 13 -24.46 27.76 23.49
N PHE F 14 -24.90 27.70 24.74
CA PHE F 14 -25.77 28.71 25.32
C PHE F 14 -25.07 29.41 26.47
N GLY F 15 -25.53 30.61 26.78
CA GLY F 15 -24.90 31.43 27.80
C GLY F 15 -25.18 31.03 29.23
N THR F 16 -26.40 30.59 29.51
CA THR F 16 -26.83 30.24 30.86
C THR F 16 -27.41 28.83 30.88
N ASP F 17 -27.22 28.14 32.01
CA ASP F 17 -27.80 26.81 32.16
C ASP F 17 -29.32 26.87 32.05
N SER F 18 -29.93 27.98 32.46
CA SER F 18 -31.35 28.19 32.19
C SER F 18 -31.61 28.06 30.69
N SER F 19 -30.95 28.90 29.90
CA SER F 19 -31.17 28.90 28.45
C SER F 19 -30.90 27.54 27.84
N LEU F 20 -30.03 26.74 28.45
CA LEU F 20 -29.79 25.38 27.95
C LEU F 20 -31.06 24.53 28.08
N GLN F 21 -31.72 24.58 29.24
CA GLN F 21 -32.78 23.63 29.52
C GLN F 21 -34.05 23.94 28.73
N ILE F 22 -34.43 25.22 28.58
CA ILE F 22 -35.65 25.50 27.83
C ILE F 22 -35.50 25.08 26.38
N HIS F 23 -34.27 24.97 25.88
CA HIS F 23 -34.01 24.45 24.55
C HIS F 23 -33.64 22.98 24.54
N LEU F 24 -33.19 22.43 25.67
CA LEU F 24 -32.59 21.11 25.67
C LEU F 24 -33.55 20.03 25.21
N ARG F 25 -34.85 20.19 25.46
CA ARG F 25 -35.86 19.25 25.00
C ARG F 25 -36.73 19.84 23.89
N SER F 26 -36.15 20.67 23.05
CA SER F 26 -36.75 20.95 21.75
C SER F 26 -36.46 19.83 20.76
N HIS F 27 -35.52 18.94 21.11
CA HIS F 27 -35.20 17.73 20.36
C HIS F 27 -36.12 16.59 20.77
N THR F 28 -37.42 16.86 20.84
CA THR F 28 -38.38 15.86 21.28
C THR F 28 -38.55 14.82 20.18
N GLY F 29 -38.17 13.59 20.47
CA GLY F 29 -38.32 12.51 19.51
C GLY F 29 -37.48 11.31 19.89
N GLU F 30 -37.53 10.31 19.01
CA GLU F 30 -36.78 9.08 19.23
C GLU F 30 -35.30 9.23 18.88
N ARG F 31 -34.98 10.07 17.88
CA ARG F 31 -33.62 10.30 17.43
C ARG F 31 -33.29 11.78 17.62
N PRO F 32 -33.00 12.22 18.85
CA PRO F 32 -32.76 13.65 19.07
C PRO F 32 -31.35 14.10 18.73
N PHE F 33 -30.38 13.19 18.72
CA PHE F 33 -29.00 13.56 18.43
C PHE F 33 -28.83 13.78 16.93
N VAL F 34 -28.37 14.99 16.56
CA VAL F 34 -28.20 15.37 15.16
C VAL F 34 -26.74 15.72 14.92
N CYS F 35 -26.21 15.31 13.77
CA CYS F 35 -24.86 15.66 13.38
C CYS F 35 -24.85 17.11 12.90
N SER F 36 -24.06 17.95 13.58
CA SER F 36 -24.00 19.38 13.25
C SER F 36 -23.38 19.64 11.89
N VAL F 37 -22.89 18.63 11.19
CA VAL F 37 -22.22 18.81 9.90
C VAL F 37 -23.17 18.53 8.74
N CYS F 38 -23.90 17.41 8.79
CA CYS F 38 -24.72 16.99 7.68
C CYS F 38 -26.20 16.85 8.00
N GLY F 39 -26.58 16.84 9.27
CA GLY F 39 -27.96 16.63 9.65
C GLY F 39 -28.35 15.19 9.91
N HIS F 40 -27.38 14.29 10.06
CA HIS F 40 -27.69 12.91 10.35
C HIS F 40 -28.21 12.78 11.78
N ARG F 41 -29.35 12.12 11.94
CA ARG F 41 -29.97 11.97 13.24
C ARG F 41 -29.72 10.56 13.79
N PHE F 42 -29.59 10.48 15.12
CA PHE F 42 -29.20 9.24 15.77
C PHE F 42 -29.97 9.07 17.07
N THR F 43 -30.05 7.82 17.51
CA THR F 43 -30.83 7.48 18.70
C THR F 43 -30.06 7.72 19.98
N THR F 44 -28.78 7.36 20.00
CA THR F 44 -27.96 7.49 21.20
C THR F 44 -26.79 8.43 20.95
N LYS F 45 -26.15 8.83 22.04
CA LYS F 45 -25.00 9.73 21.94
C LYS F 45 -23.80 9.05 21.31
N GLY F 46 -23.59 7.78 21.62
CA GLY F 46 -22.45 7.07 21.06
C GLY F 46 -22.51 6.95 19.54
N ASN F 47 -23.72 6.74 19.01
CA ASN F 47 -23.86 6.63 17.56
C ASN F 47 -23.51 7.94 16.86
N LEU F 48 -23.92 9.07 17.45
CA LEU F 48 -23.54 10.37 16.90
C LEU F 48 -22.03 10.59 17.00
N LYS F 49 -21.40 10.08 18.06
CA LYS F 49 -19.99 10.33 18.28
C LYS F 49 -19.14 9.69 17.18
N VAL F 50 -19.42 8.43 16.84
CA VAL F 50 -18.61 7.75 15.83
C VAL F 50 -18.82 8.37 14.45
N HIS F 51 -20.06 8.72 14.12
CA HIS F 51 -20.34 9.30 12.81
C HIS F 51 -19.80 10.72 12.68
N PHE F 52 -19.79 11.48 13.78
CA PHE F 52 -19.26 12.83 13.73
C PHE F 52 -17.77 12.82 13.39
N HIS F 53 -17.01 11.92 14.01
CA HIS F 53 -15.58 11.84 13.80
C HIS F 53 -15.18 11.14 12.51
N ARG F 54 -16.13 10.91 11.60
CA ARG F 54 -15.84 10.42 10.26
C ARG F 54 -15.95 11.51 9.21
N HIS F 55 -16.09 12.76 9.63
CA HIS F 55 -16.19 13.89 8.71
C HIS F 55 -14.81 14.46 8.39
ZN ZN G . -0.75 -12.70 -13.59
C1 8W7 H . 14.74 -25.09 -20.93
C2 8W7 H . 14.55 -25.88 -22.07
C3 8W7 H . 13.53 -26.84 -22.10
C4 8W7 H . 13.95 -25.21 -19.81
C5 8W7 H . 12.94 -26.18 -19.86
C6 8W7 H . 12.74 -26.96 -20.96
N1 8W7 H . 11.20 -27.55 -19.38
N2 8W7 H . 9.40 -30.53 -18.40
N3 8W7 H . 19.77 -30.11 -23.24
O1 8W7 H . 11.80 -26.09 -17.72
C7 8W7 H . 11.61 -27.90 -20.73
C8 8W7 H . 11.94 -26.56 -18.83
C9 8W7 H . 10.11 -28.18 -18.66
C10 8W7 H . 8.76 -27.98 -19.36
C11 8W7 H . 7.64 -28.84 -18.79
C12 8W7 H . 8.05 -30.27 -18.56
C13 8W7 H . 10.45 -29.64 -18.44
C14 8W7 H . 13.95 -27.61 -24.34
C15 8W7 H . 15.16 -28.47 -24.15
O2 8W7 H . 11.58 -30.04 -18.29
C22 8W7 H . 20.12 -30.24 -21.83
C23 8W7 H . 21.18 -29.22 -21.48
O5 8W7 H . 22.31 -29.33 -22.33
C24 8W7 H . 21.96 -29.22 -23.69
C25 8W7 H . 20.94 -30.27 -24.08
C21 8W7 H . 18.66 -30.94 -23.66
C20 8W7 H . 17.43 -30.09 -23.83
C19 8W7 H . 16.21 -30.47 -23.27
C17 8W7 H . 15.07 -29.68 -23.44
C18 8W7 H . 17.49 -28.90 -24.54
C16 8W7 H . 16.37 -28.10 -24.70
O4 8W7 H . 13.23 -27.67 -23.11
O3 8W7 H . 7.26 -31.19 -18.49
S SO4 I . -14.96 -31.14 6.34
O1 SO4 I . -16.26 -31.78 6.32
O2 SO4 I . -14.45 -31.11 7.71
O3 SO4 I . -14.03 -31.90 5.51
O4 SO4 I . -15.08 -29.78 5.82
S SO4 J . 8.29 -19.80 -12.16
O1 SO4 J . 7.11 -19.04 -11.76
O2 SO4 J . 8.75 -20.62 -11.04
O3 SO4 J . 9.35 -18.88 -12.56
O4 SO4 J . 7.95 -20.67 -13.29
S SO4 K . 22.69 -45.70 -12.61
O1 SO4 K . 21.68 -46.74 -12.50
O2 SO4 K . 22.71 -44.91 -11.39
O3 SO4 K . 24.01 -46.31 -12.83
O4 SO4 K . 22.38 -44.84 -13.75
S SO4 L . -27.57 -6.93 10.98
O1 SO4 L . -28.95 -7.38 10.77
O2 SO4 L . -27.25 -7.01 12.40
O3 SO4 L . -26.67 -7.80 10.23
O4 SO4 L . -27.43 -5.56 10.52
S SO4 M . 0.67 -32.65 53.97
O1 SO4 M . 0.13 -33.36 55.12
O2 SO4 M . -0.38 -31.84 53.35
O3 SO4 M . 1.16 -33.62 52.99
O4 SO4 M . 1.77 -31.79 54.39
ZN ZN N . 23.49 -24.01 -25.34
ZN ZN O . 11.31 -18.39 -17.93
S SO4 P . 10.97 -12.09 -27.96
O1 SO4 P . 9.95 -12.18 -26.92
O2 SO4 P . 11.08 -13.38 -28.66
O3 SO4 P . 12.25 -11.75 -27.36
O4 SO4 P . 10.61 -11.05 -28.92
ZN ZN Q . -17.87 5.18 -0.22
C1 8W7 R . -27.48 19.84 11.12
C2 8W7 R . -28.87 19.91 11.11
C3 8W7 R . -29.56 20.18 9.93
C4 8W7 R . -26.73 20.03 9.97
C5 8W7 R . -27.43 20.29 8.80
C6 8W7 R . -28.81 20.36 8.78
N1 8W7 R . -28.02 20.75 6.66
N2 8W7 R . -28.95 22.73 3.81
N3 8W7 R . -31.18 25.31 14.49
O1 8W7 R . -25.77 20.55 7.07
C7 8W7 R . -29.27 20.66 7.39
C8 8W7 R . -26.93 20.54 7.44
C9 8W7 R . -27.90 21.02 5.24
C10 8W7 R . -28.69 20.03 4.40
C11 8W7 R . -28.86 20.44 2.95
C12 8W7 R . -29.25 21.88 2.77
C13 8W7 R . -28.33 22.46 5.00
C14 8W7 R . -31.72 20.04 10.94
C15 8W7 R . -31.87 21.35 11.63
O2 8W7 R . -28.14 23.33 5.81
C22 8W7 R . -30.19 26.25 14.00
C23 8W7 R . -28.96 26.17 14.88
O5 8W7 R . -29.28 26.37 16.24
C24 8W7 R . -30.26 25.46 16.70
C25 8W7 R . -31.52 25.56 15.87
C21 8W7 R . -32.30 25.14 13.60
C20 8W7 R . -32.15 23.82 12.91
C19 8W7 R . -32.25 23.73 11.52
C17 8W7 R . -32.10 22.51 10.89
C18 8W7 R . -31.91 22.66 13.65
C16 8W7 R . -31.78 21.43 13.01
O4 8W7 R . -30.90 20.26 9.80
O3 8W7 R . -29.80 22.31 1.79
S SO4 S . -10.94 20.75 -25.61
O1 SO4 S . -11.79 21.50 -24.69
O2 SO4 S . -11.65 19.56 -26.08
O3 SO4 S . -9.71 20.34 -24.91
O4 SO4 S . -10.59 21.58 -26.76
S SO4 T . -18.38 15.17 4.67
O1 SO4 T . -19.76 15.58 4.40
O2 SO4 T . -18.15 15.12 6.11
O3 SO4 T . -18.12 13.86 4.09
O4 SO4 T . -17.47 16.15 4.07
S SO4 U . 2.09 -3.18 -29.78
O1 SO4 U . 1.07 -2.15 -29.73
O2 SO4 U . 2.01 -4.01 -28.59
O3 SO4 U . 1.91 -4.01 -30.96
O4 SO4 U . 3.42 -2.55 -29.83
S SO4 V . 4.81 -0.07 -18.47
O1 SO4 V . 3.52 -0.74 -18.57
O2 SO4 V . 5.32 -0.17 -17.11
O3 SO4 V . 5.76 -0.68 -19.39
O4 SO4 V . 4.66 1.34 -18.82
S SO4 W . 32.37 45.37 -29.12
O1 SO4 W . 33.50 45.05 -28.26
O2 SO4 W . 31.38 46.14 -28.37
O3 SO4 W . 31.76 44.13 -29.59
O4 SO4 W . 32.84 46.15 -30.26
ZN ZN X . -30.04 21.52 20.99
ZN ZN Y . -22.64 13.72 9.78
S SO4 Z . -29.40 5.35 15.22
O1 SO4 Z . -30.03 4.06 15.48
O2 SO4 Z . -28.69 5.79 16.41
O3 SO4 Z . -28.47 5.21 14.10
O4 SO4 Z . -30.42 6.33 14.86
#